data_8WY5
#
_entry.id   8WY5
#
_cell.length_a   1.00
_cell.length_b   1.00
_cell.length_c   1.00
_cell.angle_alpha   90.00
_cell.angle_beta   90.00
_cell.angle_gamma   90.00
#
_symmetry.space_group_name_H-M   'P 1'
#
loop_
_entity.id
_entity.type
_entity.pdbx_description
1 polymer 'Endonuclease GajA'
2 polymer "DNA (5'-D(P*TP*TP*AP*AP*TP*AP*AP*CP*CP*CP*GP*GP*TP*TP*AP*TP*TP*TP*T)-3')"
3 polymer "DNA (5'-D(P*AP*AP*AP*AP*TP*AP*AP*CP*CP*GP*GP*GP*TP*TP*AP*TP*TP*AP*A)-3')"
4 non-polymer 'CALCIUM ION'
#
loop_
_entity_poly.entity_id
_entity_poly.type
_entity_poly.pdbx_seq_one_letter_code
_entity_poly.pdbx_strand_id
1 'polypeptide(L)'
;MKFSNITIKNFRNFEKVNINLDNKNVIFGMNDIGKTNFLYALRFLLDKEIRKFGFNKSDYHKHDTSKKIEIILTLDLSNY
EKDEDTKKLISVVKGARTSANADVFYIALESKYDDKELYGNIILKWGSELDNLIDIPGRGNINALDNVFKVIYINPLVDL
DKLFAQNKKYIFEESQGNESDEGILNNIKSLTDQVNQQIGEMTIIKGFQQEITSEYRSLKKEEVSIELKSEMAIKGFFSD
IIPYIKKDGDSNYYPTSGDGRRKMLSYSIYNYLAKKKYEDKIVIYLIEEPEISLHRSMQIALSKQLFEQSTYKYFFLSTH
SPELLYEMDNTRLIRVHSTEKVVCSSHMYNVEEAYGSVKKKLNKALSSALFAERVLLIEGPSEKILFEKVLDEVEPEYEL
NGGFLLEVGGTYFNHYVCTLNDLGITHIIKTDNDLKSKKGKKGVYELLGLNRCLNLLGRENLDEITIDIPEDIKGKKKKE
RLNERKKEIFKQYKNEVGEFLGERIYLSEIDLENDLYSAIGESMKRIFENEDPVHYLQKSKLFNMVELVNNLSTKDCFDV
FEHEKFACLKELVGSDRG
;
A,B,C,D
2 'polydeoxyribonucleotide' (DT)(DT)(DA)(DA)(DT)(DA)(DA)(DC)(DC)(DC)(DG)(DG)(DT)(DT)(DA)(DT)(DT)(DT)(DT) E,G
3 'polydeoxyribonucleotide' (DA)(DA)(DA)(DA)(DT)(DA)(DA)(DC)(DC)(DG)(DG)(DG)(DT)(DT)(DA)(DT)(DT)(DA)(DA) F,H
#
loop_
_chem_comp.id
_chem_comp.type
_chem_comp.name
_chem_comp.formula
CA non-polymer 'CALCIUM ION' 'Ca 2'
DA DNA linking 2'-DEOXYADENOSINE-5'-MONOPHOSPHATE 'C10 H14 N5 O6 P'
DC DNA linking 2'-DEOXYCYTIDINE-5'-MONOPHOSPHATE 'C9 H14 N3 O7 P'
DG DNA linking 2'-DEOXYGUANOSINE-5'-MONOPHOSPHATE 'C10 H14 N5 O7 P'
DT DNA linking THYMIDINE-5'-MONOPHOSPHATE 'C10 H15 N2 O8 P'
#
# COMPACT_ATOMS: atom_id res chain seq x y z
N MET A 1 0.40 31.08 -33.72
CA MET A 1 -0.44 30.36 -32.77
C MET A 1 0.20 29.03 -32.40
N LYS A 2 0.71 28.32 -33.40
CA LYS A 2 1.42 27.07 -33.18
C LYS A 2 2.78 27.32 -32.54
N PHE A 3 3.23 26.35 -31.74
CA PHE A 3 4.42 26.49 -30.89
C PHE A 3 5.69 26.57 -31.73
N SER A 4 6.66 27.32 -31.23
CA SER A 4 7.87 27.61 -31.99
C SER A 4 9.13 27.13 -31.28
N ASN A 5 9.23 27.37 -29.97
CA ASN A 5 10.47 27.14 -29.25
C ASN A 5 10.13 26.95 -27.79
N ILE A 6 11.00 26.24 -27.08
CA ILE A 6 10.95 26.19 -25.63
C ILE A 6 12.36 26.50 -25.14
N THR A 7 12.47 27.03 -23.93
CA THR A 7 13.74 27.43 -23.35
C THR A 7 13.75 26.92 -21.91
N ILE A 8 14.24 25.70 -21.72
CA ILE A 8 14.26 25.06 -20.41
C ILE A 8 15.69 25.14 -19.91
N LYS A 9 15.97 26.08 -18.99
CA LYS A 9 17.36 26.41 -18.70
C LYS A 9 17.96 25.57 -17.58
N ASN A 10 17.48 25.67 -16.36
CA ASN A 10 18.19 25.08 -15.24
C ASN A 10 17.40 23.93 -14.61
N PHE A 11 16.79 23.11 -15.45
CA PHE A 11 16.01 21.97 -14.99
C PHE A 11 16.94 20.78 -14.72
N ARG A 12 16.37 19.62 -14.41
CA ARG A 12 17.09 18.53 -13.77
C ARG A 12 17.98 17.71 -14.72
N ASN A 13 17.94 17.96 -16.03
CA ASN A 13 18.96 17.45 -16.93
C ASN A 13 19.51 18.57 -17.81
N PHE A 14 18.68 19.55 -18.11
CA PHE A 14 18.99 20.54 -19.14
C PHE A 14 19.87 21.64 -18.57
N GLU A 15 20.74 22.19 -19.41
CA GLU A 15 21.67 23.24 -19.02
C GLU A 15 21.43 24.55 -19.75
N LYS A 16 21.38 24.51 -21.08
CA LYS A 16 20.83 25.59 -21.91
C LYS A 16 20.38 24.97 -23.22
N VAL A 17 19.09 24.72 -23.36
CA VAL A 17 18.55 24.15 -24.60
C VAL A 17 17.49 25.09 -25.16
N ASN A 18 17.47 25.19 -26.49
CA ASN A 18 16.45 25.95 -27.22
C ASN A 18 15.84 24.98 -28.21
N ILE A 19 14.85 24.22 -27.76
CA ILE A 19 14.30 23.09 -28.50
C ILE A 19 13.14 23.58 -29.34
N ASN A 20 13.30 23.50 -30.66
CA ASN A 20 12.24 23.93 -31.57
C ASN A 20 11.12 22.92 -31.59
N LEU A 21 9.89 23.41 -31.46
CA LEU A 21 8.70 22.59 -31.47
C LEU A 21 7.78 23.07 -32.58
N ASP A 22 6.72 22.31 -32.82
CA ASP A 22 5.62 22.70 -33.68
C ASP A 22 4.40 22.04 -33.04
N ASN A 23 3.27 21.99 -33.75
CA ASN A 23 2.20 21.10 -33.32
C ASN A 23 2.59 19.68 -33.66
N LYS A 24 2.02 18.73 -32.89
CA LYS A 24 2.19 17.26 -32.99
C LYS A 24 3.66 16.86 -32.84
N ASN A 25 4.19 17.10 -31.64
CA ASN A 25 5.57 16.77 -31.33
C ASN A 25 5.68 15.29 -30.95
N VAL A 26 6.68 14.60 -31.50
CA VAL A 26 6.90 13.18 -31.23
C VAL A 26 8.34 13.02 -30.73
N ILE A 27 8.49 12.45 -29.54
CA ILE A 27 9.77 12.31 -28.86
C ILE A 27 10.17 10.84 -28.86
N PHE A 28 11.39 10.55 -29.31
CA PHE A 28 11.94 9.22 -29.20
C PHE A 28 13.42 9.33 -28.84
N GLY A 29 13.98 8.23 -28.37
CA GLY A 29 15.38 8.20 -27.97
C GLY A 29 15.67 6.94 -27.19
N MET A 30 16.95 6.81 -26.83
CA MET A 30 17.39 5.62 -26.11
C MET A 30 17.37 5.79 -24.60
N ASN A 31 16.99 6.96 -24.10
CA ASN A 31 16.76 7.17 -22.67
C ASN A 31 15.31 7.54 -22.39
N ASP A 32 14.72 6.90 -21.38
CA ASP A 32 13.36 7.23 -20.97
C ASP A 32 13.34 8.37 -19.95
N ILE A 33 14.50 8.63 -19.32
CA ILE A 33 14.62 9.63 -18.27
C ILE A 33 14.50 11.03 -18.85
N GLY A 34 15.13 11.28 -20.00
CA GLY A 34 15.06 12.58 -20.65
C GLY A 34 13.71 12.90 -21.26
N LYS A 35 13.00 11.87 -21.74
CA LYS A 35 11.65 12.08 -22.27
C LYS A 35 10.64 12.31 -21.16
N THR A 36 10.80 11.59 -20.04
CA THR A 36 9.97 11.81 -18.85
C THR A 36 10.23 13.16 -18.21
N ASN A 37 11.48 13.63 -18.26
CA ASN A 37 11.79 14.94 -17.71
C ASN A 37 11.39 16.08 -18.65
N PHE A 38 11.31 15.82 -19.96
CA PHE A 38 10.72 16.78 -20.90
C PHE A 38 9.22 16.94 -20.66
N LEU A 39 8.52 15.83 -20.43
CA LEU A 39 7.09 15.92 -20.10
C LEU A 39 6.86 16.47 -18.69
N TYR A 40 7.81 16.27 -17.77
CA TYR A 40 7.74 16.93 -16.46
C TYR A 40 8.03 18.43 -16.55
N ALA A 41 8.85 18.86 -17.52
CA ALA A 41 9.06 20.28 -17.74
C ALA A 41 7.80 20.96 -18.30
N LEU A 42 7.07 20.25 -19.17
CA LEU A 42 5.77 20.74 -19.61
C LEU A 42 4.71 20.69 -18.50
N ARG A 43 4.81 19.74 -17.57
CA ARG A 43 3.90 19.71 -16.43
C ARG A 43 4.19 20.78 -15.37
N PHE A 44 5.47 21.09 -15.10
CA PHE A 44 5.75 22.26 -14.26
C PHE A 44 5.48 23.59 -14.94
N LEU A 45 5.42 23.65 -16.28
CA LEU A 45 5.00 24.94 -16.84
C LEU A 45 3.49 25.10 -16.92
N LEU A 46 2.75 24.14 -17.50
CA LEU A 46 1.35 24.39 -17.83
C LEU A 46 0.33 23.63 -16.97
N ASP A 47 0.74 22.91 -15.94
CA ASP A 47 -0.21 22.14 -15.13
C ASP A 47 -0.12 22.58 -13.66
N LYS A 48 -1.28 22.89 -13.08
CA LYS A 48 -1.33 23.40 -11.70
C LYS A 48 -1.17 22.30 -10.66
N GLU A 49 -1.42 21.04 -11.01
CA GLU A 49 -1.29 19.93 -10.06
C GLU A 49 0.15 19.54 -9.82
N ILE A 50 1.08 19.97 -10.68
CA ILE A 50 2.50 19.84 -10.42
C ILE A 50 3.11 21.16 -9.94
N ARG A 51 2.54 22.30 -10.34
CA ARG A 51 2.96 23.60 -9.83
C ARG A 51 2.58 23.84 -8.37
N LYS A 52 1.55 23.16 -7.86
CA LYS A 52 1.15 23.39 -6.47
C LYS A 52 2.07 22.71 -5.46
N PHE A 53 2.87 21.74 -5.89
CA PHE A 53 3.82 21.09 -5.02
C PHE A 53 5.19 21.76 -5.01
N GLY A 54 5.49 22.55 -6.05
CA GLY A 54 6.74 23.27 -6.10
C GLY A 54 7.89 22.39 -6.55
N PHE A 55 9.08 22.99 -6.51
CA PHE A 55 10.31 22.31 -6.86
C PHE A 55 10.94 21.69 -5.63
N ASN A 56 11.46 20.48 -5.76
CA ASN A 56 12.19 19.83 -4.70
C ASN A 56 13.68 20.16 -4.83
N LYS A 57 14.52 19.45 -4.08
CA LYS A 57 15.96 19.58 -4.27
C LYS A 57 16.40 18.83 -5.52
N SER A 58 15.73 17.72 -5.84
CA SER A 58 16.10 16.90 -6.99
C SER A 58 15.63 17.49 -8.32
N ASP A 59 14.70 18.43 -8.30
CA ASP A 59 14.19 19.04 -9.53
C ASP A 59 15.15 20.04 -10.14
N TYR A 60 16.13 20.51 -9.40
CA TYR A 60 17.18 21.38 -9.94
C TYR A 60 18.23 20.53 -10.66
N HIS A 61 19.15 21.22 -11.34
CA HIS A 61 20.27 20.53 -11.98
C HIS A 61 21.26 20.06 -10.91
N LYS A 62 21.65 18.80 -11.02
CA LYS A 62 22.45 17.98 -10.09
C LYS A 62 21.77 17.98 -8.72
N HIS A 63 22.55 18.00 -7.65
CA HIS A 63 22.01 18.04 -6.30
C HIS A 63 21.88 19.46 -5.76
N ASP A 64 22.64 20.40 -6.31
CA ASP A 64 22.72 21.76 -5.78
C ASP A 64 23.13 22.66 -6.94
N THR A 65 23.08 23.99 -6.70
CA THR A 65 23.52 25.18 -7.46
C THR A 65 22.93 25.32 -8.87
N SER A 66 23.36 26.40 -9.57
CA SER A 66 22.73 26.99 -10.77
C SER A 66 21.25 27.26 -10.53
N LYS A 67 20.99 28.09 -9.52
CA LYS A 67 19.66 28.19 -8.93
C LYS A 67 18.88 29.36 -9.52
N LYS A 68 18.59 29.24 -10.81
CA LYS A 68 17.60 30.11 -11.47
C LYS A 68 16.96 29.27 -12.59
N ILE A 69 15.85 28.61 -12.25
CA ILE A 69 15.18 27.72 -13.20
C ILE A 69 14.31 28.57 -14.11
N GLU A 70 14.57 28.50 -15.41
CA GLU A 70 13.75 29.17 -16.42
C GLU A 70 13.14 28.11 -17.33
N ILE A 71 11.82 28.10 -17.43
CA ILE A 71 11.10 27.33 -18.43
C ILE A 71 10.26 28.33 -19.22
N ILE A 72 10.69 28.66 -20.43
CA ILE A 72 10.11 29.73 -21.20
C ILE A 72 9.48 29.14 -22.47
N LEU A 73 8.19 29.39 -22.68
CA LEU A 73 7.47 28.93 -23.85
C LEU A 73 7.30 30.06 -24.85
N THR A 74 7.44 29.74 -26.14
CA THR A 74 7.25 30.69 -27.23
C THR A 74 6.01 30.28 -28.01
N LEU A 75 5.07 31.21 -28.20
CA LEU A 75 3.78 30.86 -28.80
C LEU A 75 3.58 31.33 -30.22
N ASP A 76 4.10 32.53 -30.57
CA ASP A 76 4.17 33.11 -31.93
C ASP A 76 2.78 33.29 -32.56
N LEU A 77 2.02 34.22 -31.96
CA LEU A 77 0.60 34.41 -32.31
C LEU A 77 0.43 35.03 -33.69
N SER A 78 1.18 36.13 -33.95
CA SER A 78 1.11 37.01 -35.15
C SER A 78 -0.31 37.51 -35.33
N ASN A 79 -0.94 37.34 -36.49
CA ASN A 79 -2.33 37.72 -36.70
C ASN A 79 -2.90 36.79 -37.75
N TYR A 80 -3.74 35.84 -37.32
CA TYR A 80 -4.35 34.88 -38.23
C TYR A 80 -5.82 35.18 -38.47
N GLU A 81 -6.44 36.04 -37.64
CA GLU A 81 -7.71 36.77 -37.74
C GLU A 81 -8.99 35.95 -37.93
N LYS A 82 -8.92 34.61 -37.89
CA LYS A 82 -10.11 33.81 -38.07
C LYS A 82 -10.21 32.68 -37.05
N ASP A 83 -9.06 32.23 -36.53
CA ASP A 83 -9.04 31.17 -35.52
C ASP A 83 -9.51 31.68 -34.17
N GLU A 84 -10.28 30.85 -33.47
CA GLU A 84 -10.89 31.27 -32.22
C GLU A 84 -9.92 31.23 -31.04
N ASP A 85 -8.81 30.50 -31.16
CA ASP A 85 -7.89 30.36 -30.04
C ASP A 85 -7.01 31.59 -29.85
N THR A 86 -6.62 32.24 -30.94
CA THR A 86 -5.73 33.39 -30.88
C THR A 86 -6.46 34.62 -30.35
N LYS A 87 -7.73 34.78 -30.73
CA LYS A 87 -8.56 35.88 -30.24
C LYS A 87 -8.91 35.70 -28.77
N LYS A 88 -9.12 34.44 -28.34
CA LYS A 88 -9.35 34.12 -26.93
C LYS A 88 -8.11 34.39 -26.07
N LEU A 89 -6.94 33.97 -26.56
CA LEU A 89 -5.72 34.16 -25.78
C LEU A 89 -5.22 35.60 -25.82
N ILE A 90 -5.60 36.39 -26.84
CA ILE A 90 -5.29 37.81 -26.76
C ILE A 90 -6.38 38.55 -25.97
N SER A 91 -7.56 37.94 -25.79
CA SER A 91 -8.59 38.55 -24.96
C SER A 91 -8.31 38.38 -23.47
N VAL A 92 -7.72 37.26 -23.06
CA VAL A 92 -7.54 37.04 -21.63
C VAL A 92 -6.25 37.64 -21.05
N VAL A 93 -5.29 38.02 -21.90
CA VAL A 93 -4.04 38.62 -21.42
C VAL A 93 -4.28 40.06 -20.97
N LYS A 94 -5.05 40.83 -21.76
CA LYS A 94 -5.43 42.25 -21.61
C LYS A 94 -4.23 43.17 -21.48
N GLY A 95 -3.85 43.51 -20.25
CA GLY A 95 -2.86 44.54 -20.00
C GLY A 95 -1.41 44.15 -20.23
N ALA A 96 -1.10 42.86 -20.24
CA ALA A 96 0.27 42.41 -20.40
C ALA A 96 0.69 42.30 -21.86
N ARG A 97 -0.23 42.48 -22.81
CA ARG A 97 0.12 42.61 -24.21
C ARG A 97 0.38 44.07 -24.53
N THR A 98 1.57 44.36 -25.04
CA THR A 98 2.01 45.74 -25.24
C THR A 98 1.33 46.42 -26.43
N SER A 99 1.21 45.70 -27.54
CA SER A 99 0.64 46.28 -28.76
C SER A 99 0.03 45.17 -29.60
N ALA A 100 -0.79 45.59 -30.58
CA ALA A 100 -1.38 44.67 -31.53
C ALA A 100 -0.50 44.42 -32.74
N ASN A 101 0.65 45.08 -32.83
CA ASN A 101 1.61 44.86 -33.91
C ASN A 101 2.65 43.79 -33.57
N ALA A 102 2.71 43.36 -32.31
CA ALA A 102 3.67 42.33 -31.91
C ALA A 102 3.18 40.96 -32.34
N ASP A 103 4.14 40.05 -32.58
CA ASP A 103 3.85 38.74 -33.13
C ASP A 103 4.24 37.58 -32.24
N VAL A 104 5.20 37.75 -31.33
CA VAL A 104 5.75 36.67 -30.52
C VAL A 104 5.30 36.91 -29.09
N PHE A 105 4.86 35.85 -28.39
CA PHE A 105 4.45 35.96 -27.00
C PHE A 105 5.24 34.97 -26.15
N TYR A 106 5.37 35.30 -24.86
CA TYR A 106 6.24 34.59 -23.93
C TYR A 106 5.46 34.18 -22.69
N ILE A 107 5.75 32.99 -22.17
CA ILE A 107 5.28 32.53 -20.87
C ILE A 107 6.51 32.09 -20.10
N ALA A 108 6.91 32.86 -19.10
CA ALA A 108 8.20 32.69 -18.45
C ALA A 108 8.03 32.19 -17.03
N LEU A 109 8.77 31.15 -16.68
CA LEU A 109 8.78 30.57 -15.34
C LEU A 109 10.08 30.96 -14.63
N GLU A 110 9.99 31.23 -13.33
CA GLU A 110 11.16 31.56 -12.53
C GLU A 110 11.12 30.76 -11.23
N SER A 111 12.31 30.53 -10.68
CA SER A 111 12.45 29.83 -9.40
C SER A 111 13.73 30.28 -8.73
N LYS A 112 13.63 30.72 -7.47
CA LYS A 112 14.77 31.21 -6.71
C LYS A 112 14.66 30.73 -5.27
N TYR A 113 15.78 30.85 -4.55
CA TYR A 113 16.05 30.53 -3.13
C TYR A 113 15.57 29.12 -2.72
N ASP A 114 16.24 28.12 -3.32
CA ASP A 114 15.95 26.73 -2.94
C ASP A 114 16.58 26.39 -1.59
N ASP A 115 17.69 27.05 -1.24
CA ASP A 115 18.37 26.75 0.02
C ASP A 115 17.67 27.34 1.23
N LYS A 116 16.79 28.32 1.03
CA LYS A 116 16.00 28.89 2.12
C LYS A 116 14.61 28.28 2.11
N GLU A 117 14.14 27.86 3.29
CA GLU A 117 12.80 27.36 3.65
C GLU A 117 12.42 26.02 3.02
N LEU A 118 13.37 25.32 2.37
CA LEU A 118 13.23 24.02 1.69
C LEU A 118 12.13 24.01 0.64
N TYR A 119 12.01 25.12 -0.09
CA TYR A 119 10.94 25.28 -1.09
C TYR A 119 11.50 25.92 -2.34
N GLY A 120 11.05 25.44 -3.50
CA GLY A 120 11.59 25.94 -4.75
C GLY A 120 10.99 27.26 -5.17
N ASN A 121 9.65 27.38 -5.07
CA ASN A 121 8.73 28.46 -5.46
C ASN A 121 8.69 28.75 -6.97
N ILE A 122 7.49 28.88 -7.51
CA ILE A 122 7.31 29.04 -8.95
C ILE A 122 6.64 30.40 -9.19
N ILE A 123 7.31 31.25 -9.97
CA ILE A 123 6.82 32.58 -10.31
C ILE A 123 6.63 32.62 -11.81
N LEU A 124 5.41 32.91 -12.26
CA LEU A 124 5.05 32.90 -13.67
C LEU A 124 4.92 34.32 -14.19
N LYS A 125 5.54 34.59 -15.35
CA LYS A 125 5.59 35.92 -15.93
C LYS A 125 5.20 35.90 -17.39
N TRP A 126 4.24 36.75 -17.77
CA TRP A 126 3.86 37.00 -19.15
C TRP A 126 4.65 38.16 -19.75
N GLY A 127 4.61 38.26 -21.07
CA GLY A 127 5.24 39.38 -21.75
C GLY A 127 5.32 39.15 -23.24
N SER A 128 5.54 40.25 -23.96
CA SER A 128 5.66 40.17 -25.41
C SER A 128 7.09 39.94 -25.88
N GLU A 129 8.09 40.28 -25.06
CA GLU A 129 9.47 39.96 -25.37
C GLU A 129 10.17 39.63 -24.06
N LEU A 130 11.48 39.39 -24.12
CA LEU A 130 12.24 39.02 -22.92
C LEU A 130 12.50 40.22 -22.02
N ASP A 131 12.49 41.43 -22.57
CA ASP A 131 12.45 42.63 -21.74
C ASP A 131 11.00 42.92 -21.36
N ASN A 132 10.84 43.60 -20.20
CA ASN A 132 9.57 44.08 -19.62
C ASN A 132 8.57 42.94 -19.38
N LEU A 133 9.05 41.85 -18.80
CA LEU A 133 8.17 40.74 -18.44
C LEU A 133 7.39 41.12 -17.18
N ILE A 134 6.08 40.92 -17.23
CA ILE A 134 5.15 41.36 -16.17
C ILE A 134 4.60 40.09 -15.53
N ASP A 135 4.40 40.12 -14.21
CA ASP A 135 3.82 39.02 -13.45
C ASP A 135 2.37 38.73 -13.88
N ILE A 136 1.99 37.47 -13.78
CA ILE A 136 0.64 37.02 -14.11
C ILE A 136 -0.25 37.27 -12.88
N PRO A 137 -1.32 38.06 -13.01
CA PRO A 137 -2.18 38.31 -11.84
C PRO A 137 -3.11 37.13 -11.56
N GLY A 138 -3.19 36.75 -10.30
CA GLY A 138 -4.09 35.71 -9.83
C GLY A 138 -4.51 36.01 -8.41
N ARG A 139 -5.78 35.75 -8.09
CA ARG A 139 -6.31 36.21 -6.81
C ARG A 139 -5.95 35.27 -5.66
N GLY A 140 -6.32 34.00 -5.78
CA GLY A 140 -6.06 33.06 -4.70
C GLY A 140 -5.14 31.92 -5.09
N ASN A 141 -5.70 30.73 -5.25
CA ASN A 141 -4.96 29.55 -5.66
C ASN A 141 -4.82 29.43 -7.17
N ILE A 142 -5.50 30.26 -7.94
CA ILE A 142 -5.66 30.10 -9.38
C ILE A 142 -4.92 31.23 -10.09
N ASN A 143 -4.02 30.87 -11.01
CA ASN A 143 -3.36 31.83 -11.88
C ASN A 143 -4.28 32.18 -13.06
N ALA A 144 -3.86 33.17 -13.83
CA ALA A 144 -4.55 33.47 -15.08
C ALA A 144 -4.00 32.69 -16.26
N LEU A 145 -2.92 31.92 -16.06
CA LEU A 145 -2.49 30.93 -17.04
C LEU A 145 -3.40 29.69 -17.00
N ASP A 146 -4.00 29.41 -15.84
CA ASP A 146 -4.80 28.21 -15.67
C ASP A 146 -6.19 28.33 -16.30
N ASN A 147 -6.62 29.55 -16.62
CA ASN A 147 -7.91 29.78 -17.26
C ASN A 147 -7.83 29.68 -18.77
N VAL A 148 -6.65 29.45 -19.32
CA VAL A 148 -6.44 29.41 -20.75
C VAL A 148 -6.21 27.97 -21.23
N PHE A 149 -5.30 27.27 -20.56
CA PHE A 149 -4.77 26.00 -21.03
C PHE A 149 -5.34 24.84 -20.21
N LYS A 150 -5.29 23.64 -20.78
CA LYS A 150 -5.69 22.43 -20.08
C LYS A 150 -4.72 21.32 -20.45
N VAL A 151 -4.23 20.59 -19.46
CA VAL A 151 -3.21 19.56 -19.64
C VAL A 151 -3.80 18.22 -19.20
N ILE A 152 -3.82 17.24 -20.10
CA ILE A 152 -4.23 15.88 -19.80
C ILE A 152 -3.04 14.96 -20.04
N TYR A 153 -2.61 14.27 -18.99
CA TYR A 153 -1.46 13.36 -19.03
C TYR A 153 -1.96 11.93 -19.11
N ILE A 154 -1.42 11.16 -20.06
CA ILE A 154 -1.86 9.80 -20.33
C ILE A 154 -0.71 8.86 -20.02
N ASN A 155 -0.91 7.94 -19.09
CA ASN A 155 0.04 6.87 -18.81
C ASN A 155 -0.72 5.62 -18.38
N PRO A 156 -0.67 4.53 -19.16
CA PRO A 156 -1.40 3.31 -18.78
C PRO A 156 -0.68 2.52 -17.69
N LYS A 281 -11.46 24.48 -23.35
CA LYS A 281 -10.35 25.43 -23.43
C LYS A 281 -9.30 24.93 -24.41
N ILE A 282 -8.11 25.50 -24.32
CA ILE A 282 -6.98 25.05 -25.14
C ILE A 282 -6.39 23.81 -24.49
N VAL A 283 -6.37 22.71 -25.23
CA VAL A 283 -6.10 21.38 -24.68
C VAL A 283 -4.73 20.91 -25.15
N ILE A 284 -3.85 20.60 -24.19
CA ILE A 284 -2.52 20.05 -24.45
C ILE A 284 -2.52 18.61 -23.96
N TYR A 285 -2.05 17.69 -24.79
CA TYR A 285 -1.95 16.28 -24.43
C TYR A 285 -0.49 15.92 -24.19
N LEU A 286 -0.24 15.06 -23.21
CA LEU A 286 1.10 14.54 -22.94
C LEU A 286 0.99 13.04 -22.76
N ILE A 287 1.50 12.27 -23.72
CA ILE A 287 1.34 10.82 -23.75
C ILE A 287 2.71 10.19 -23.57
N GLU A 288 2.86 9.37 -22.53
CA GLU A 288 4.10 8.63 -22.28
C GLU A 288 3.81 7.15 -22.27
N GLU A 289 4.46 6.41 -23.19
CA GLU A 289 4.45 4.96 -23.42
C GLU A 289 3.06 4.33 -23.55
N PRO A 290 2.31 4.56 -24.64
CA PRO A 290 0.96 3.99 -24.72
C PRO A 290 0.89 2.57 -25.26
N GLU A 291 2.00 1.98 -25.71
CA GLU A 291 1.98 0.64 -26.29
C GLU A 291 2.17 -0.45 -25.25
N ILE A 292 2.45 -0.10 -24.00
CA ILE A 292 2.48 -1.10 -22.92
C ILE A 292 1.05 -1.48 -22.58
N SER A 293 0.76 -2.78 -22.63
CA SER A 293 -0.57 -3.42 -22.57
C SER A 293 -1.52 -2.85 -23.62
N LEU A 294 -1.10 -3.00 -24.88
CA LEU A 294 -1.92 -2.60 -26.01
C LEU A 294 -1.57 -3.50 -27.19
N HIS A 295 -2.60 -3.94 -27.92
CA HIS A 295 -2.39 -4.75 -29.11
C HIS A 295 -1.88 -3.87 -30.25
N ARG A 296 -1.21 -4.50 -31.21
CA ARG A 296 -0.52 -3.75 -32.27
C ARG A 296 -1.47 -3.19 -33.31
N SER A 297 -2.62 -3.82 -33.51
CA SER A 297 -3.68 -3.24 -34.33
C SER A 297 -4.29 -2.01 -33.67
N MET A 298 -4.37 -2.01 -32.33
CA MET A 298 -4.74 -0.81 -31.60
C MET A 298 -3.65 0.25 -31.62
N GLN A 299 -2.39 -0.14 -31.79
CA GLN A 299 -1.31 0.83 -31.99
C GLN A 299 -1.42 1.51 -33.36
N ILE A 300 -1.78 0.75 -34.39
CA ILE A 300 -2.03 1.33 -35.73
C ILE A 300 -3.29 2.21 -35.73
N ALA A 301 -4.33 1.81 -34.96
CA ALA A 301 -5.54 2.61 -34.83
C ALA A 301 -5.29 3.90 -34.03
N LEU A 302 -4.43 3.84 -33.01
CA LEU A 302 -4.02 5.05 -32.29
C LEU A 302 -3.11 5.93 -33.14
N SER A 303 -2.33 5.31 -34.05
CA SER A 303 -1.47 6.05 -34.97
C SER A 303 -2.26 6.84 -36.00
N LYS A 304 -3.34 6.26 -36.55
CA LYS A 304 -4.18 7.06 -37.43
C LYS A 304 -5.09 8.00 -36.66
N GLN A 305 -5.42 7.68 -35.41
CA GLN A 305 -6.29 8.55 -34.61
C GLN A 305 -5.55 9.80 -34.11
N LEU A 306 -4.25 9.70 -33.84
CA LEU A 306 -3.47 10.86 -33.40
C LEU A 306 -3.25 11.88 -34.51
N PHE A 307 -3.13 11.42 -35.76
CA PHE A 307 -2.79 12.28 -36.87
C PHE A 307 -3.94 12.43 -37.87
N GLU A 308 -5.13 11.93 -37.54
CA GLU A 308 -6.31 12.11 -38.38
C GLU A 308 -7.35 13.04 -37.77
N GLN A 309 -7.67 12.85 -36.49
CA GLN A 309 -8.74 13.61 -35.85
C GLN A 309 -8.28 15.02 -35.50
N SER A 310 -9.25 15.93 -35.44
CA SER A 310 -8.99 17.32 -35.11
C SER A 310 -9.07 17.59 -33.61
N THR A 311 -9.39 16.58 -32.81
CA THR A 311 -9.38 16.75 -31.36
C THR A 311 -7.97 16.77 -30.81
N TYR A 312 -7.09 15.90 -31.34
CA TYR A 312 -5.67 15.92 -30.98
C TYR A 312 -4.98 16.97 -31.83
N LYS A 313 -5.02 18.21 -31.38
CA LYS A 313 -4.34 19.30 -32.08
C LYS A 313 -2.95 19.55 -31.52
N TYR A 314 -2.81 19.50 -30.20
CA TYR A 314 -1.57 19.78 -29.49
C TYR A 314 -1.20 18.54 -28.69
N PHE A 315 -0.12 17.85 -29.07
CA PHE A 315 0.40 16.81 -28.18
C PHE A 315 1.92 16.80 -28.18
N PHE A 316 2.44 16.03 -27.22
CA PHE A 316 3.87 15.73 -27.06
C PHE A 316 3.97 14.24 -26.82
N LEU A 317 4.21 13.46 -27.87
CA LEU A 317 4.15 12.00 -27.82
C LEU A 317 5.53 11.41 -27.51
N SER A 318 5.56 10.46 -26.59
CA SER A 318 6.76 9.68 -26.29
C SER A 318 6.43 8.20 -26.46
N THR A 319 7.26 7.49 -27.23
CA THR A 319 6.96 6.11 -27.58
C THR A 319 8.25 5.34 -27.88
N HIS A 320 8.10 4.02 -27.98
CA HIS A 320 9.17 3.12 -28.40
C HIS A 320 8.78 2.21 -29.56
N SER A 321 7.49 2.06 -29.85
CA SER A 321 7.05 1.07 -30.83
C SER A 321 6.97 1.66 -32.23
N PRO A 322 7.36 0.90 -33.26
CA PRO A 322 7.26 1.43 -34.63
C PRO A 322 5.86 1.44 -35.22
N GLU A 323 4.90 0.77 -34.60
CA GLU A 323 3.54 0.69 -35.12
C GLU A 323 2.71 1.94 -34.84
N LEU A 324 3.17 2.81 -33.95
CA LEU A 324 2.50 4.08 -33.68
C LEU A 324 2.93 5.19 -34.61
N LEU A 325 3.87 4.93 -35.52
CA LEU A 325 4.41 5.93 -36.42
C LEU A 325 4.20 5.55 -37.89
N TYR A 326 3.13 4.81 -38.18
CA TYR A 326 2.86 4.41 -39.55
C TYR A 326 2.24 5.55 -40.35
N GLU A 327 1.11 6.07 -39.89
CA GLU A 327 0.48 7.25 -40.47
C GLU A 327 1.03 8.45 -39.72
N MET A 328 1.77 9.30 -40.42
CA MET A 328 2.43 10.44 -39.78
C MET A 328 2.62 11.56 -40.80
N ASP A 329 2.12 12.74 -40.49
CA ASP A 329 2.17 13.88 -41.39
C ASP A 329 2.11 15.16 -40.57
N ASN A 330 2.91 16.17 -41.00
CA ASN A 330 3.06 17.51 -40.41
C ASN A 330 3.49 17.43 -38.94
N THR A 331 4.68 16.88 -38.73
CA THR A 331 5.09 16.40 -37.42
C THR A 331 6.49 16.91 -37.11
N ARG A 332 6.63 17.61 -35.98
CA ARG A 332 7.95 17.91 -35.46
C ARG A 332 8.46 16.69 -34.69
N LEU A 333 9.69 16.27 -34.96
CA LEU A 333 10.27 15.11 -34.30
C LEU A 333 11.46 15.54 -33.48
N ILE A 334 11.45 15.18 -32.20
CA ILE A 334 12.55 15.45 -31.27
C ILE A 334 13.24 14.11 -31.00
N ARG A 335 14.51 14.00 -31.36
CA ARG A 335 15.28 12.81 -31.06
C ARG A 335 16.27 13.18 -29.95
N VAL A 336 15.99 12.72 -28.74
CA VAL A 336 16.93 12.90 -27.65
C VAL A 336 18.05 11.86 -27.76
N HIS A 337 19.22 12.22 -27.26
CA HIS A 337 20.41 11.41 -27.43
C HIS A 337 20.71 10.62 -26.16
N SER A 338 21.59 9.62 -26.31
CA SER A 338 21.93 8.75 -25.20
C SER A 338 22.94 9.34 -24.25
N THR A 339 23.59 10.45 -24.61
CA THR A 339 24.62 11.04 -23.76
C THR A 339 23.99 11.86 -22.63
N GLU A 340 24.82 12.25 -21.69
CA GLU A 340 24.37 12.97 -20.50
C GLU A 340 24.21 14.47 -20.72
N LYS A 341 24.60 14.99 -21.89
CA LYS A 341 24.42 16.41 -22.16
C LYS A 341 23.03 16.74 -22.67
N VAL A 342 22.22 15.71 -22.98
CA VAL A 342 20.76 15.66 -23.27
C VAL A 342 20.34 16.63 -24.41
N VAL A 343 21.24 16.87 -25.36
CA VAL A 343 20.93 17.70 -26.51
C VAL A 343 20.12 16.90 -27.51
N CYS A 344 19.25 17.59 -28.25
CA CYS A 344 18.29 16.92 -29.12
C CYS A 344 18.15 17.70 -30.43
N SER A 345 17.78 16.97 -31.47
CA SER A 345 17.63 17.53 -32.80
C SER A 345 16.15 17.60 -33.16
N SER A 346 15.73 18.74 -33.69
CA SER A 346 14.34 18.96 -34.07
C SER A 346 14.24 19.08 -35.58
N HIS A 347 13.48 18.18 -36.20
CA HIS A 347 13.33 18.15 -37.65
C HIS A 347 11.85 18.08 -38.00
N MET A 348 11.41 18.97 -38.89
CA MET A 348 10.05 18.95 -39.40
C MET A 348 9.90 17.83 -40.43
N TYR A 349 8.84 17.04 -40.29
CA TYR A 349 8.62 15.88 -41.15
C TYR A 349 7.39 16.13 -42.01
N ASN A 350 7.60 16.25 -43.32
CA ASN A 350 6.51 16.40 -44.27
C ASN A 350 6.67 15.38 -45.38
N VAL A 351 5.56 14.82 -45.83
CA VAL A 351 5.57 13.85 -46.91
C VAL A 351 4.74 14.35 -48.08
N ASN A 363 7.59 0.29 -46.76
CA ASN A 363 7.43 1.53 -46.01
C ASN A 363 7.13 1.24 -44.55
N LYS A 364 6.66 0.02 -44.27
CA LYS A 364 6.42 -0.39 -42.90
C LYS A 364 7.72 -0.71 -42.17
N ALA A 365 8.75 -1.14 -42.91
CA ALA A 365 10.07 -1.34 -42.35
C ALA A 365 10.86 -0.05 -42.22
N LEU A 366 10.41 1.03 -42.87
CA LEU A 366 11.04 2.34 -42.69
C LEU A 366 10.69 2.96 -41.36
N SER A 367 9.56 2.56 -40.75
CA SER A 367 9.14 3.10 -39.46
C SER A 367 10.01 2.61 -38.31
N SER A 368 10.62 1.43 -38.44
CA SER A 368 11.60 0.98 -37.47
C SER A 368 12.95 1.67 -37.67
N ALA A 369 13.21 2.23 -38.84
CA ALA A 369 14.44 2.95 -39.11
C ALA A 369 14.42 4.37 -38.60
N LEU A 370 13.25 4.89 -38.21
CA LEU A 370 13.16 6.22 -37.61
C LEU A 370 13.66 6.24 -36.17
N PHE A 371 13.70 5.10 -35.50
CA PHE A 371 14.21 4.98 -34.15
C PHE A 371 15.72 4.78 -34.10
N ALA A 372 16.38 4.70 -35.25
CA ALA A 372 17.82 4.53 -35.32
C ALA A 372 18.43 5.74 -36.02
N GLU A 373 19.49 6.29 -35.43
CA GLU A 373 20.25 7.37 -36.06
C GLU A 373 21.06 6.88 -37.25
N ARG A 374 21.52 5.63 -37.22
CA ARG A 374 22.46 5.10 -38.19
C ARG A 374 21.95 3.77 -38.73
N VAL A 375 21.59 3.74 -40.02
CA VAL A 375 20.99 2.57 -40.63
C VAL A 375 21.84 2.10 -41.79
N LEU A 376 21.66 0.84 -42.19
CA LEU A 376 22.35 0.25 -43.32
C LEU A 376 21.33 -0.09 -44.39
N LEU A 377 21.60 0.33 -45.63
CA LEU A 377 20.67 0.16 -46.73
C LEU A 377 21.18 -0.97 -47.63
N ILE A 378 20.55 -2.14 -47.53
CA ILE A 378 20.95 -3.33 -48.25
C ILE A 378 19.85 -3.73 -49.22
N GLU A 379 20.20 -4.60 -50.16
CA GLU A 379 19.32 -4.96 -51.27
C GLU A 379 18.46 -6.18 -51.00
N GLY A 380 19.00 -7.22 -50.38
CA GLY A 380 18.36 -8.51 -50.42
C GLY A 380 18.00 -9.13 -49.09
N PRO A 381 17.01 -10.04 -49.09
CA PRO A 381 16.73 -10.82 -47.87
C PRO A 381 17.79 -11.85 -47.56
N SER A 382 18.52 -12.36 -48.56
CA SER A 382 19.60 -13.31 -48.30
C SER A 382 20.84 -12.64 -47.74
N GLU A 383 20.98 -11.33 -47.96
CA GLU A 383 22.10 -10.57 -47.41
C GLU A 383 21.93 -10.36 -45.91
N LYS A 384 20.68 -10.20 -45.45
CA LYS A 384 20.40 -9.95 -44.04
C LYS A 384 20.60 -11.21 -43.20
N ILE A 385 20.47 -12.39 -43.81
CA ILE A 385 20.74 -13.66 -43.13
C ILE A 385 22.23 -13.80 -42.81
N LEU A 386 23.09 -13.37 -43.72
CA LEU A 386 24.53 -13.37 -43.47
C LEU A 386 24.93 -12.25 -42.51
N PHE A 387 24.40 -11.04 -42.70
CA PHE A 387 24.78 -9.90 -41.86
C PHE A 387 24.12 -9.91 -40.48
N GLU A 388 23.13 -10.78 -40.24
CA GLU A 388 22.67 -11.02 -38.89
C GLU A 388 23.50 -12.05 -38.14
N LYS A 389 23.96 -13.10 -38.85
CA LYS A 389 24.78 -14.14 -38.26
C LYS A 389 26.19 -13.64 -37.92
N VAL A 390 26.78 -12.85 -38.84
CA VAL A 390 28.12 -12.28 -38.64
C VAL A 390 28.12 -11.22 -37.53
N LEU A 391 27.05 -10.43 -37.43
CA LEU A 391 26.95 -9.47 -36.33
C LEU A 391 26.59 -10.14 -35.00
N ASP A 392 25.75 -11.18 -35.00
CA ASP A 392 25.37 -11.84 -33.76
C ASP A 392 26.45 -12.78 -33.22
N GLU A 393 27.40 -13.20 -34.06
CA GLU A 393 28.49 -14.02 -33.54
C GLU A 393 29.58 -13.21 -32.83
N VAL A 394 29.58 -11.88 -32.97
CA VAL A 394 30.59 -11.05 -32.31
C VAL A 394 29.91 -10.11 -31.32
N GLU A 395 29.02 -9.26 -31.80
CA GLU A 395 28.42 -8.20 -30.98
C GLU A 395 26.90 -8.32 -31.03
N PRO A 396 26.27 -9.03 -30.08
CA PRO A 396 24.79 -9.13 -30.11
C PRO A 396 24.07 -7.87 -29.65
N GLU A 397 24.75 -6.92 -29.01
CA GLU A 397 24.14 -5.69 -28.53
C GLU A 397 24.30 -4.53 -29.49
N TYR A 398 24.30 -4.79 -30.80
CA TYR A 398 24.33 -3.71 -31.78
C TYR A 398 22.97 -3.04 -31.94
N GLU A 399 21.89 -3.73 -31.55
CA GLU A 399 20.54 -3.18 -31.70
C GLU A 399 20.25 -2.11 -30.67
N LEU A 400 20.73 -2.29 -29.44
CA LEU A 400 20.49 -1.32 -28.38
C LEU A 400 21.43 -0.12 -28.46
N ASN A 401 22.50 -0.21 -29.25
CA ASN A 401 23.38 0.94 -29.45
C ASN A 401 22.78 1.96 -30.41
N GLY A 402 21.92 1.52 -31.32
CA GLY A 402 21.31 2.41 -32.28
C GLY A 402 21.54 2.02 -33.72
N GLY A 403 21.79 0.73 -33.97
CA GLY A 403 22.02 0.23 -35.30
C GLY A 403 20.80 -0.52 -35.83
N PHE A 404 20.65 -0.50 -37.16
CA PHE A 404 19.51 -1.12 -37.81
C PHE A 404 19.87 -1.50 -39.23
N LEU A 405 19.35 -2.64 -39.69
CA LEU A 405 19.51 -3.12 -41.05
C LEU A 405 18.19 -2.97 -41.78
N LEU A 406 18.19 -2.27 -42.91
CA LEU A 406 16.98 -1.98 -43.66
C LEU A 406 17.07 -2.64 -45.03
N GLU A 407 16.25 -3.67 -45.26
CA GLU A 407 16.12 -4.25 -46.59
C GLU A 407 15.36 -3.29 -47.50
N VAL A 408 15.85 -3.12 -48.72
CA VAL A 408 15.14 -2.34 -49.72
C VAL A 408 14.26 -3.23 -50.59
N GLY A 409 14.84 -4.29 -51.15
CA GLY A 409 14.14 -5.11 -52.11
C GLY A 409 14.49 -4.79 -53.54
N GLY A 410 15.46 -3.92 -53.77
CA GLY A 410 15.90 -3.55 -55.10
C GLY A 410 17.12 -2.66 -54.97
N THR A 411 17.59 -2.18 -56.11
CA THR A 411 18.77 -1.33 -56.14
C THR A 411 18.45 0.16 -56.06
N TYR A 412 17.19 0.52 -55.89
CA TYR A 412 16.83 1.93 -55.77
C TYR A 412 17.13 2.42 -54.36
N PHE A 413 17.77 3.58 -54.27
CA PHE A 413 18.03 4.20 -52.97
C PHE A 413 17.62 5.66 -52.91
N ASN A 414 17.18 6.24 -54.04
CA ASN A 414 16.84 7.66 -54.07
C ASN A 414 15.50 7.96 -53.41
N HIS A 415 14.62 6.97 -53.28
CA HIS A 415 13.38 7.15 -52.53
C HIS A 415 13.58 7.07 -51.03
N TYR A 416 14.70 6.57 -50.56
CA TYR A 416 14.94 6.42 -49.13
C TYR A 416 15.78 7.55 -48.57
N VAL A 417 16.81 7.98 -49.31
CA VAL A 417 17.68 9.05 -48.81
C VAL A 417 17.06 10.43 -48.94
N CYS A 418 16.04 10.60 -49.80
CA CYS A 418 15.31 11.86 -49.84
C CYS A 418 14.40 12.02 -48.64
N THR A 419 13.89 10.90 -48.09
CA THR A 419 13.23 10.95 -46.80
C THR A 419 14.24 11.12 -45.67
N LEU A 420 15.35 10.38 -45.73
CA LEU A 420 16.33 10.33 -44.65
C LEU A 420 17.18 11.59 -44.54
N ASN A 421 17.23 12.43 -45.57
CA ASN A 421 17.90 13.72 -45.44
C ASN A 421 17.07 14.70 -44.62
N ASP A 422 15.73 14.62 -44.74
CA ASP A 422 14.86 15.46 -43.94
C ASP A 422 14.77 14.97 -42.50
N LEU A 423 14.93 13.66 -42.28
CA LEU A 423 15.04 13.12 -40.93
C LEU A 423 16.37 13.45 -40.28
N GLY A 424 17.43 13.63 -41.07
CA GLY A 424 18.77 13.74 -40.51
C GLY A 424 19.41 12.42 -40.18
N ILE A 425 18.84 11.31 -40.65
CA ILE A 425 19.35 9.97 -40.35
C ILE A 425 20.53 9.68 -41.26
N THR A 426 21.67 9.32 -40.66
CA THR A 426 22.88 9.01 -41.41
C THR A 426 22.74 7.67 -42.12
N HIS A 427 22.66 7.72 -43.45
CA HIS A 427 22.44 6.53 -44.26
C HIS A 427 23.77 5.90 -44.65
N ILE A 428 23.84 4.57 -44.54
CA ILE A 428 24.95 3.79 -45.06
C ILE A 428 24.41 2.90 -46.17
N ILE A 429 25.03 2.96 -47.35
CA ILE A 429 24.51 2.29 -48.54
C ILE A 429 25.57 1.31 -49.04
N LYS A 430 25.20 0.04 -49.16
CA LYS A 430 26.03 -0.97 -49.82
C LYS A 430 25.31 -1.40 -51.08
N THR A 431 25.95 -1.18 -52.23
CA THR A 431 25.39 -1.53 -53.53
C THR A 431 26.46 -2.20 -54.38
N ASP A 432 26.01 -2.87 -55.43
CA ASP A 432 26.88 -3.63 -56.32
C ASP A 432 26.70 -3.13 -57.75
N ASN A 433 27.81 -2.86 -58.43
CA ASN A 433 27.75 -2.36 -59.80
C ASN A 433 27.43 -3.47 -60.78
N ASP A 434 26.64 -3.14 -61.79
CA ASP A 434 26.21 -4.08 -62.82
C ASP A 434 26.39 -3.43 -64.19
N LEU A 435 25.97 -4.16 -65.23
CA LEU A 435 26.09 -3.67 -66.60
C LEU A 435 24.89 -4.15 -67.40
N LYS A 436 24.61 -3.45 -68.49
CA LYS A 436 23.43 -3.66 -69.32
C LYS A 436 23.77 -3.40 -70.77
N SER A 437 23.32 -4.28 -71.66
CA SER A 437 23.47 -4.07 -73.09
C SER A 437 22.44 -3.08 -73.60
N LYS A 438 22.71 -2.52 -74.78
CA LYS A 438 21.76 -1.61 -75.39
C LYS A 438 20.71 -2.38 -76.18
N LYS A 439 19.82 -1.63 -76.84
CA LYS A 439 18.67 -2.19 -77.53
C LYS A 439 18.92 -2.12 -79.03
N GLY A 440 18.87 -3.27 -79.70
CA GLY A 440 19.15 -3.35 -81.11
C GLY A 440 20.62 -3.40 -81.47
N LYS A 441 21.51 -3.51 -80.49
CA LYS A 441 22.95 -3.54 -80.73
C LYS A 441 23.55 -4.75 -80.04
N LYS A 442 24.51 -5.38 -80.69
CA LYS A 442 25.22 -6.54 -80.16
C LYS A 442 26.66 -6.14 -79.83
N GLY A 443 27.09 -6.43 -78.60
CA GLY A 443 28.41 -6.03 -78.16
C GLY A 443 28.52 -4.62 -77.66
N VAL A 444 27.41 -3.90 -77.51
CA VAL A 444 27.39 -2.53 -77.03
C VAL A 444 26.75 -2.52 -75.66
N TYR A 445 27.47 -2.05 -74.64
CA TYR A 445 27.04 -2.13 -73.25
C TYR A 445 27.13 -0.76 -72.59
N GLU A 446 26.33 -0.58 -71.54
CA GLU A 446 26.44 0.56 -70.64
C GLU A 446 26.42 0.06 -69.19
N LEU A 447 26.81 0.94 -68.28
CA LEU A 447 27.00 0.57 -66.87
C LEU A 447 25.85 1.13 -66.03
N LEU A 448 25.21 0.27 -65.25
CA LEU A 448 24.06 0.67 -64.44
C LEU A 448 24.47 1.11 -63.03
N GLY A 449 25.38 0.36 -62.40
CA GLY A 449 25.69 0.58 -60.99
C GLY A 449 26.56 1.79 -60.72
N LEU A 450 27.39 2.19 -61.68
CA LEU A 450 28.16 3.41 -61.53
C LEU A 450 27.28 4.64 -61.71
N ASN A 451 26.40 4.62 -62.72
CA ASN A 451 25.44 5.69 -62.95
C ASN A 451 24.35 5.76 -61.89
N ARG A 452 24.05 4.63 -61.23
CA ARG A 452 23.10 4.59 -60.14
C ARG A 452 23.66 5.26 -58.88
N CYS A 453 24.97 5.14 -58.65
CA CYS A 453 25.61 5.95 -57.63
C CYS A 453 25.79 7.40 -58.06
N LEU A 454 25.94 7.65 -59.38
CA LEU A 454 26.03 9.00 -59.89
C LEU A 454 24.72 9.78 -59.81
N ASN A 455 23.58 9.10 -59.88
CA ASN A 455 22.28 9.75 -59.79
C ASN A 455 21.93 10.23 -58.38
N LEU A 456 22.60 9.74 -57.35
CA LEU A 456 22.41 10.26 -56.01
C LEU A 456 23.18 11.56 -55.77
N LEU A 457 24.12 11.91 -56.66
CA LEU A 457 24.92 13.12 -56.56
C LEU A 457 24.39 14.23 -57.45
N GLY A 458 23.96 13.89 -58.66
CA GLY A 458 23.54 14.85 -59.66
C GLY A 458 24.52 15.06 -60.80
N ARG A 459 25.61 14.29 -60.82
CA ARG A 459 26.61 14.41 -61.88
C ARG A 459 26.13 13.72 -63.16
N GLU A 460 26.81 14.03 -64.25
CA GLU A 460 26.46 13.49 -65.56
C GLU A 460 26.88 12.03 -65.67
N ASN A 461 26.19 11.30 -66.56
CA ASN A 461 26.39 9.88 -66.74
C ASN A 461 27.68 9.60 -67.51
N LEU A 462 28.20 8.39 -67.33
CA LEU A 462 29.43 7.98 -67.99
C LEU A 462 29.15 7.58 -69.44
N ASP A 463 30.22 7.51 -70.22
CA ASP A 463 30.14 7.04 -71.59
C ASP A 463 29.99 5.51 -71.63
N GLU A 464 29.40 5.02 -72.71
CA GLU A 464 29.17 3.59 -72.89
C GLU A 464 30.46 2.88 -73.29
N ILE A 465 30.59 1.63 -72.85
CA ILE A 465 31.80 0.83 -73.05
C ILE A 465 31.46 -0.32 -73.99
N THR A 466 32.22 -0.45 -75.07
CA THR A 466 32.03 -1.51 -76.06
C THR A 466 32.99 -2.66 -75.78
N ILE A 467 32.46 -3.89 -75.75
CA ILE A 467 33.26 -5.09 -75.64
C ILE A 467 32.59 -6.22 -76.43
N ASP A 468 33.39 -6.96 -77.19
CA ASP A 468 32.90 -8.12 -77.92
C ASP A 468 33.11 -9.37 -77.06
N ILE A 469 32.03 -10.09 -76.82
CA ILE A 469 32.04 -11.27 -75.94
C ILE A 469 32.24 -12.51 -76.81
N PRO A 470 33.09 -13.45 -76.40
CA PRO A 470 33.16 -14.74 -77.12
C PRO A 470 31.94 -15.60 -76.83
N GLU A 471 31.79 -16.64 -77.66
CA GLU A 471 30.57 -17.45 -77.66
C GLU A 471 30.51 -18.41 -76.47
N ASP A 472 31.50 -19.33 -76.40
CA ASP A 472 31.80 -20.44 -75.47
C ASP A 472 30.63 -21.04 -74.67
N ILE A 473 30.79 -21.30 -73.38
CA ILE A 473 29.69 -21.72 -72.53
C ILE A 473 28.89 -20.48 -72.14
N LYS A 474 27.59 -20.48 -72.49
CA LYS A 474 26.74 -19.33 -72.20
C LYS A 474 26.36 -19.27 -70.73
N GLY A 475 26.16 -20.43 -70.11
CA GLY A 475 25.71 -20.48 -68.73
C GLY A 475 26.77 -20.18 -67.70
N LYS A 476 28.03 -20.50 -68.00
CA LYS A 476 29.12 -20.36 -67.04
C LYS A 476 30.14 -19.31 -67.47
N LYS A 477 30.76 -19.48 -68.63
CA LYS A 477 31.94 -18.70 -68.99
C LYS A 477 31.60 -17.35 -69.61
N LYS A 478 30.37 -17.17 -70.10
CA LYS A 478 29.93 -15.88 -70.62
C LYS A 478 29.75 -14.87 -69.49
N LYS A 479 29.33 -15.34 -68.31
CA LYS A 479 29.37 -14.50 -67.12
C LYS A 479 30.81 -14.29 -66.64
N GLU A 480 31.68 -15.28 -66.83
CA GLU A 480 33.06 -15.19 -66.34
C GLU A 480 33.92 -14.25 -67.18
N ARG A 481 33.57 -14.02 -68.44
CA ARG A 481 34.23 -12.96 -69.19
C ARG A 481 33.80 -11.58 -68.70
N LEU A 482 32.51 -11.44 -68.32
CA LEU A 482 32.00 -10.18 -67.82
C LEU A 482 32.50 -9.85 -66.42
N ASN A 483 32.78 -10.88 -65.60
CA ASN A 483 33.38 -10.64 -64.29
C ASN A 483 34.84 -10.19 -64.39
N GLU A 484 35.57 -10.66 -65.41
CA GLU A 484 36.91 -10.13 -65.64
C GLU A 484 36.87 -8.75 -66.29
N ARG A 485 35.82 -8.45 -67.06
CA ARG A 485 35.69 -7.11 -67.63
C ARG A 485 35.28 -6.07 -66.60
N LYS A 486 34.42 -6.44 -65.64
CA LYS A 486 33.94 -5.50 -64.63
C LYS A 486 35.02 -5.12 -63.62
N LYS A 487 36.00 -5.99 -63.39
CA LYS A 487 37.16 -5.63 -62.56
C LYS A 487 38.04 -4.60 -63.27
N GLU A 488 38.15 -4.68 -64.59
CA GLU A 488 38.87 -3.66 -65.36
C GLU A 488 38.11 -2.34 -65.40
N ILE A 489 36.77 -2.41 -65.50
CA ILE A 489 35.90 -1.23 -65.47
C ILE A 489 35.97 -0.53 -64.11
N PHE A 490 36.03 -1.31 -63.02
CA PHE A 490 36.28 -0.76 -61.70
C PHE A 490 37.71 -0.28 -61.52
N LYS A 491 38.66 -0.85 -62.28
CA LYS A 491 40.06 -0.44 -62.19
C LYS A 491 40.31 0.93 -62.82
N GLN A 492 39.79 1.18 -64.02
CA GLN A 492 39.99 2.50 -64.64
C GLN A 492 38.84 3.47 -64.39
N TYR A 493 38.06 3.26 -63.34
CA TYR A 493 37.14 4.25 -62.80
C TYR A 493 37.28 4.34 -61.28
N LYS A 494 38.51 4.17 -60.78
CA LYS A 494 38.76 4.21 -59.34
C LYS A 494 38.69 5.63 -58.78
N ASN A 495 39.04 6.62 -59.61
CA ASN A 495 38.96 8.02 -59.18
C ASN A 495 37.53 8.55 -59.07
N GLU A 496 36.56 7.90 -59.73
CA GLU A 496 35.15 8.18 -59.51
C GLU A 496 34.67 7.58 -58.19
N VAL A 497 35.20 6.41 -57.84
CA VAL A 497 34.88 5.72 -56.58
C VAL A 497 35.56 6.40 -55.38
N GLY A 498 36.61 7.20 -55.64
CA GLY A 498 37.31 7.97 -54.62
C GLY A 498 36.51 9.07 -53.94
N GLU A 499 35.44 9.57 -54.58
CA GLU A 499 34.48 10.38 -53.85
C GLU A 499 33.18 9.65 -53.53
N PHE A 500 33.01 8.43 -54.03
CA PHE A 500 31.90 7.60 -53.58
C PHE A 500 32.13 7.08 -52.17
N LEU A 501 33.23 6.33 -52.00
CA LEU A 501 33.55 5.69 -50.72
C LEU A 501 34.07 6.68 -49.68
N GLY A 502 34.51 7.87 -50.11
CA GLY A 502 34.85 8.93 -49.18
C GLY A 502 33.63 9.48 -48.45
N GLU A 503 32.49 9.56 -49.14
CA GLU A 503 31.22 9.79 -48.46
C GLU A 503 30.58 8.42 -48.16
N ARG A 504 29.31 8.42 -47.75
CA ARG A 504 28.74 7.26 -47.09
C ARG A 504 28.13 6.22 -48.03
N ILE A 505 28.44 6.25 -49.33
CA ILE A 505 27.98 5.20 -50.24
C ILE A 505 29.15 4.26 -50.56
N TYR A 506 28.91 2.96 -50.46
CA TYR A 506 29.96 1.97 -50.65
C TYR A 506 29.61 1.08 -51.83
N LEU A 507 30.65 0.62 -52.53
CA LEU A 507 30.47 -0.04 -53.81
C LEU A 507 31.44 -1.21 -53.94
N SER A 508 30.94 -2.30 -54.53
CA SER A 508 31.70 -3.49 -54.86
C SER A 508 32.29 -3.36 -56.27
N GLU A 509 32.80 -4.46 -56.81
CA GLU A 509 33.33 -4.46 -58.16
C GLU A 509 32.71 -5.51 -59.07
N ILE A 510 32.23 -6.63 -58.55
CA ILE A 510 31.49 -7.61 -59.35
C ILE A 510 30.13 -7.81 -58.70
N ASP A 511 30.14 -8.32 -57.47
CA ASP A 511 28.94 -8.57 -56.69
C ASP A 511 29.37 -8.60 -55.22
N LEU A 512 28.51 -9.17 -54.37
CA LEU A 512 28.90 -9.41 -52.99
C LEU A 512 29.47 -10.82 -52.82
N GLU A 513 29.16 -11.74 -53.73
CA GLU A 513 29.52 -13.14 -53.55
C GLU A 513 31.00 -13.40 -53.84
N ASN A 514 31.56 -12.76 -54.87
CA ASN A 514 33.01 -12.88 -55.11
C ASN A 514 33.82 -12.10 -54.09
N ASP A 515 33.26 -11.02 -53.53
CA ASP A 515 33.92 -10.31 -52.44
C ASP A 515 33.86 -11.10 -51.14
N LEU A 516 32.84 -11.94 -50.97
CA LEU A 516 32.82 -12.89 -49.87
C LEU A 516 33.75 -14.08 -50.12
N TYR A 517 33.93 -14.46 -51.40
CA TYR A 517 34.85 -15.54 -51.75
C TYR A 517 36.31 -15.11 -51.62
N SER A 518 36.58 -13.82 -51.76
CA SER A 518 37.93 -13.32 -51.50
C SER A 518 38.26 -13.24 -50.01
N ALA A 519 37.25 -13.26 -49.13
CA ALA A 519 37.47 -13.18 -47.69
C ALA A 519 37.52 -14.57 -47.05
N ILE A 520 36.45 -15.35 -47.18
CA ILE A 520 36.32 -16.61 -46.47
C ILE A 520 36.24 -17.79 -47.45
N GLY A 521 36.92 -17.71 -48.59
CA GLY A 521 36.85 -18.77 -49.59
C GLY A 521 37.65 -20.02 -49.26
N GLU A 522 38.54 -19.93 -48.26
CA GLU A 522 39.23 -21.12 -47.77
C GLU A 522 38.37 -21.96 -46.83
N SER A 523 37.27 -21.40 -46.33
CA SER A 523 36.35 -22.12 -45.45
C SER A 523 35.07 -22.55 -46.16
N MET A 524 34.86 -22.13 -47.41
CA MET A 524 33.67 -22.53 -48.15
C MET A 524 33.78 -23.95 -48.66
N LYS A 525 34.98 -24.36 -49.07
CA LYS A 525 35.20 -25.67 -49.68
C LYS A 525 35.19 -26.82 -48.67
N ARG A 526 35.33 -26.51 -47.38
CA ARG A 526 35.27 -27.54 -46.35
C ARG A 526 33.84 -27.86 -45.92
N ILE A 527 32.86 -27.08 -46.35
CA ILE A 527 31.47 -27.34 -46.02
C ILE A 527 30.57 -27.51 -47.24
N PHE A 528 31.07 -27.22 -48.44
CA PHE A 528 30.31 -27.43 -49.67
C PHE A 528 30.70 -28.70 -50.40
N GLU A 529 31.97 -29.13 -50.22
CA GLU A 529 32.64 -30.23 -50.94
C GLU A 529 32.56 -30.08 -52.45
N ASN A 530 32.79 -28.85 -52.92
CA ASN A 530 32.75 -28.51 -54.33
C ASN A 530 34.02 -27.78 -54.70
N GLU A 531 34.36 -27.82 -56.00
CA GLU A 531 35.56 -27.14 -56.48
C GLU A 531 35.34 -25.62 -56.54
N ASP A 532 34.20 -25.19 -57.05
CA ASP A 532 33.86 -23.77 -57.10
C ASP A 532 32.60 -23.52 -56.30
N PRO A 533 32.69 -22.91 -55.10
CA PRO A 533 31.47 -22.62 -54.34
C PRO A 533 30.69 -21.42 -54.85
N VAL A 534 31.31 -20.56 -55.67
CA VAL A 534 30.60 -19.46 -56.31
C VAL A 534 29.65 -19.99 -57.38
N HIS A 535 30.06 -21.06 -58.08
CA HIS A 535 29.27 -21.70 -59.12
C HIS A 535 28.03 -22.40 -58.56
N TYR A 536 28.13 -22.99 -57.38
CA TYR A 536 27.00 -23.65 -56.74
C TYR A 536 26.01 -22.66 -56.10
N LEU A 537 26.42 -21.42 -55.88
CA LEU A 537 25.63 -20.45 -55.14
C LEU A 537 25.08 -19.31 -55.99
N GLN A 538 25.65 -19.06 -57.17
CA GLN A 538 25.14 -18.02 -58.06
C GLN A 538 23.84 -18.39 -58.75
N LYS A 539 23.54 -19.69 -58.86
CA LYS A 539 22.31 -20.13 -59.52
C LYS A 539 21.12 -20.06 -58.57
N SER A 540 21.29 -20.59 -57.36
CA SER A 540 20.31 -20.47 -56.30
C SER A 540 20.98 -19.84 -55.10
N LYS A 541 20.54 -18.63 -54.72
CA LYS A 541 21.28 -17.79 -53.78
C LYS A 541 20.80 -17.95 -52.34
N LEU A 542 19.49 -17.80 -52.10
CA LEU A 542 18.98 -17.83 -50.73
C LEU A 542 18.91 -19.25 -50.17
N PHE A 543 18.73 -20.25 -51.03
CA PHE A 543 18.60 -21.64 -50.58
C PHE A 543 19.93 -22.23 -50.14
N ASN A 544 21.04 -21.76 -50.70
CA ASN A 544 22.36 -22.19 -50.27
C ASN A 544 23.04 -21.20 -49.33
N MET A 545 22.39 -20.07 -49.02
CA MET A 545 22.93 -19.14 -48.03
C MET A 545 22.73 -19.67 -46.61
N VAL A 546 21.69 -20.47 -46.40
CA VAL A 546 21.50 -21.13 -45.10
C VAL A 546 22.37 -22.37 -44.93
N GLU A 547 23.05 -22.82 -45.99
CA GLU A 547 24.08 -23.84 -45.85
C GLU A 547 25.35 -23.27 -45.22
N LEU A 548 25.58 -21.96 -45.35
CA LEU A 548 26.72 -21.34 -44.69
C LEU A 548 26.46 -21.13 -43.20
N VAL A 549 25.30 -20.58 -42.86
CA VAL A 549 25.11 -20.03 -41.51
C VAL A 549 24.73 -21.06 -40.46
N ASN A 550 24.43 -22.30 -40.84
CA ASN A 550 24.16 -23.31 -39.83
C ASN A 550 25.45 -23.88 -39.24
N ASN A 551 26.57 -23.78 -39.96
CA ASN A 551 27.87 -24.29 -39.52
C ASN A 551 29.01 -23.26 -39.68
N LEU A 552 29.03 -22.29 -38.76
CA LEU A 552 30.11 -21.32 -38.67
C LEU A 552 30.56 -21.20 -37.23
N SER A 553 31.86 -21.23 -37.01
CA SER A 553 32.41 -21.13 -35.67
C SER A 553 32.44 -19.68 -35.21
N THR A 554 32.69 -19.50 -33.90
CA THR A 554 32.81 -18.15 -33.35
C THR A 554 34.13 -17.50 -33.74
N LYS A 555 35.17 -18.30 -33.96
CA LYS A 555 36.48 -17.81 -34.37
C LYS A 555 36.46 -17.35 -35.84
N ASP A 556 35.59 -17.94 -36.66
CA ASP A 556 35.53 -17.67 -38.08
C ASP A 556 34.89 -16.30 -38.33
N CYS A 557 35.21 -15.74 -39.51
CA CYS A 557 34.73 -14.44 -40.05
C CYS A 557 35.10 -13.26 -39.16
N PHE A 558 36.30 -13.28 -38.57
CA PHE A 558 36.87 -12.07 -38.00
C PHE A 558 37.48 -11.16 -39.06
N ASP A 559 37.78 -11.71 -40.24
CA ASP A 559 38.37 -10.93 -41.31
C ASP A 559 37.35 -10.10 -42.08
N VAL A 560 36.06 -10.37 -41.88
CA VAL A 560 34.98 -9.58 -42.48
C VAL A 560 34.95 -8.18 -41.87
N PHE A 561 35.15 -8.08 -40.55
CA PHE A 561 35.27 -6.79 -39.88
C PHE A 561 36.56 -6.07 -40.23
N GLU A 562 37.65 -6.79 -40.39
CA GLU A 562 38.96 -6.19 -40.58
C GLU A 562 39.27 -5.86 -42.04
N HIS A 563 38.40 -6.21 -42.96
CA HIS A 563 38.53 -5.76 -44.34
C HIS A 563 38.18 -4.28 -44.45
N GLU A 564 38.88 -3.59 -45.35
CA GLU A 564 38.47 -2.28 -45.82
C GLU A 564 37.42 -2.36 -46.93
N LYS A 565 37.24 -3.55 -47.51
CA LYS A 565 36.20 -3.82 -48.48
C LYS A 565 34.82 -3.88 -47.84
N PHE A 566 34.76 -4.33 -46.58
CA PHE A 566 33.48 -4.50 -45.88
C PHE A 566 33.37 -3.54 -44.71
N ALA A 567 33.68 -2.26 -44.95
CA ALA A 567 33.70 -1.23 -43.91
C ALA A 567 32.32 -0.71 -43.52
N CYS A 568 31.24 -1.14 -44.21
CA CYS A 568 29.88 -0.77 -43.84
C CYS A 568 29.46 -1.41 -42.52
N LEU A 569 29.93 -2.64 -42.29
CA LEU A 569 29.55 -3.37 -41.07
C LEU A 569 30.30 -2.86 -39.84
N LYS A 570 31.44 -2.19 -40.04
CA LYS A 570 32.07 -1.47 -38.95
C LYS A 570 31.56 -0.03 -38.85
N GLU A 571 31.07 0.53 -39.96
CA GLU A 571 30.49 1.86 -39.94
C GLU A 571 29.10 1.89 -39.30
N LEU A 572 28.40 0.75 -39.28
CA LEU A 572 27.16 0.61 -38.53
C LEU A 572 27.41 0.67 -37.02
N VAL A 573 28.52 0.06 -36.57
CA VAL A 573 28.85 0.07 -35.15
C VAL A 573 29.36 1.45 -34.74
N GLY A 574 30.20 2.06 -35.56
CA GLY A 574 30.73 3.38 -35.28
C GLY A 574 32.13 3.42 -34.72
N SER A 575 32.81 2.28 -34.65
CA SER A 575 34.18 2.24 -34.16
C SER A 575 35.17 2.44 -35.30
N MET B 1 13.18 -35.78 -19.71
CA MET B 1 12.02 -36.66 -19.86
C MET B 1 11.06 -36.10 -20.90
N LYS B 2 9.82 -36.60 -20.89
CA LYS B 2 8.85 -36.22 -21.90
C LYS B 2 7.47 -36.18 -21.26
N PHE B 3 6.84 -35.01 -21.25
CA PHE B 3 5.47 -34.90 -20.82
C PHE B 3 4.54 -35.48 -21.88
N SER B 4 3.39 -35.96 -21.46
CA SER B 4 2.43 -36.53 -22.40
C SER B 4 1.08 -35.82 -22.41
N ASN B 5 0.45 -35.66 -21.25
CA ASN B 5 -0.95 -35.29 -21.17
C ASN B 5 -1.24 -34.77 -19.78
N ILE B 6 -2.19 -33.84 -19.68
CA ILE B 6 -2.72 -33.40 -18.40
C ILE B 6 -4.23 -33.64 -18.45
N THR B 7 -4.83 -33.77 -17.27
CA THR B 7 -6.26 -34.05 -17.14
C THR B 7 -6.80 -33.18 -16.00
N ILE B 8 -7.26 -31.98 -16.34
CA ILE B 8 -7.79 -31.02 -15.37
C ILE B 8 -9.31 -31.07 -15.45
N LYS B 9 -9.97 -31.43 -14.35
CA LYS B 9 -11.39 -31.73 -14.42
C LYS B 9 -12.29 -30.58 -13.94
N ASN B 10 -12.24 -30.21 -12.68
CA ASN B 10 -13.27 -29.35 -12.12
C ASN B 10 -12.70 -28.03 -11.64
N PHE B 11 -11.76 -27.47 -12.38
CA PHE B 11 -11.05 -26.25 -11.98
C PHE B 11 -11.79 -25.08 -12.68
N ARG B 12 -11.18 -23.89 -12.80
CA ARG B 12 -11.90 -22.61 -12.88
C ARG B 12 -12.62 -22.35 -14.21
N ASN B 13 -12.13 -22.91 -15.31
CA ASN B 13 -12.88 -22.85 -16.56
C ASN B 13 -13.14 -24.22 -17.17
N PHE B 14 -12.41 -25.23 -16.77
CA PHE B 14 -12.38 -26.53 -17.42
C PHE B 14 -13.49 -27.44 -16.90
N GLU B 15 -13.98 -28.31 -17.78
CA GLU B 15 -15.02 -29.26 -17.42
C GLU B 15 -14.55 -30.70 -17.55
N LYS B 16 -14.01 -31.08 -18.72
CA LYS B 16 -13.23 -32.30 -18.89
C LYS B 16 -12.31 -32.06 -20.08
N VAL B 17 -11.04 -31.77 -19.82
CA VAL B 17 -10.07 -31.55 -20.89
C VAL B 17 -8.94 -32.56 -20.75
N ASN B 18 -8.45 -33.04 -21.89
CA ASN B 18 -7.29 -33.92 -21.99
C ASN B 18 -6.36 -33.24 -22.98
N ILE B 19 -5.56 -32.29 -22.50
CA ILE B 19 -4.76 -31.44 -23.37
C ILE B 19 -3.39 -32.09 -23.52
N ASN B 20 -3.08 -32.54 -24.74
CA ASN B 20 -1.81 -33.20 -25.02
C ASN B 20 -0.70 -32.17 -25.05
N LEU B 21 0.31 -32.38 -24.21
CA LEU B 21 1.37 -31.41 -24.00
C LEU B 21 2.69 -32.16 -23.89
N ASP B 22 3.67 -31.73 -24.68
CA ASP B 22 4.97 -32.35 -24.78
C ASP B 22 5.92 -31.43 -23.99
N ASN B 23 7.23 -31.63 -24.10
CA ASN B 23 8.18 -30.63 -23.64
C ASN B 23 8.12 -29.42 -24.56
N LYS B 24 8.50 -28.25 -24.01
CA LYS B 24 8.48 -26.91 -24.60
C LYS B 24 7.08 -26.50 -25.09
N ASN B 25 6.14 -26.31 -24.18
CA ASN B 25 4.78 -25.92 -24.51
C ASN B 25 4.69 -24.41 -24.65
N VAL B 26 4.01 -23.94 -25.71
CA VAL B 26 3.79 -22.52 -25.97
C VAL B 26 2.29 -22.30 -26.12
N ILE B 27 1.74 -21.39 -25.32
CA ILE B 27 0.30 -21.15 -25.22
C ILE B 27 -0.01 -19.79 -25.82
N PHE B 28 -0.96 -19.73 -26.75
CA PHE B 28 -1.49 -18.46 -27.20
C PHE B 28 -3.00 -18.53 -27.29
N GLY B 29 -3.60 -17.37 -27.52
CA GLY B 29 -5.04 -17.28 -27.62
C GLY B 29 -5.49 -15.85 -27.50
N MET B 30 -6.80 -15.67 -27.57
CA MET B 30 -7.38 -14.33 -27.47
C MET B 30 -7.79 -13.96 -26.05
N ASN B 31 -7.85 -14.94 -25.15
CA ASN B 31 -8.12 -14.67 -23.74
C ASN B 31 -6.87 -14.83 -22.87
N ASP B 32 -6.71 -13.94 -21.91
CA ASP B 32 -5.64 -14.04 -20.94
C ASP B 32 -6.05 -14.81 -19.70
N ILE B 33 -7.37 -14.96 -19.50
CA ILE B 33 -7.96 -15.61 -18.33
C ILE B 33 -7.66 -17.11 -18.36
N GLY B 34 -7.84 -17.75 -19.53
CA GLY B 34 -7.62 -19.18 -19.64
C GLY B 34 -6.15 -19.57 -19.64
N LYS B 35 -5.28 -18.68 -20.13
CA LYS B 35 -3.84 -18.93 -20.08
C LYS B 35 -3.30 -18.76 -18.66
N THR B 36 -3.82 -17.76 -17.94
CA THR B 36 -3.46 -17.56 -16.53
C THR B 36 -4.02 -18.69 -15.65
N ASN B 37 -5.20 -19.22 -16.01
CA ASN B 37 -5.76 -20.33 -15.24
C ASN B 37 -5.07 -21.64 -15.57
N PHE B 38 -4.50 -21.80 -16.76
CA PHE B 38 -3.69 -22.98 -17.08
C PHE B 38 -2.37 -22.96 -16.31
N LEU B 39 -1.73 -21.78 -16.21
CA LEU B 39 -0.51 -21.66 -15.43
C LEU B 39 -0.76 -21.75 -13.92
N TYR B 40 -1.91 -21.28 -13.44
CA TYR B 40 -2.24 -21.51 -12.03
C TYR B 40 -2.73 -22.91 -11.76
N ALA B 41 -3.19 -23.66 -12.78
CA ALA B 41 -3.44 -25.10 -12.61
C ALA B 41 -2.14 -25.87 -12.43
N LEU B 42 -1.10 -25.49 -13.19
CA LEU B 42 0.23 -26.08 -12.97
C LEU B 42 0.85 -25.63 -11.65
N ARG B 43 0.54 -24.42 -11.19
CA ARG B 43 0.99 -23.98 -9.87
C ARG B 43 0.24 -24.67 -8.72
N PHE B 44 -1.05 -24.96 -8.89
CA PHE B 44 -1.75 -25.74 -7.87
C PHE B 44 -1.39 -27.21 -7.89
N LEU B 45 -0.82 -27.73 -8.99
CA LEU B 45 -0.32 -29.10 -8.88
C LEU B 45 1.12 -29.17 -8.35
N LEU B 46 2.07 -28.42 -8.92
CA LEU B 46 3.47 -28.70 -8.62
C LEU B 46 4.17 -27.64 -7.76
N ASP B 47 3.47 -26.66 -7.21
CA ASP B 47 4.14 -25.64 -6.39
C ASP B 47 3.53 -25.60 -5.00
N LYS B 48 4.40 -25.67 -3.98
CA LYS B 48 3.95 -25.70 -2.60
C LYS B 48 3.50 -24.35 -2.08
N GLU B 49 3.94 -23.25 -2.69
CA GLU B 49 3.54 -21.91 -2.27
C GLU B 49 2.13 -21.55 -2.73
N ILE B 50 1.56 -22.30 -3.66
CA ILE B 50 0.15 -22.19 -3.98
C ILE B 50 -0.67 -23.30 -3.33
N ARG B 51 -0.10 -24.49 -3.13
CA ARG B 51 -0.75 -25.57 -2.43
C ARG B 51 -0.88 -25.36 -0.92
N LYS B 52 -0.08 -24.47 -0.32
CA LYS B 52 -0.21 -24.24 1.11
C LYS B 52 -1.39 -23.34 1.47
N PHE B 53 -1.94 -22.61 0.49
CA PHE B 53 -3.12 -21.79 0.73
C PHE B 53 -4.41 -22.54 0.43
N GLY B 54 -4.37 -23.58 -0.39
CA GLY B 54 -5.54 -24.38 -0.66
C GLY B 54 -6.47 -23.75 -1.68
N PHE B 55 -7.58 -24.43 -1.92
CA PHE B 55 -8.60 -23.94 -2.83
C PHE B 55 -9.56 -23.04 -2.06
N ASN B 56 -10.00 -21.96 -2.72
CA ASN B 56 -10.98 -21.04 -2.18
C ASN B 56 -12.38 -21.47 -2.60
N LYS B 57 -13.36 -20.58 -2.45
CA LYS B 57 -14.67 -20.83 -3.05
C LYS B 57 -14.62 -20.55 -4.55
N SER B 58 -13.83 -19.56 -4.97
CA SER B 58 -13.83 -19.06 -6.34
C SER B 58 -13.14 -19.99 -7.33
N ASP B 59 -12.27 -20.88 -6.88
CA ASP B 59 -11.51 -21.74 -7.79
C ASP B 59 -12.09 -23.14 -7.92
N TYR B 60 -13.40 -23.28 -7.79
CA TYR B 60 -14.16 -24.39 -8.37
C TYR B 60 -14.65 -23.97 -9.75
N HIS B 61 -15.66 -24.71 -10.26
CA HIS B 61 -16.00 -24.66 -11.69
C HIS B 61 -16.69 -23.36 -12.11
N LYS B 62 -17.88 -23.08 -11.57
CA LYS B 62 -18.42 -21.72 -11.70
C LYS B 62 -18.07 -20.95 -10.43
N HIS B 63 -18.72 -21.29 -9.32
CA HIS B 63 -18.26 -21.06 -7.97
C HIS B 63 -18.59 -22.22 -7.06
N ASP B 64 -19.47 -23.13 -7.48
CA ASP B 64 -19.86 -24.30 -6.72
C ASP B 64 -20.10 -25.41 -7.74
N THR B 65 -20.63 -26.55 -7.24
CA THR B 65 -20.99 -27.82 -7.89
C THR B 65 -19.83 -28.60 -8.54
N SER B 66 -20.08 -29.89 -8.78
CA SER B 66 -19.12 -30.93 -9.21
C SER B 66 -17.88 -30.97 -8.32
N LYS B 67 -18.10 -31.41 -7.07
CA LYS B 67 -17.14 -31.21 -5.98
C LYS B 67 -16.04 -32.28 -5.96
N LYS B 68 -15.27 -32.36 -7.05
CA LYS B 68 -14.04 -33.15 -7.08
C LYS B 68 -13.10 -32.50 -8.10
N ILE B 69 -12.24 -31.60 -7.62
CA ILE B 69 -11.21 -31.02 -8.47
C ILE B 69 -10.10 -32.05 -8.61
N GLU B 70 -9.81 -32.44 -9.84
CA GLU B 70 -8.85 -33.51 -10.11
C GLU B 70 -7.89 -33.07 -11.22
N ILE B 71 -6.62 -32.91 -10.87
CA ILE B 71 -5.57 -32.63 -11.85
C ILE B 71 -4.64 -33.82 -11.87
N ILE B 72 -4.52 -34.48 -13.03
CA ILE B 72 -3.69 -35.67 -13.19
C ILE B 72 -2.65 -35.38 -14.25
N LEU B 73 -1.38 -35.51 -13.90
CA LEU B 73 -0.27 -35.26 -14.81
C LEU B 73 0.38 -36.58 -15.21
N THR B 74 0.66 -36.75 -16.50
CA THR B 74 1.31 -37.95 -17.02
C THR B 74 2.71 -37.57 -17.49
N LEU B 75 3.71 -38.31 -17.01
CA LEU B 75 5.08 -38.11 -17.43
C LEU B 75 5.70 -39.39 -17.99
N ASP B 76 5.12 -40.55 -17.70
CA ASP B 76 5.16 -41.90 -18.25
C ASP B 76 6.45 -42.70 -17.98
N LEU B 77 7.53 -42.08 -17.47
CA LEU B 77 8.63 -42.67 -16.70
C LEU B 77 9.54 -43.69 -17.42
N SER B 78 9.26 -44.06 -18.66
CA SER B 78 9.80 -45.29 -19.24
C SER B 78 10.86 -45.02 -20.30
N ASN B 79 11.70 -44.01 -20.09
CA ASN B 79 12.86 -43.85 -20.97
C ASN B 79 13.96 -44.84 -20.62
N TYR B 80 14.20 -45.04 -19.30
CA TYR B 80 15.29 -45.75 -18.61
C TYR B 80 16.68 -45.51 -19.22
N GLU B 81 17.52 -46.55 -19.25
CA GLU B 81 18.89 -46.67 -19.78
C GLU B 81 19.87 -45.54 -19.46
N LYS B 82 19.64 -44.32 -19.96
CA LYS B 82 20.70 -43.31 -20.00
C LYS B 82 20.47 -42.12 -19.07
N ASP B 83 19.29 -41.50 -19.10
CA ASP B 83 19.10 -40.20 -18.47
C ASP B 83 18.93 -40.32 -16.95
N GLU B 84 19.32 -39.26 -16.25
CA GLU B 84 19.36 -39.26 -14.80
C GLU B 84 18.09 -38.73 -14.14
N ASP B 85 17.20 -38.08 -14.91
CA ASP B 85 15.92 -37.64 -14.35
C ASP B 85 14.95 -38.79 -14.19
N THR B 86 15.01 -39.75 -15.12
CA THR B 86 14.25 -40.99 -15.05
C THR B 86 14.70 -41.84 -13.86
N LYS B 87 16.02 -41.89 -13.64
CA LYS B 87 16.60 -42.60 -12.49
C LYS B 87 16.27 -41.91 -11.17
N LYS B 88 16.17 -40.57 -11.18
CA LYS B 88 15.76 -39.81 -10.00
C LYS B 88 14.31 -40.06 -9.63
N LEU B 89 13.41 -40.05 -10.62
CA LEU B 89 12.00 -40.27 -10.35
C LEU B 89 11.68 -41.73 -10.06
N ILE B 90 12.49 -42.68 -10.57
CA ILE B 90 12.27 -44.07 -10.18
C ILE B 90 12.99 -44.37 -8.85
N SER B 91 13.93 -43.51 -8.43
CA SER B 91 14.56 -43.70 -7.13
C SER B 91 13.78 -43.06 -5.98
N VAL B 92 12.90 -42.09 -6.25
CA VAL B 92 12.10 -41.52 -5.18
C VAL B 92 10.73 -42.15 -5.03
N VAL B 93 10.28 -42.96 -5.99
CA VAL B 93 8.94 -43.55 -5.96
C VAL B 93 9.26 -45.06 -5.85
N LYS B 94 10.14 -45.40 -4.90
CA LYS B 94 10.47 -46.80 -4.67
C LYS B 94 9.31 -47.60 -4.09
N GLY B 95 8.39 -46.97 -3.38
CA GLY B 95 7.25 -47.67 -2.83
C GLY B 95 6.08 -47.87 -3.79
N ALA B 96 5.67 -46.81 -4.48
CA ALA B 96 4.44 -46.82 -5.25
C ALA B 96 4.63 -47.24 -6.70
N ARG B 97 5.83 -47.66 -7.10
CA ARG B 97 6.07 -48.24 -8.41
C ARG B 97 5.76 -49.73 -8.32
N THR B 98 4.72 -50.17 -9.04
CA THR B 98 4.25 -51.54 -8.92
C THR B 98 5.16 -52.54 -9.62
N SER B 99 5.66 -52.19 -10.80
CA SER B 99 6.58 -53.05 -11.55
C SER B 99 7.46 -52.17 -12.43
N ALA B 100 8.55 -52.77 -12.91
CA ALA B 100 9.47 -52.11 -13.83
C ALA B 100 9.17 -52.44 -15.29
N ASN B 101 7.90 -52.71 -15.62
CA ASN B 101 7.50 -53.08 -16.97
C ASN B 101 6.43 -52.18 -17.56
N ALA B 102 5.55 -51.61 -16.75
CA ALA B 102 4.51 -50.71 -17.25
C ALA B 102 5.12 -49.34 -17.57
N ASP B 103 4.50 -48.65 -18.54
CA ASP B 103 5.12 -47.49 -19.17
C ASP B 103 4.28 -46.24 -19.02
N VAL B 104 3.37 -46.19 -18.05
CA VAL B 104 2.52 -45.03 -17.79
C VAL B 104 2.70 -44.66 -16.32
N PHE B 105 2.89 -43.36 -16.02
CA PHE B 105 2.96 -42.88 -14.65
C PHE B 105 2.02 -41.70 -14.46
N TYR B 106 1.41 -41.59 -13.27
CA TYR B 106 0.45 -40.55 -12.93
C TYR B 106 0.91 -39.77 -11.70
N ILE B 107 0.70 -38.45 -11.73
CA ILE B 107 0.78 -37.58 -10.56
C ILE B 107 -0.58 -36.91 -10.42
N ALA B 108 -1.32 -37.24 -9.37
CA ALA B 108 -2.72 -36.87 -9.25
C ALA B 108 -2.92 -35.76 -8.24
N LEU B 109 -4.15 -35.23 -8.21
CA LEU B 109 -4.62 -34.29 -7.21
C LEU B 109 -6.08 -34.60 -6.91
N GLU B 110 -6.47 -34.44 -5.65
CA GLU B 110 -7.87 -34.56 -5.25
C GLU B 110 -8.17 -33.50 -4.20
N SER B 111 -9.42 -33.03 -4.20
CA SER B 111 -9.91 -32.11 -3.18
C SER B 111 -11.43 -32.23 -3.10
N LYS B 112 -11.97 -32.12 -1.89
CA LYS B 112 -13.40 -32.23 -1.64
C LYS B 112 -13.81 -31.23 -0.55
N TYR B 113 -15.13 -31.18 -0.31
CA TYR B 113 -15.87 -30.46 0.75
C TYR B 113 -15.51 -28.97 0.83
N ASP B 114 -15.94 -28.23 -0.20
CA ASP B 114 -15.81 -26.78 -0.19
C ASP B 114 -16.75 -26.12 0.81
N ASP B 115 -17.93 -26.70 1.00
CA ASP B 115 -18.96 -26.09 1.85
C ASP B 115 -18.71 -26.31 3.34
N LYS B 116 -17.90 -27.30 3.70
CA LYS B 116 -17.56 -27.56 5.09
C LYS B 116 -16.14 -27.08 5.35
N GLU B 117 -15.97 -26.27 6.40
CA GLU B 117 -14.79 -25.65 7.00
C GLU B 117 -14.17 -24.54 6.14
N LEU B 118 -14.74 -24.22 4.96
CA LEU B 118 -14.31 -23.20 3.98
C LEU B 118 -12.87 -23.40 3.51
N TYR B 119 -12.49 -24.67 3.29
CA TYR B 119 -11.12 -24.98 2.92
C TYR B 119 -11.12 -26.09 1.88
N GLY B 120 -10.19 -25.97 0.93
CA GLY B 120 -10.10 -26.88 -0.20
C GLY B 120 -9.63 -28.29 0.07
N ASN B 121 -8.59 -28.45 0.90
CA ASN B 121 -7.92 -29.69 1.29
C ASN B 121 -7.39 -30.47 0.09
N ILE B 122 -6.30 -30.02 -0.50
CA ILE B 122 -5.64 -30.71 -1.60
C ILE B 122 -5.00 -32.01 -1.10
N ILE B 123 -5.38 -33.13 -1.70
CA ILE B 123 -4.72 -34.43 -1.48
C ILE B 123 -4.01 -34.82 -2.78
N LEU B 124 -2.70 -35.09 -2.71
CA LEU B 124 -1.91 -35.54 -3.85
C LEU B 124 -1.67 -37.05 -3.78
N LYS B 125 -1.75 -37.73 -4.93
CA LYS B 125 -1.62 -39.19 -4.99
C LYS B 125 -0.70 -39.60 -6.14
N TRP B 126 0.21 -40.53 -5.86
CA TRP B 126 1.01 -41.25 -6.86
C TRP B 126 0.39 -42.57 -7.28
N GLY B 127 0.45 -42.85 -8.58
CA GLY B 127 -0.02 -44.13 -9.08
C GLY B 127 0.59 -44.46 -10.43
N SER B 128 0.47 -45.73 -10.80
CA SER B 128 0.92 -46.19 -12.10
C SER B 128 -0.21 -46.26 -13.12
N GLU B 129 -1.42 -46.52 -12.65
CA GLU B 129 -2.61 -46.43 -13.50
C GLU B 129 -3.69 -45.78 -12.65
N LEU B 130 -4.91 -45.65 -13.20
CA LEU B 130 -5.97 -44.95 -12.51
C LEU B 130 -6.59 -45.82 -11.41
N ASP B 131 -6.46 -47.15 -11.52
CA ASP B 131 -6.70 -48.02 -10.38
C ASP B 131 -5.47 -48.03 -9.48
N ASN B 132 -5.71 -48.29 -8.18
CA ASN B 132 -4.71 -48.43 -7.10
C ASN B 132 -3.82 -47.19 -6.94
N LEU B 133 -4.46 -46.03 -6.90
CA LEU B 133 -3.76 -44.79 -6.58
C LEU B 133 -3.44 -44.75 -5.09
N ILE B 134 -2.20 -44.35 -4.77
CA ILE B 134 -1.64 -44.46 -3.43
C ILE B 134 -1.26 -43.04 -2.99
N ASP B 135 -1.57 -42.69 -1.74
CA ASP B 135 -1.20 -41.39 -1.16
C ASP B 135 0.30 -41.20 -1.07
N ILE B 136 0.75 -39.96 -1.22
CA ILE B 136 2.16 -39.60 -1.15
C ILE B 136 2.54 -39.45 0.32
N PRO B 137 3.53 -40.19 0.81
CA PRO B 137 3.97 -40.01 2.21
C PRO B 137 4.80 -38.74 2.38
N GLY B 138 4.41 -37.93 3.36
CA GLY B 138 5.13 -36.73 3.72
C GLY B 138 5.03 -36.50 5.21
N ARG B 139 6.12 -36.09 5.85
CA ARG B 139 6.17 -36.09 7.31
C ARG B 139 5.51 -34.85 7.89
N GLY B 140 5.95 -33.67 7.46
CA GLY B 140 5.44 -32.44 8.04
C GLY B 140 4.74 -31.54 7.05
N ASN B 141 5.34 -30.38 6.76
CA ASN B 141 4.80 -29.44 5.79
C ASN B 141 5.18 -29.77 4.36
N ILE B 142 6.10 -30.71 4.14
CA ILE B 142 6.72 -30.94 2.84
C ILE B 142 6.34 -32.33 2.36
N ASN B 143 5.78 -32.40 1.14
CA ASN B 143 5.46 -33.65 0.46
C ASN B 143 6.73 -34.28 -0.11
N ALA B 144 6.58 -35.52 -0.61
CA ALA B 144 7.68 -36.13 -1.36
C ALA B 144 7.66 -35.76 -2.83
N LEU B 145 6.62 -35.06 -3.30
CA LEU B 145 6.64 -34.47 -4.63
C LEU B 145 7.50 -33.20 -4.68
N ASP B 146 7.63 -32.51 -3.54
CA ASP B 146 8.32 -31.23 -3.51
C ASP B 146 9.83 -31.36 -3.52
N ASN B 147 10.37 -32.56 -3.26
CA ASN B 147 11.80 -32.79 -3.28
C ASN B 147 12.36 -32.96 -4.69
N VAL B 148 11.50 -33.17 -5.68
CA VAL B 148 11.90 -33.53 -7.03
C VAL B 148 11.69 -32.39 -8.01
N PHE B 149 10.49 -31.83 -8.05
CA PHE B 149 10.13 -30.81 -9.01
C PHE B 149 10.32 -29.41 -8.43
N LYS B 150 10.85 -28.51 -9.24
CA LYS B 150 11.02 -27.11 -8.86
C LYS B 150 10.32 -26.23 -9.89
N VAL B 151 9.52 -25.28 -9.41
CA VAL B 151 8.66 -24.44 -10.25
C VAL B 151 9.10 -22.99 -10.08
N ILE B 152 9.46 -22.34 -11.19
CA ILE B 152 9.82 -20.93 -11.21
C ILE B 152 8.84 -20.19 -12.11
N TYR B 153 8.14 -19.22 -11.54
CA TYR B 153 7.14 -18.43 -12.25
C TYR B 153 7.70 -17.05 -12.56
N ILE B 154 7.54 -16.61 -13.81
CA ILE B 154 8.09 -15.35 -14.29
C ILE B 154 6.94 -14.47 -14.73
N ASN B 155 6.80 -13.30 -14.12
CA ASN B 155 5.85 -12.28 -14.55
C ASN B 155 6.42 -10.90 -14.27
N PRO B 156 6.62 -10.06 -15.31
CA PRO B 156 7.13 -8.71 -15.06
C PRO B 156 6.03 -7.68 -14.94
N LYS B 281 17.22 -32.18 -8.83
CA LYS B 281 15.96 -31.49 -8.99
C LYS B 281 15.56 -31.36 -10.47
N ILE B 282 14.25 -31.36 -10.72
CA ILE B 282 13.70 -31.15 -12.05
C ILE B 282 13.13 -29.75 -12.09
N VAL B 283 13.62 -28.93 -13.02
CA VAL B 283 13.40 -27.49 -13.04
C VAL B 283 12.41 -27.19 -14.16
N ILE B 284 11.20 -26.76 -13.80
CA ILE B 284 10.11 -26.53 -14.73
C ILE B 284 9.71 -25.06 -14.66
N TYR B 285 9.74 -24.39 -15.82
CA TYR B 285 9.50 -22.96 -15.91
C TYR B 285 8.06 -22.66 -16.33
N LEU B 286 7.55 -21.51 -15.90
CA LEU B 286 6.24 -21.02 -16.32
C LEU B 286 6.35 -19.52 -16.55
N ILE B 287 6.18 -19.09 -17.80
CA ILE B 287 6.42 -17.70 -18.20
C ILE B 287 5.10 -17.12 -18.68
N GLU B 288 4.66 -16.02 -18.05
CA GLU B 288 3.45 -15.31 -18.47
C GLU B 288 3.81 -13.88 -18.84
N GLU B 289 3.51 -13.51 -20.09
CA GLU B 289 3.65 -12.20 -20.75
C GLU B 289 5.04 -11.56 -20.63
N PRO B 290 6.09 -12.10 -21.27
CA PRO B 290 7.43 -11.53 -21.06
C PRO B 290 7.76 -10.32 -21.92
N GLU B 291 6.92 -9.99 -22.91
CA GLU B 291 7.23 -8.91 -23.85
C GLU B 291 6.81 -7.53 -23.33
N ILE B 292 6.12 -7.47 -22.19
CA ILE B 292 5.86 -6.20 -21.54
C ILE B 292 7.15 -5.71 -20.90
N SER B 293 7.53 -4.45 -21.21
CA SER B 293 8.80 -3.78 -20.87
C SER B 293 10.01 -4.55 -21.35
N LEU B 294 9.98 -4.94 -22.64
CA LEU B 294 11.17 -5.42 -23.34
C LEU B 294 11.21 -4.83 -24.73
N HIS B 295 12.42 -4.64 -25.23
CA HIS B 295 12.66 -4.28 -26.61
C HIS B 295 12.42 -5.50 -27.51
N ARG B 296 12.18 -5.25 -28.79
CA ARG B 296 11.84 -6.31 -29.74
C ARG B 296 13.04 -7.20 -30.07
N SER B 297 14.24 -6.61 -30.09
CA SER B 297 15.46 -7.41 -30.24
C SER B 297 15.75 -8.23 -28.99
N MET B 298 15.33 -7.74 -27.82
CA MET B 298 15.38 -8.55 -26.61
C MET B 298 14.36 -9.69 -26.63
N GLN B 299 13.24 -9.52 -27.35
CA GLN B 299 12.30 -10.62 -27.54
C GLN B 299 12.87 -11.68 -28.49
N ILE B 300 13.62 -11.26 -29.51
CA ILE B 300 14.31 -12.21 -30.41
C ILE B 300 15.43 -12.94 -29.68
N ALA B 301 16.17 -12.23 -28.81
CA ALA B 301 17.21 -12.85 -27.98
C ALA B 301 16.63 -13.76 -26.90
N LEU B 302 15.44 -13.43 -26.39
CA LEU B 302 14.75 -14.33 -25.45
C LEU B 302 14.20 -15.57 -26.16
N SER B 303 13.82 -15.44 -27.44
CA SER B 303 13.43 -16.60 -28.24
C SER B 303 14.60 -17.54 -28.51
N LYS B 304 15.78 -16.97 -28.77
CA LYS B 304 17.00 -17.77 -28.91
C LYS B 304 17.43 -18.40 -27.58
N GLN B 305 17.18 -17.71 -26.47
CA GLN B 305 17.49 -18.30 -25.16
C GLN B 305 16.49 -19.39 -24.77
N LEU B 306 15.24 -19.29 -25.22
CA LEU B 306 14.24 -20.31 -24.91
C LEU B 306 14.44 -21.57 -25.74
N PHE B 307 14.55 -21.44 -27.07
CA PHE B 307 14.35 -22.59 -27.92
C PHE B 307 15.64 -23.29 -28.34
N GLU B 308 16.59 -22.57 -28.92
CA GLU B 308 17.81 -23.23 -29.39
C GLU B 308 18.86 -23.40 -28.30
N GLN B 309 18.67 -22.79 -27.13
CA GLN B 309 19.58 -22.97 -26.01
C GLN B 309 19.04 -24.07 -25.10
N SER B 310 19.93 -24.94 -24.63
CA SER B 310 19.55 -26.13 -23.88
C SER B 310 19.54 -25.90 -22.36
N THR B 311 19.41 -24.65 -21.91
CA THR B 311 19.23 -24.37 -20.50
C THR B 311 17.82 -24.75 -20.05
N TYR B 312 16.81 -24.35 -20.83
CA TYR B 312 15.42 -24.60 -20.50
C TYR B 312 14.99 -25.88 -21.19
N LYS B 313 14.58 -26.89 -20.40
CA LYS B 313 14.00 -28.10 -20.96
C LYS B 313 12.48 -28.06 -20.94
N TYR B 314 11.89 -27.83 -19.77
CA TYR B 314 10.45 -27.86 -19.56
C TYR B 314 9.99 -26.42 -19.33
N PHE B 315 9.15 -25.90 -20.22
CA PHE B 315 8.50 -24.63 -19.94
C PHE B 315 7.08 -24.63 -20.50
N PHE B 316 6.31 -23.65 -20.04
CA PHE B 316 4.94 -23.41 -20.45
C PHE B 316 4.81 -21.92 -20.75
N LEU B 317 5.06 -21.52 -22.00
CA LEU B 317 5.15 -20.11 -22.36
C LEU B 317 3.80 -19.57 -22.78
N SER B 318 3.42 -18.41 -22.23
CA SER B 318 2.23 -17.68 -22.65
C SER B 318 2.66 -16.30 -23.13
N THR B 319 2.25 -15.93 -24.35
CA THR B 319 2.72 -14.69 -24.95
C THR B 319 1.69 -14.16 -25.95
N HIS B 320 1.93 -12.90 -26.36
CA HIS B 320 1.12 -12.22 -27.37
C HIS B 320 1.93 -11.65 -28.52
N SER B 321 3.26 -11.69 -28.45
CA SER B 321 4.08 -11.00 -29.43
C SER B 321 4.67 -11.96 -30.45
N PRO B 322 4.76 -11.57 -31.72
CA PRO B 322 5.34 -12.46 -32.74
C PRO B 322 6.86 -12.61 -32.69
N GLU B 323 7.58 -11.74 -31.97
CA GLU B 323 9.04 -11.74 -32.01
C GLU B 323 9.66 -12.82 -31.12
N LEU B 324 8.87 -13.46 -30.26
CA LEU B 324 9.33 -14.57 -29.44
C LEU B 324 9.20 -15.92 -30.13
N LEU B 325 8.72 -15.94 -31.37
CA LEU B 325 8.48 -17.17 -32.10
C LEU B 325 9.30 -17.26 -33.39
N TYR B 326 10.38 -16.47 -33.50
CA TYR B 326 11.19 -16.47 -34.71
C TYR B 326 12.07 -17.72 -34.82
N GLU B 327 12.69 -18.13 -33.72
CA GLU B 327 13.54 -19.31 -33.68
C GLU B 327 12.78 -20.34 -32.86
N MET B 328 12.40 -21.45 -33.49
CA MET B 328 11.32 -22.27 -32.94
C MET B 328 11.40 -23.67 -33.53
N ASP B 329 11.60 -24.68 -32.68
CA ASP B 329 11.75 -26.06 -33.12
C ASP B 329 11.38 -26.99 -31.97
N ASN B 330 10.68 -28.08 -32.32
CA ASN B 330 10.24 -29.18 -31.43
C ASN B 330 9.35 -28.68 -30.30
N THR B 331 8.19 -28.15 -30.67
CA THR B 331 7.37 -27.36 -29.78
C THR B 331 5.92 -27.78 -29.90
N ARG B 332 5.33 -28.21 -28.79
CA ARG B 332 3.91 -28.49 -28.76
C ARG B 332 3.14 -27.18 -28.56
N LEU B 333 2.17 -26.93 -29.43
CA LEU B 333 1.44 -25.66 -29.44
C LEU B 333 0.03 -25.87 -28.94
N ILE B 334 -0.37 -25.08 -27.96
CA ILE B 334 -1.71 -25.10 -27.39
C ILE B 334 -2.36 -23.77 -27.74
N ARG B 335 -3.41 -23.81 -28.54
CA ARG B 335 -4.21 -22.64 -28.82
C ARG B 335 -5.44 -22.68 -27.93
N VAL B 336 -5.64 -21.64 -27.13
CA VAL B 336 -6.81 -21.53 -26.28
C VAL B 336 -7.84 -20.68 -27.02
N HIS B 337 -9.04 -21.23 -27.20
CA HIS B 337 -10.07 -20.56 -27.97
C HIS B 337 -10.71 -19.45 -27.14
N SER B 338 -11.35 -18.51 -27.84
CA SER B 338 -11.95 -17.34 -27.21
C SER B 338 -13.29 -17.64 -26.56
N THR B 339 -13.90 -18.78 -26.85
CA THR B 339 -15.21 -19.13 -26.33
C THR B 339 -15.11 -19.65 -24.88
N GLU B 340 -16.27 -19.89 -24.29
CA GLU B 340 -16.35 -20.20 -22.86
C GLU B 340 -16.01 -21.66 -22.57
N LYS B 341 -16.13 -22.56 -23.55
CA LYS B 341 -15.93 -23.98 -23.29
C LYS B 341 -14.47 -24.40 -23.26
N VAL B 342 -13.53 -23.48 -23.58
CA VAL B 342 -12.07 -23.41 -23.35
C VAL B 342 -11.36 -24.66 -23.91
N VAL B 343 -11.87 -25.19 -25.04
CA VAL B 343 -11.25 -26.35 -25.67
C VAL B 343 -9.98 -25.93 -26.40
N CYS B 344 -8.99 -26.82 -26.37
CA CYS B 344 -7.63 -26.50 -26.78
C CYS B 344 -7.21 -27.37 -27.96
N SER B 345 -6.50 -26.75 -28.89
CA SER B 345 -5.96 -27.44 -30.05
C SER B 345 -4.49 -27.73 -29.79
N SER B 346 -4.12 -29.00 -29.77
CA SER B 346 -2.77 -29.44 -29.44
C SER B 346 -2.10 -29.98 -30.69
N HIS B 347 -1.11 -29.26 -31.20
CA HIS B 347 -0.41 -29.63 -32.42
C HIS B 347 1.09 -29.56 -32.21
N MET B 348 1.79 -30.64 -32.56
CA MET B 348 3.25 -30.65 -32.52
C MET B 348 3.79 -29.91 -33.73
N TYR B 349 4.74 -29.00 -33.48
CA TYR B 349 5.31 -28.17 -34.55
C TYR B 349 6.76 -28.60 -34.77
N ASN B 350 6.98 -29.31 -35.88
CA ASN B 350 8.31 -29.73 -36.30
C ASN B 350 8.60 -29.18 -37.68
N VAL B 351 9.85 -28.76 -37.90
CA VAL B 351 10.26 -28.26 -39.20
C VAL B 351 11.18 -29.26 -39.88
N VAL B 358 13.97 -22.62 -46.16
CA VAL B 358 14.53 -21.73 -45.16
C VAL B 358 13.53 -21.57 -44.03
N LYS B 359 13.94 -21.96 -42.82
CA LYS B 359 13.04 -21.99 -41.67
C LYS B 359 12.84 -20.61 -41.04
N LYS B 360 13.86 -19.75 -41.10
CA LYS B 360 13.87 -18.51 -40.33
C LYS B 360 12.95 -17.45 -40.95
N LYS B 361 12.99 -17.29 -42.28
CA LYS B 361 12.08 -16.36 -42.93
C LYS B 361 10.66 -16.92 -43.04
N LEU B 362 10.51 -18.25 -42.98
CA LEU B 362 9.18 -18.85 -42.91
C LEU B 362 8.53 -18.60 -41.54
N ASN B 363 9.32 -18.69 -40.47
CA ASN B 363 8.79 -18.36 -39.15
C ASN B 363 8.61 -16.86 -38.96
N LYS B 364 9.42 -16.03 -39.65
CA LYS B 364 9.21 -14.58 -39.61
C LYS B 364 7.98 -14.16 -40.40
N ALA B 365 7.64 -14.90 -41.47
CA ALA B 365 6.39 -14.66 -42.17
C ALA B 365 5.20 -15.18 -41.39
N LEU B 366 5.34 -16.32 -40.72
CA LEU B 366 4.23 -16.97 -40.01
C LEU B 366 4.09 -16.54 -38.57
N SER B 367 4.95 -15.65 -38.06
CA SER B 367 4.93 -15.29 -36.64
C SER B 367 3.73 -14.44 -36.27
N SER B 368 3.26 -13.58 -37.16
CA SER B 368 2.01 -12.86 -36.91
C SER B 368 0.79 -13.67 -37.33
N ALA B 369 0.98 -14.77 -38.06
CA ALA B 369 -0.13 -15.61 -38.50
C ALA B 369 -0.40 -16.79 -37.59
N LEU B 370 0.53 -17.12 -36.67
CA LEU B 370 0.26 -18.12 -35.64
C LEU B 370 -0.74 -17.67 -34.59
N PHE B 371 -0.92 -16.36 -34.41
CA PHE B 371 -1.88 -15.81 -33.46
C PHE B 371 -3.26 -15.63 -34.06
N ALA B 372 -3.46 -16.02 -35.32
CA ALA B 372 -4.73 -15.87 -36.02
C ALA B 372 -5.25 -17.24 -36.45
N GLU B 373 -6.58 -17.38 -36.47
CA GLU B 373 -7.16 -18.66 -36.87
C GLU B 373 -7.65 -18.62 -38.31
N ARG B 374 -7.86 -17.43 -38.87
CA ARG B 374 -8.28 -17.27 -40.26
C ARG B 374 -7.26 -16.39 -40.97
N VAL B 375 -6.51 -16.99 -41.90
CA VAL B 375 -5.40 -16.34 -42.59
C VAL B 375 -5.71 -16.27 -44.08
N LEU B 376 -5.73 -15.06 -44.63
CA LEU B 376 -5.88 -14.86 -46.06
C LEU B 376 -4.50 -14.85 -46.70
N LEU B 377 -4.33 -15.63 -47.77
CA LEU B 377 -3.06 -15.74 -48.47
C LEU B 377 -3.18 -14.98 -49.79
N ILE B 378 -2.72 -13.74 -49.78
CA ILE B 378 -2.68 -12.89 -50.98
C ILE B 378 -1.24 -12.84 -51.48
N GLU B 379 -1.07 -12.25 -52.66
CA GLU B 379 0.21 -12.35 -53.35
C GLU B 379 0.97 -11.03 -53.48
N GLY B 380 0.35 -9.88 -53.23
CA GLY B 380 1.02 -8.63 -53.47
C GLY B 380 0.67 -7.51 -52.51
N PRO B 381 1.49 -6.43 -52.50
CA PRO B 381 1.21 -5.30 -51.60
C PRO B 381 0.09 -4.39 -52.09
N SER B 382 -0.13 -4.32 -53.41
CA SER B 382 -1.24 -3.57 -53.96
C SER B 382 -2.57 -4.23 -53.64
N GLU B 383 -2.61 -5.55 -53.66
CA GLU B 383 -3.77 -6.31 -53.20
C GLU B 383 -3.95 -6.26 -51.69
N LYS B 384 -2.89 -6.00 -50.92
CA LYS B 384 -3.03 -5.77 -49.50
C LYS B 384 -3.62 -4.39 -49.21
N ILE B 385 -3.13 -3.34 -49.89
CA ILE B 385 -3.64 -2.00 -49.64
C ILE B 385 -4.97 -1.73 -50.33
N LEU B 386 -5.38 -2.57 -51.28
CA LEU B 386 -6.77 -2.55 -51.72
C LEU B 386 -7.70 -3.07 -50.63
N PHE B 387 -7.37 -4.22 -50.04
CA PHE B 387 -8.23 -4.86 -49.07
C PHE B 387 -8.20 -4.21 -47.70
N GLU B 388 -7.15 -3.44 -47.39
CA GLU B 388 -6.99 -2.87 -46.05
C GLU B 388 -7.97 -1.72 -45.78
N LYS B 389 -8.15 -0.82 -46.75
CA LYS B 389 -9.13 0.27 -46.64
C LYS B 389 -10.56 -0.24 -46.68
N VAL B 390 -10.82 -1.24 -47.52
CA VAL B 390 -12.16 -1.85 -47.67
C VAL B 390 -12.52 -2.64 -46.42
N LEU B 391 -11.55 -3.30 -45.79
CA LEU B 391 -11.80 -4.00 -44.54
C LEU B 391 -11.92 -3.04 -43.36
N ASP B 392 -11.15 -1.95 -43.34
CA ASP B 392 -11.25 -0.99 -42.23
C ASP B 392 -12.49 -0.10 -42.32
N GLU B 393 -13.06 0.10 -43.51
CA GLU B 393 -14.27 0.92 -43.60
C GLU B 393 -15.54 0.16 -43.27
N VAL B 394 -15.48 -1.17 -43.15
CA VAL B 394 -16.64 -1.95 -42.75
C VAL B 394 -16.64 -2.07 -41.23
N GLU B 395 -15.59 -2.65 -40.66
CA GLU B 395 -15.52 -2.86 -39.22
C GLU B 395 -14.06 -2.94 -38.79
N PRO B 396 -13.73 -2.49 -37.58
CA PRO B 396 -12.43 -2.84 -36.98
C PRO B 396 -12.46 -4.12 -36.16
N GLU B 397 -13.54 -4.91 -36.26
CA GLU B 397 -13.74 -6.09 -35.41
C GLU B 397 -12.88 -7.27 -35.85
N TYR B 398 -12.43 -7.29 -37.11
CA TYR B 398 -11.74 -8.46 -37.66
C TYR B 398 -10.32 -8.61 -37.12
N GLU B 399 -9.70 -7.50 -36.70
CA GLU B 399 -8.44 -7.61 -35.98
C GLU B 399 -8.65 -8.13 -34.57
N LEU B 400 -9.77 -7.75 -33.94
CA LEU B 400 -10.12 -8.27 -32.62
C LEU B 400 -10.65 -9.70 -32.69
N ASN B 401 -11.27 -10.08 -33.80
CA ASN B 401 -11.81 -11.44 -33.92
C ASN B 401 -10.70 -12.45 -34.17
N GLY B 402 -9.66 -12.07 -34.91
CA GLY B 402 -8.60 -13.01 -35.23
C GLY B 402 -8.34 -13.18 -36.70
N GLY B 403 -8.64 -12.15 -37.49
CA GLY B 403 -8.31 -12.19 -38.91
C GLY B 403 -6.96 -11.55 -39.20
N PHE B 404 -6.34 -12.01 -40.28
CA PHE B 404 -5.00 -11.57 -40.65
C PHE B 404 -4.82 -11.73 -42.16
N LEU B 405 -4.19 -10.75 -42.79
CA LEU B 405 -3.84 -10.79 -44.20
C LEU B 405 -2.35 -11.08 -44.33
N LEU B 406 -2.01 -12.23 -44.88
CA LEU B 406 -0.62 -12.64 -45.08
C LEU B 406 -0.30 -12.53 -46.57
N GLU B 407 0.55 -11.58 -46.92
CA GLU B 407 1.02 -11.45 -48.29
C GLU B 407 2.22 -12.36 -48.52
N VAL B 408 2.25 -13.00 -49.67
CA VAL B 408 3.29 -13.96 -50.01
C VAL B 408 4.45 -13.30 -50.73
N GLY B 409 4.17 -12.50 -51.76
CA GLY B 409 5.20 -11.96 -52.61
C GLY B 409 5.42 -12.74 -53.89
N GLY B 410 4.48 -13.58 -54.27
CA GLY B 410 4.61 -14.38 -55.47
C GLY B 410 3.50 -15.41 -55.51
N THR B 411 3.51 -16.20 -56.57
CA THR B 411 2.53 -17.26 -56.75
C THR B 411 3.10 -18.61 -56.29
N TYR B 412 3.48 -18.66 -55.02
CA TYR B 412 3.94 -19.91 -54.39
C TYR B 412 3.14 -20.08 -53.10
N PHE B 413 2.26 -21.07 -53.09
CA PHE B 413 1.35 -21.27 -51.98
C PHE B 413 1.52 -22.61 -51.29
N ASN B 414 2.25 -23.55 -51.89
CA ASN B 414 2.40 -24.88 -51.33
C ASN B 414 3.36 -24.93 -50.16
N HIS B 415 4.26 -23.95 -50.05
CA HIS B 415 5.17 -23.91 -48.91
C HIS B 415 4.53 -23.31 -47.66
N TYR B 416 3.37 -22.67 -47.81
CA TYR B 416 2.67 -22.11 -46.65
C TYR B 416 1.63 -23.08 -46.12
N VAL B 417 0.90 -23.75 -47.01
CA VAL B 417 -0.17 -24.66 -46.59
C VAL B 417 0.36 -25.99 -46.07
N CYS B 418 1.61 -26.34 -46.34
CA CYS B 418 2.22 -27.51 -45.69
C CYS B 418 2.52 -27.25 -44.23
N THR B 419 2.72 -25.99 -43.84
CA THR B 419 2.85 -25.66 -42.43
C THR B 419 1.49 -25.37 -41.79
N LEU B 420 0.54 -24.82 -42.56
CA LEU B 420 -0.81 -24.63 -42.03
C LEU B 420 -1.61 -25.93 -41.93
N ASN B 421 -1.23 -26.99 -42.65
CA ASN B 421 -1.88 -28.28 -42.48
C ASN B 421 -1.44 -28.94 -41.17
N ASP B 422 -0.17 -28.79 -40.81
CA ASP B 422 0.31 -29.31 -39.53
C ASP B 422 -0.17 -28.47 -38.36
N LEU B 423 -0.35 -27.16 -38.56
CA LEU B 423 -0.92 -26.31 -37.53
C LEU B 423 -2.42 -26.49 -37.41
N GLY B 424 -3.11 -26.79 -38.51
CA GLY B 424 -4.55 -26.80 -38.50
C GLY B 424 -5.19 -25.46 -38.74
N ILE B 425 -4.40 -24.44 -39.08
CA ILE B 425 -4.95 -23.14 -39.45
C ILE B 425 -5.55 -23.22 -40.84
N THR B 426 -6.80 -22.77 -40.97
CA THR B 426 -7.50 -22.83 -42.26
C THR B 426 -6.98 -21.75 -43.19
N HIS B 427 -6.52 -22.16 -44.36
CA HIS B 427 -5.96 -21.24 -45.34
C HIS B 427 -7.04 -20.73 -46.28
N ILE B 428 -7.02 -19.42 -46.54
CA ILE B 428 -7.87 -18.81 -47.55
C ILE B 428 -6.93 -18.24 -48.62
N ILE B 429 -7.13 -18.65 -49.87
CA ILE B 429 -6.15 -18.45 -50.93
C ILE B 429 -6.85 -17.73 -52.09
N LYS B 430 -6.28 -16.60 -52.51
CA LYS B 430 -6.71 -15.85 -53.69
C LYS B 430 -5.62 -15.93 -54.75
N THR B 431 -5.93 -16.52 -55.90
CA THR B 431 -5.01 -16.62 -57.02
C THR B 431 -5.63 -16.05 -58.28
N ASP B 432 -4.77 -15.77 -59.26
CA ASP B 432 -5.16 -15.33 -60.59
C ASP B 432 -4.56 -16.27 -61.61
N ASN B 433 -5.36 -16.68 -62.61
CA ASN B 433 -4.88 -17.58 -63.64
C ASN B 433 -4.13 -16.81 -64.73
N ASP B 434 -3.11 -17.44 -65.29
CA ASP B 434 -2.24 -16.80 -66.27
C ASP B 434 -1.97 -17.77 -67.42
N LEU B 435 -1.20 -17.29 -68.40
CA LEU B 435 -0.79 -18.07 -69.56
C LEU B 435 0.72 -18.02 -69.72
N LYS B 436 1.28 -19.10 -70.25
CA LYS B 436 2.72 -19.19 -70.48
C LYS B 436 2.96 -20.03 -71.74
N SER B 437 3.86 -19.55 -72.60
CA SER B 437 4.29 -20.34 -73.75
C SER B 437 5.19 -21.47 -73.29
N LYS B 438 5.11 -22.60 -73.99
CA LYS B 438 5.95 -23.74 -73.68
C LYS B 438 7.36 -23.51 -74.22
N LYS B 439 8.35 -23.96 -73.45
CA LYS B 439 9.75 -23.69 -73.77
C LYS B 439 10.29 -24.60 -74.88
N GLY B 440 9.62 -25.70 -75.19
CA GLY B 440 10.10 -26.62 -76.19
C GLY B 440 9.14 -26.80 -77.34
N LYS B 441 7.88 -26.44 -77.12
CA LYS B 441 6.84 -26.51 -78.15
C LYS B 441 6.34 -25.10 -78.43
N LYS B 442 6.27 -24.74 -79.70
CA LYS B 442 5.87 -23.42 -80.14
C LYS B 442 4.46 -23.47 -80.72
N GLY B 443 3.58 -22.61 -80.22
CA GLY B 443 2.23 -22.50 -80.70
C GLY B 443 1.17 -22.97 -79.70
N VAL B 444 1.57 -23.70 -78.67
CA VAL B 444 0.66 -24.20 -77.65
C VAL B 444 1.04 -23.56 -76.32
N TYR B 445 0.03 -23.16 -75.55
CA TYR B 445 0.24 -22.45 -74.29
C TYR B 445 -0.09 -23.37 -73.12
N GLU B 446 0.67 -23.20 -72.02
CA GLU B 446 0.49 -23.98 -70.81
C GLU B 446 -0.12 -23.08 -69.74
N LEU B 447 -1.21 -23.53 -69.13
CA LEU B 447 -1.88 -22.77 -68.09
C LEU B 447 -1.09 -22.84 -66.79
N LEU B 448 -0.77 -21.68 -66.22
CA LEU B 448 0.00 -21.63 -64.98
C LEU B 448 -0.90 -21.64 -63.75
N GLY B 449 -1.94 -20.80 -63.75
CA GLY B 449 -2.76 -20.60 -62.57
C GLY B 449 -3.73 -21.74 -62.28
N LEU B 450 -4.09 -22.51 -63.30
CA LEU B 450 -4.93 -23.68 -63.07
C LEU B 450 -4.12 -24.89 -62.64
N ASN B 451 -2.92 -25.06 -63.19
CA ASN B 451 -2.04 -26.14 -62.75
C ASN B 451 -1.45 -25.87 -61.36
N ARG B 452 -1.30 -24.59 -61.01
CA ARG B 452 -0.89 -24.18 -59.67
C ARG B 452 -1.98 -24.50 -58.63
N CYS B 453 -3.25 -24.33 -59.01
CA CYS B 453 -4.34 -24.75 -58.15
C CYS B 453 -4.52 -26.27 -58.13
N LEU B 454 -4.14 -26.96 -59.21
CA LEU B 454 -4.17 -28.42 -59.21
C LEU B 454 -3.07 -29.02 -58.35
N ASN B 455 -1.92 -28.34 -58.25
CA ASN B 455 -0.81 -28.86 -57.46
C ASN B 455 -1.02 -28.73 -55.95
N LEU B 456 -1.94 -27.86 -55.51
CA LEU B 456 -2.23 -27.76 -54.08
C LEU B 456 -3.08 -28.94 -53.60
N LEU B 457 -3.95 -29.47 -54.46
CA LEU B 457 -4.74 -30.64 -54.12
C LEU B 457 -4.06 -31.95 -54.52
N GLY B 458 -2.96 -31.89 -55.25
CA GLY B 458 -2.26 -33.09 -55.66
C GLY B 458 -2.92 -33.87 -56.77
N ARG B 459 -3.78 -33.24 -57.56
CA ARG B 459 -4.50 -33.93 -58.61
C ARG B 459 -3.65 -34.01 -59.88
N GLU B 460 -4.21 -34.65 -60.91
CA GLU B 460 -3.56 -34.75 -62.20
C GLU B 460 -3.65 -33.41 -62.93
N ASN B 461 -2.53 -32.97 -63.49
CA ASN B 461 -2.49 -31.71 -64.23
C ASN B 461 -3.21 -31.83 -65.56
N LEU B 462 -3.94 -30.78 -65.92
CA LEU B 462 -4.74 -30.79 -67.15
C LEU B 462 -3.86 -30.59 -68.37
N ASP B 463 -4.37 -31.03 -69.52
CA ASP B 463 -3.64 -31.00 -70.78
C ASP B 463 -3.58 -29.58 -71.33
N GLU B 464 -2.59 -29.36 -72.18
CA GLU B 464 -2.34 -28.04 -72.73
C GLU B 464 -3.34 -27.71 -73.85
N ILE B 465 -3.57 -26.42 -74.04
CA ILE B 465 -4.54 -25.91 -75.00
C ILE B 465 -3.78 -25.05 -76.01
N THR B 466 -3.95 -25.35 -77.30
CA THR B 466 -3.31 -24.62 -78.38
C THR B 466 -3.92 -23.24 -78.53
N ILE B 467 -3.12 -22.20 -78.29
CA ILE B 467 -3.55 -20.82 -78.38
C ILE B 467 -2.79 -20.18 -79.54
N ASP B 468 -3.54 -19.66 -80.52
CA ASP B 468 -2.95 -19.12 -81.75
C ASP B 468 -2.81 -17.61 -81.64
N ILE B 469 -1.61 -17.12 -81.93
CA ILE B 469 -1.32 -15.69 -81.91
C ILE B 469 -0.65 -15.35 -83.24
N PRO B 470 -1.24 -14.48 -84.07
CA PRO B 470 -0.52 -14.00 -85.25
C PRO B 470 0.62 -13.06 -84.89
N GLU B 471 1.68 -13.11 -85.68
CA GLU B 471 2.92 -12.40 -85.37
C GLU B 471 2.85 -10.91 -85.65
N ASP B 472 1.91 -10.47 -86.49
CA ASP B 472 1.83 -9.05 -86.85
C ASP B 472 1.13 -8.22 -85.80
N ILE B 473 0.42 -8.84 -84.86
CA ILE B 473 -0.34 -8.11 -83.84
C ILE B 473 0.49 -8.09 -82.57
N LYS B 474 0.92 -6.89 -82.16
CA LYS B 474 1.74 -6.70 -80.97
C LYS B 474 1.11 -5.68 -80.04
N GLY B 475 1.83 -5.29 -78.99
CA GLY B 475 1.36 -4.28 -78.08
C GLY B 475 0.30 -4.81 -77.10
N LYS B 476 -0.63 -3.93 -76.75
CA LYS B 476 -1.73 -4.30 -75.88
C LYS B 476 -2.91 -4.91 -76.63
N LYS B 477 -2.85 -4.93 -77.97
CA LYS B 477 -3.92 -5.54 -78.76
C LYS B 477 -3.86 -7.06 -78.70
N LYS B 478 -2.67 -7.62 -78.44
CA LYS B 478 -2.54 -9.04 -78.17
C LYS B 478 -3.17 -9.40 -76.82
N LYS B 479 -3.01 -8.52 -75.83
CA LYS B 479 -3.52 -8.76 -74.48
C LYS B 479 -5.04 -8.67 -74.40
N GLU B 480 -5.65 -7.85 -75.25
CA GLU B 480 -7.11 -7.75 -75.33
C GLU B 480 -7.75 -9.02 -75.91
N ARG B 481 -7.05 -9.72 -76.79
CA ARG B 481 -7.51 -11.04 -77.21
C ARG B 481 -7.11 -12.14 -76.22
N LEU B 482 -6.01 -11.94 -75.49
CA LEU B 482 -5.57 -12.93 -74.50
C LEU B 482 -6.48 -12.97 -73.28
N ASN B 483 -7.10 -11.84 -72.92
CA ASN B 483 -8.12 -11.84 -71.87
C ASN B 483 -9.37 -12.60 -72.29
N GLU B 484 -9.77 -12.48 -73.57
CA GLU B 484 -10.88 -13.26 -74.10
C GLU B 484 -10.55 -14.74 -74.24
N ARG B 485 -9.28 -15.08 -74.53
CA ARG B 485 -8.88 -16.48 -74.55
C ARG B 485 -8.80 -17.07 -73.15
N LYS B 486 -8.42 -16.27 -72.14
CA LYS B 486 -8.51 -16.72 -70.75
C LYS B 486 -9.95 -16.88 -70.27
N LYS B 487 -10.87 -16.03 -70.75
CA LYS B 487 -12.29 -16.21 -70.47
C LYS B 487 -12.86 -17.44 -71.17
N GLU B 488 -12.38 -17.76 -72.38
CA GLU B 488 -12.78 -18.99 -73.06
C GLU B 488 -12.17 -20.24 -72.44
N ILE B 489 -11.00 -20.10 -71.80
CA ILE B 489 -10.46 -21.18 -70.98
C ILE B 489 -11.30 -21.38 -69.72
N PHE B 490 -11.70 -20.26 -69.09
CA PHE B 490 -12.49 -20.26 -67.85
C PHE B 490 -13.92 -20.73 -68.06
N LYS B 491 -14.46 -20.61 -69.27
CA LYS B 491 -15.79 -21.12 -69.57
C LYS B 491 -15.82 -22.66 -69.62
N GLN B 492 -14.85 -23.25 -70.31
CA GLN B 492 -14.87 -24.69 -70.56
C GLN B 492 -14.16 -25.49 -69.47
N TYR B 493 -13.66 -24.85 -68.42
CA TYR B 493 -13.11 -25.53 -67.26
C TYR B 493 -13.81 -25.07 -65.99
N LYS B 494 -15.13 -24.86 -66.08
CA LYS B 494 -15.90 -24.30 -64.96
C LYS B 494 -16.12 -25.31 -63.85
N ASN B 495 -16.14 -26.61 -64.20
CA ASN B 495 -16.26 -27.68 -63.21
C ASN B 495 -15.00 -27.80 -62.35
N GLU B 496 -13.83 -27.51 -62.93
CA GLU B 496 -12.57 -27.53 -62.20
C GLU B 496 -12.46 -26.37 -61.20
N VAL B 497 -12.89 -25.17 -61.60
CA VAL B 497 -12.90 -24.02 -60.69
C VAL B 497 -14.00 -24.16 -59.65
N GLY B 498 -15.10 -24.86 -59.98
CA GLY B 498 -16.09 -25.22 -58.97
C GLY B 498 -15.59 -26.23 -57.95
N GLU B 499 -14.77 -27.19 -58.39
CA GLU B 499 -14.08 -28.08 -57.46
C GLU B 499 -13.00 -27.38 -56.65
N PHE B 500 -12.38 -26.33 -57.21
CA PHE B 500 -11.42 -25.52 -56.46
C PHE B 500 -12.09 -24.69 -55.38
N LEU B 501 -13.19 -24.01 -55.73
CA LEU B 501 -13.91 -23.16 -54.80
C LEU B 501 -14.76 -23.96 -53.80
N GLY B 502 -15.05 -25.22 -54.12
CA GLY B 502 -15.57 -26.13 -53.11
C GLY B 502 -14.55 -26.51 -52.05
N GLU B 503 -13.26 -26.47 -52.40
CA GLU B 503 -12.16 -26.53 -51.44
C GLU B 503 -11.82 -25.08 -51.06
N ARG B 504 -10.70 -24.85 -50.38
CA ARG B 504 -10.40 -23.56 -49.78
C ARG B 504 -9.61 -22.62 -50.69
N ILE B 505 -9.57 -22.86 -52.00
CA ILE B 505 -8.83 -21.99 -52.92
C ILE B 505 -9.81 -21.28 -53.86
N TYR B 506 -9.56 -19.99 -54.09
CA TYR B 506 -10.42 -19.15 -54.91
C TYR B 506 -9.63 -18.62 -56.09
N LEU B 507 -10.26 -18.65 -57.26
CA LEU B 507 -9.61 -18.26 -58.52
C LEU B 507 -10.36 -17.13 -59.19
N SER B 508 -9.61 -16.14 -59.69
CA SER B 508 -10.23 -14.97 -60.36
C SER B 508 -10.45 -15.28 -61.85
N GLU B 509 -11.35 -14.55 -62.50
CA GLU B 509 -11.62 -14.76 -63.95
C GLU B 509 -10.32 -14.55 -64.73
N ILE B 510 -9.65 -13.41 -64.53
CA ILE B 510 -8.35 -13.13 -65.21
C ILE B 510 -7.40 -12.48 -64.19
N ASP B 511 -7.71 -11.24 -63.78
CA ASP B 511 -6.85 -10.51 -62.81
C ASP B 511 -7.74 -9.78 -61.79
N LEU B 512 -7.17 -9.46 -60.62
CA LEU B 512 -7.96 -8.78 -59.55
C LEU B 512 -8.50 -7.44 -60.08
N GLU B 513 -7.76 -6.77 -60.95
CA GLU B 513 -8.19 -5.47 -61.46
C GLU B 513 -9.42 -5.55 -62.36
N ASN B 514 -9.64 -6.69 -63.03
CA ASN B 514 -10.80 -6.82 -63.91
C ASN B 514 -12.11 -6.98 -63.13
N ASP B 515 -12.13 -7.80 -62.08
CA ASP B 515 -13.31 -7.81 -61.23
C ASP B 515 -13.26 -6.76 -60.12
N LEU B 516 -12.18 -5.98 -60.03
CA LEU B 516 -12.28 -4.68 -59.38
C LEU B 516 -13.08 -3.71 -60.25
N TYR B 517 -12.83 -3.71 -61.56
CA TYR B 517 -13.55 -2.88 -62.51
C TYR B 517 -14.99 -3.33 -62.73
N SER B 518 -15.27 -4.62 -62.54
CA SER B 518 -16.59 -5.17 -62.84
C SER B 518 -17.65 -4.80 -61.79
N ALA B 519 -17.25 -4.33 -60.61
CA ALA B 519 -18.21 -3.96 -59.57
C ALA B 519 -17.99 -2.59 -58.95
N ILE B 520 -16.84 -1.96 -59.19
CA ILE B 520 -16.56 -0.62 -58.70
C ILE B 520 -16.41 0.37 -59.85
N GLY B 521 -15.84 -0.09 -60.97
CA GLY B 521 -15.37 0.69 -62.11
C GLY B 521 -16.25 1.69 -62.85
N GLU B 522 -17.55 1.74 -62.53
CA GLU B 522 -18.35 2.89 -62.92
C GLU B 522 -18.05 4.11 -62.06
N SER B 523 -17.49 3.92 -60.86
CA SER B 523 -16.99 5.00 -60.02
C SER B 523 -15.49 5.23 -60.16
N MET B 524 -14.81 4.45 -61.00
CA MET B 524 -13.39 4.65 -61.25
C MET B 524 -13.11 5.60 -62.40
N LYS B 525 -14.13 6.01 -63.14
CA LYS B 525 -13.94 6.96 -64.24
C LYS B 525 -14.07 8.41 -63.80
N ARG B 526 -14.72 8.66 -62.66
CA ARG B 526 -14.86 10.02 -62.15
C ARG B 526 -13.64 10.52 -61.40
N ILE B 527 -12.69 9.64 -61.09
CA ILE B 527 -11.49 10.05 -60.38
C ILE B 527 -10.21 9.86 -61.23
N PHE B 528 -10.17 8.91 -62.16
CA PHE B 528 -9.04 8.79 -63.07
C PHE B 528 -9.10 9.78 -64.21
N GLU B 529 -10.32 10.22 -64.56
CA GLU B 529 -10.67 11.04 -65.75
C GLU B 529 -10.16 10.43 -67.05
N ASN B 530 -10.33 9.11 -67.18
CA ASN B 530 -9.84 8.35 -68.31
C ASN B 530 -10.96 7.50 -68.87
N GLU B 531 -10.82 7.14 -70.16
CA GLU B 531 -11.85 6.34 -70.83
C GLU B 531 -11.80 4.89 -70.36
N ASP B 532 -10.61 4.31 -70.29
CA ASP B 532 -10.45 2.93 -69.85
C ASP B 532 -9.63 2.89 -68.56
N PRO B 533 -10.24 2.65 -67.39
CA PRO B 533 -9.45 2.57 -66.15
C PRO B 533 -8.65 1.29 -65.99
N VAL B 534 -8.93 0.25 -66.78
CA VAL B 534 -8.13 -0.98 -66.74
C VAL B 534 -6.75 -0.73 -67.34
N HIS B 535 -6.69 -0.01 -68.46
CA HIS B 535 -5.42 0.32 -69.12
C HIS B 535 -4.63 1.34 -68.30
N TYR B 536 -5.32 2.23 -67.57
CA TYR B 536 -4.65 3.19 -66.71
C TYR B 536 -4.07 2.56 -65.45
N LEU B 537 -4.60 1.41 -65.02
CA LEU B 537 -4.15 0.76 -63.80
C LEU B 537 -3.16 -0.37 -64.06
N GLN B 538 -3.18 -0.99 -65.24
CA GLN B 538 -2.22 -2.06 -65.54
C GLN B 538 -0.82 -1.53 -65.85
N LYS B 539 -0.70 -0.26 -66.24
CA LYS B 539 0.62 0.32 -66.43
C LYS B 539 1.30 0.61 -65.09
N SER B 540 0.56 1.15 -64.13
CA SER B 540 1.06 1.45 -62.80
C SER B 540 0.18 0.71 -61.80
N LYS B 541 0.63 -0.50 -61.43
CA LYS B 541 -0.19 -1.40 -60.62
C LYS B 541 -0.26 -0.97 -59.16
N LEU B 542 0.85 -0.44 -58.63
CA LEU B 542 0.87 0.07 -57.25
C LEU B 542 0.73 1.58 -57.18
N PHE B 543 1.22 2.31 -58.18
CA PHE B 543 1.25 3.77 -58.16
C PHE B 543 -0.12 4.40 -58.34
N ASN B 544 -1.00 3.79 -59.13
CA ASN B 544 -2.38 4.23 -59.25
C ASN B 544 -3.32 3.52 -58.29
N MET B 545 -2.81 2.54 -57.53
CA MET B 545 -3.63 1.89 -56.51
C MET B 545 -3.81 2.77 -55.29
N VAL B 546 -2.84 3.66 -55.02
CA VAL B 546 -2.94 4.58 -53.89
C VAL B 546 -3.81 5.79 -54.23
N GLU B 547 -4.16 5.97 -55.52
CA GLU B 547 -5.13 6.98 -55.92
C GLU B 547 -6.54 6.61 -55.48
N LEU B 548 -6.83 5.30 -55.35
CA LEU B 548 -8.10 4.87 -54.78
C LEU B 548 -8.13 4.97 -53.26
N VAL B 549 -6.97 5.07 -52.59
CA VAL B 549 -6.94 4.98 -51.14
C VAL B 549 -7.29 6.33 -50.50
N ASN B 550 -6.79 7.44 -51.05
CA ASN B 550 -6.95 8.72 -50.38
C ASN B 550 -8.34 9.36 -50.54
N ASN B 551 -9.15 8.90 -51.50
CA ASN B 551 -10.51 9.42 -51.65
C ASN B 551 -11.51 8.36 -52.15
N LEU B 552 -12.16 7.70 -51.20
CA LEU B 552 -13.35 6.90 -51.48
C LEU B 552 -14.35 7.10 -50.35
N SER B 553 -15.63 7.13 -50.73
CA SER B 553 -16.70 7.29 -49.76
C SER B 553 -16.95 5.98 -49.00
N THR B 554 -17.64 6.09 -47.87
CA THR B 554 -18.00 4.91 -47.11
C THR B 554 -19.18 4.16 -47.70
N LYS B 555 -19.95 4.78 -48.60
CA LYS B 555 -21.02 4.09 -49.31
C LYS B 555 -20.45 3.15 -50.36
N ASP B 556 -19.27 3.50 -50.91
CA ASP B 556 -18.61 2.65 -51.89
C ASP B 556 -18.00 1.42 -51.24
N CYS B 557 -17.86 0.37 -52.06
CA CYS B 557 -17.34 -0.97 -51.71
C CYS B 557 -18.14 -1.65 -50.59
N PHE B 558 -19.46 -1.44 -50.57
CA PHE B 558 -20.36 -2.34 -49.84
C PHE B 558 -21.07 -3.31 -50.78
N ASP B 559 -21.17 -2.96 -52.07
CA ASP B 559 -21.80 -3.86 -53.03
C ASP B 559 -20.89 -5.02 -53.39
N VAL B 560 -19.57 -4.82 -53.32
CA VAL B 560 -18.63 -5.87 -53.70
C VAL B 560 -18.29 -6.74 -52.49
N PHE B 561 -18.66 -6.30 -51.28
CA PHE B 561 -18.33 -7.01 -50.05
C PHE B 561 -19.14 -8.29 -49.88
N GLU B 562 -20.35 -8.33 -50.43
CA GLU B 562 -21.14 -9.56 -50.46
C GLU B 562 -21.19 -10.19 -51.85
N HIS B 563 -20.41 -9.67 -52.80
CA HIS B 563 -20.36 -10.23 -54.14
C HIS B 563 -19.51 -11.50 -54.14
N GLU B 564 -19.85 -12.43 -55.04
CA GLU B 564 -19.25 -13.76 -55.05
C GLU B 564 -17.81 -13.79 -55.55
N LYS B 565 -17.36 -12.76 -56.27
CA LYS B 565 -15.98 -12.78 -56.76
C LYS B 565 -14.98 -12.40 -55.68
N PHE B 566 -15.42 -11.65 -54.66
CA PHE B 566 -14.58 -11.35 -53.50
C PHE B 566 -15.14 -12.03 -52.26
N ALA B 567 -15.42 -13.34 -52.38
CA ALA B 567 -15.93 -14.13 -51.26
C ALA B 567 -14.87 -14.44 -50.21
N CYS B 568 -13.57 -14.27 -50.52
CA CYS B 568 -12.50 -14.45 -49.53
C CYS B 568 -12.54 -13.37 -48.46
N LEU B 569 -12.96 -12.16 -48.81
CA LEU B 569 -13.03 -11.05 -47.86
C LEU B 569 -14.18 -11.23 -46.87
N LYS B 570 -15.24 -11.90 -47.29
CA LYS B 570 -16.31 -12.27 -46.36
C LYS B 570 -15.98 -13.56 -45.62
N GLU B 571 -15.17 -14.43 -46.24
CA GLU B 571 -14.79 -15.70 -45.61
C GLU B 571 -13.68 -15.53 -44.57
N LEU B 572 -13.00 -14.38 -44.57
CA LEU B 572 -11.99 -14.08 -43.55
C LEU B 572 -12.63 -13.88 -42.18
N VAL B 573 -13.67 -13.05 -42.10
CA VAL B 573 -14.27 -12.74 -40.81
C VAL B 573 -15.35 -13.76 -40.42
N GLY B 574 -15.98 -14.42 -41.40
CA GLY B 574 -16.96 -15.45 -41.10
C GLY B 574 -18.29 -14.94 -40.57
N SER B 575 -18.61 -13.68 -40.81
CA SER B 575 -19.86 -13.10 -40.31
C SER B 575 -20.89 -13.01 -41.42
N MET C 1 -8.02 -31.33 32.57
CA MET C 1 -8.41 -30.73 31.30
C MET C 1 -7.77 -29.36 31.15
N LYS C 2 -7.75 -28.60 32.25
CA LYS C 2 -7.11 -27.29 32.28
C LYS C 2 -5.59 -27.44 32.19
N PHE C 3 -4.95 -26.48 31.51
CA PHE C 3 -3.52 -26.50 31.18
C PHE C 3 -2.66 -26.37 32.42
N SER C 4 -1.46 -26.93 32.36
CA SER C 4 -0.57 -26.94 33.51
C SER C 4 0.85 -26.52 33.21
N ASN C 5 1.34 -26.68 31.99
CA ASN C 5 2.74 -26.39 31.68
C ASN C 5 2.85 -26.11 30.19
N ILE C 6 3.92 -25.41 29.83
CA ILE C 6 4.37 -25.33 28.45
C ILE C 6 5.89 -25.49 28.47
N THR C 7 6.45 -25.98 27.36
CA THR C 7 7.88 -26.18 27.23
C THR C 7 8.30 -25.66 25.86
N ILE C 8 8.64 -24.38 25.80
CA ILE C 8 9.03 -23.72 24.57
C ILE C 8 10.56 -23.66 24.57
N LYS C 9 11.21 -24.52 23.80
CA LYS C 9 12.64 -24.75 24.02
C LYS C 9 13.53 -23.80 23.21
N ASN C 10 13.54 -23.91 21.88
CA ASN C 10 14.55 -23.20 21.11
C ASN C 10 13.94 -22.12 20.22
N PHE C 11 12.90 -21.44 20.71
CA PHE C 11 12.25 -20.37 19.99
C PHE C 11 13.08 -19.08 20.13
N ARG C 12 12.66 -18.02 19.43
CA ARG C 12 13.52 -16.89 19.12
C ARG C 12 13.81 -15.94 20.28
N ASN C 13 13.21 -16.15 21.45
CA ASN C 13 13.69 -15.52 22.67
C ASN C 13 14.09 -16.52 23.76
N PHE C 14 13.59 -17.76 23.69
CA PHE C 14 13.64 -18.69 24.80
C PHE C 14 14.76 -19.71 24.62
N GLU C 15 15.35 -20.13 25.73
CA GLU C 15 16.46 -21.10 25.72
C GLU C 15 16.08 -22.44 26.32
N LYS C 16 15.55 -22.44 27.55
CA LYS C 16 14.83 -23.58 28.14
C LYS C 16 13.92 -23.01 29.21
N VAL C 17 12.63 -22.88 28.91
CA VAL C 17 11.66 -22.41 29.89
C VAL C 17 10.57 -23.46 30.07
N ASN C 18 10.15 -23.65 31.32
CA ASN C 18 9.07 -24.56 31.68
C ASN C 18 8.05 -23.73 32.43
N ILE C 19 7.14 -23.09 31.68
CA ILE C 19 6.26 -22.07 32.21
C ILE C 19 4.94 -22.72 32.62
N ASN C 20 4.61 -22.62 33.90
CA ASN C 20 3.35 -23.16 34.40
C ASN C 20 2.20 -22.25 33.99
N LEU C 21 1.12 -22.86 33.52
CA LEU C 21 -0.04 -22.15 33.02
C LEU C 21 -1.27 -22.69 33.74
N ASP C 22 -2.39 -22.00 33.59
CA ASP C 22 -3.71 -22.50 33.96
C ASP C 22 -4.68 -21.83 32.98
N ASN C 23 -5.98 -21.95 33.19
CA ASN C 23 -6.93 -21.22 32.37
C ASN C 23 -6.97 -19.76 32.81
N LYS C 24 -7.49 -18.92 31.89
CA LYS C 24 -7.77 -17.49 32.07
C LYS C 24 -6.52 -16.67 32.43
N ASN C 25 -5.37 -17.05 31.89
CA ASN C 25 -4.10 -16.51 32.36
C ASN C 25 -3.65 -15.23 31.63
N VAL C 26 -2.99 -14.35 32.39
CA VAL C 26 -2.76 -12.96 32.02
C VAL C 26 -1.27 -12.70 31.99
N ILE C 27 -0.78 -12.17 30.88
CA ILE C 27 0.64 -11.90 30.64
C ILE C 27 0.84 -10.39 30.72
N PHE C 28 1.84 -9.96 31.49
CA PHE C 28 2.23 -8.56 31.52
C PHE C 28 3.74 -8.47 31.71
N GLY C 29 4.28 -7.27 31.50
CA GLY C 29 5.71 -7.07 31.64
C GLY C 29 6.09 -5.71 31.08
N MET C 30 7.40 -5.51 30.94
CA MET C 30 7.94 -4.26 30.43
C MET C 30 8.45 -4.36 29.01
N ASN C 31 8.49 -5.55 28.42
CA ASN C 31 8.85 -5.73 27.01
C ASN C 31 7.66 -6.22 26.20
N ASP C 32 7.50 -5.67 24.99
CA ASP C 32 6.41 -6.11 24.12
C ASP C 32 6.86 -7.19 23.16
N ILE C 33 8.17 -7.35 22.95
CA ILE C 33 8.70 -8.42 22.12
C ILE C 33 8.53 -9.77 22.81
N GLY C 34 8.78 -9.83 24.12
CA GLY C 34 8.62 -11.05 24.88
C GLY C 34 7.17 -11.44 25.16
N LYS C 35 6.23 -10.50 24.99
CA LYS C 35 4.81 -10.84 25.07
C LYS C 35 4.18 -11.07 23.72
N THR C 36 4.77 -10.55 22.64
CA THR C 36 4.30 -10.89 21.30
C THR C 36 4.79 -12.28 20.90
N ASN C 37 6.03 -12.63 21.27
CA ASN C 37 6.61 -13.91 20.88
C ASN C 37 6.04 -15.08 21.66
N PHE C 38 5.46 -14.85 22.84
CA PHE C 38 4.73 -15.88 23.55
C PHE C 38 3.44 -16.27 22.83
N LEU C 39 2.70 -15.27 22.33
CA LEU C 39 1.47 -15.53 21.58
C LEU C 39 1.77 -16.08 20.19
N TYR C 40 2.90 -15.69 19.59
CA TYR C 40 3.30 -16.33 18.33
C TYR C 40 3.85 -17.73 18.55
N ALA C 41 4.39 -18.04 19.74
CA ALA C 41 4.74 -19.41 20.07
C ALA C 41 3.52 -20.29 20.28
N LEU C 42 2.43 -19.70 20.79
CA LEU C 42 1.16 -20.45 20.78
C LEU C 42 0.54 -20.57 19.39
N ARG C 43 0.69 -19.56 18.53
CA ARG C 43 0.16 -19.62 17.16
C ARG C 43 0.94 -20.58 16.27
N PHE C 44 2.24 -20.78 16.52
CA PHE C 44 3.00 -21.75 15.74
C PHE C 44 2.66 -23.19 16.12
N LEU C 45 2.14 -23.43 17.32
CA LEU C 45 1.72 -24.77 17.71
C LEU C 45 0.26 -25.04 17.35
N LEU C 46 -0.65 -24.12 17.62
CA LEU C 46 -2.07 -24.44 17.58
C LEU C 46 -2.87 -23.72 16.50
N ASP C 47 -2.24 -22.89 15.67
CA ASP C 47 -2.95 -22.20 14.60
C ASP C 47 -2.30 -22.55 13.26
N LYS C 48 -3.13 -23.01 12.31
CA LYS C 48 -2.62 -23.47 11.02
C LYS C 48 -2.22 -22.35 10.09
N GLU C 49 -2.73 -21.13 10.29
CA GLU C 49 -2.39 -20.00 9.43
C GLU C 49 -1.00 -19.44 9.69
N ILE C 50 -0.40 -19.74 10.84
CA ILE C 50 1.00 -19.44 11.08
C ILE C 50 1.88 -20.68 10.87
N ARG C 51 1.36 -21.87 11.16
CA ARG C 51 2.10 -23.13 10.98
C ARG C 51 2.28 -23.52 9.51
N LYS C 52 1.42 -23.02 8.61
CA LYS C 52 1.56 -23.35 7.19
C LYS C 52 2.66 -22.55 6.51
N PHE C 53 3.16 -21.47 7.12
CA PHE C 53 4.23 -20.69 6.54
C PHE C 53 5.60 -21.20 6.96
N GLY C 54 5.67 -22.02 8.00
CA GLY C 54 6.93 -22.56 8.46
C GLY C 54 7.74 -21.56 9.27
N PHE C 55 8.94 -21.98 9.61
CA PHE C 55 9.88 -21.16 10.37
C PHE C 55 10.82 -20.44 9.42
N ASN C 56 11.10 -19.18 9.72
CA ASN C 56 12.06 -18.40 8.96
C ASN C 56 13.45 -18.54 9.59
N LYS C 57 14.37 -17.69 9.17
CA LYS C 57 15.68 -17.63 9.83
C LYS C 57 15.56 -16.93 11.18
N SER C 58 14.73 -15.89 11.26
CA SER C 58 14.59 -15.09 12.47
C SER C 58 13.77 -15.79 13.57
N ASP C 59 12.98 -16.81 13.22
CA ASP C 59 12.17 -17.51 14.21
C ASP C 59 12.97 -18.48 15.07
N TYR C 60 14.19 -18.82 14.67
CA TYR C 60 15.10 -19.56 15.53
C TYR C 60 15.72 -18.62 16.56
N HIS C 61 16.33 -19.21 17.60
CA HIS C 61 17.03 -18.42 18.61
C HIS C 61 18.33 -17.86 18.03
N LYS C 62 18.58 -16.60 18.34
CA LYS C 62 19.59 -15.68 17.78
C LYS C 62 19.42 -15.62 16.27
N HIS C 63 20.51 -15.53 15.52
CA HIS C 63 20.45 -15.58 14.06
C HIS C 63 20.57 -17.00 13.53
N ASP C 64 21.30 -17.86 14.24
CA ASP C 64 21.48 -19.25 13.84
C ASP C 64 21.73 -20.08 15.09
N THR C 65 22.04 -21.37 14.89
CA THR C 65 22.37 -22.44 15.85
C THR C 65 21.27 -22.78 16.86
N SER C 66 21.54 -23.84 17.65
CA SER C 66 20.61 -24.58 18.52
C SER C 66 19.35 -25.01 17.75
N LYS C 67 19.58 -25.83 16.72
CA LYS C 67 18.60 -26.05 15.66
C LYS C 67 17.72 -27.26 15.95
N LYS C 68 16.98 -27.18 17.06
CA LYS C 68 15.86 -28.10 17.31
C LYS C 68 14.82 -27.34 18.12
N ILE C 69 13.87 -26.72 17.41
CA ILE C 69 12.81 -25.95 18.05
C ILE C 69 11.75 -26.92 18.56
N GLU C 70 11.50 -26.89 19.87
CA GLU C 70 10.43 -27.69 20.46
C GLU C 70 9.49 -26.78 21.23
N ILE C 71 8.21 -26.84 20.88
CA ILE C 71 7.14 -26.23 21.66
C ILE C 71 6.25 -27.37 22.12
N ILE C 72 6.23 -27.62 23.42
CA ILE C 72 5.51 -28.75 23.98
C ILE C 72 4.44 -28.21 24.92
N LEU C 73 3.18 -28.54 24.65
CA LEU C 73 2.07 -28.15 25.51
C LEU C 73 1.65 -29.35 26.34
N THR C 74 1.52 -29.15 27.65
CA THR C 74 1.14 -30.21 28.58
C THR C 74 -0.32 -30.00 28.98
N LEU C 75 -1.15 -31.02 28.79
CA LEU C 75 -2.57 -30.84 29.02
C LEU C 75 -3.01 -31.17 30.44
N ASP C 76 -2.55 -32.30 30.99
CA ASP C 76 -2.96 -32.91 32.28
C ASP C 76 -4.47 -33.10 32.36
N LEU C 77 -4.96 -33.98 31.48
CA LEU C 77 -6.39 -34.16 31.32
C LEU C 77 -7.02 -34.94 32.46
N SER C 78 -6.27 -35.88 33.05
CA SER C 78 -6.61 -36.79 34.17
C SER C 78 -7.85 -37.60 33.80
N ASN C 79 -8.88 -37.64 34.65
CA ASN C 79 -10.15 -38.30 34.32
C ASN C 79 -11.24 -37.53 35.06
N TYR C 80 -11.98 -36.70 34.32
CA TYR C 80 -13.01 -35.84 34.89
C TYR C 80 -14.41 -36.41 34.71
N GLU C 81 -14.60 -37.31 33.74
CA GLU C 81 -15.75 -38.18 33.41
C GLU C 81 -17.12 -37.51 33.23
N LYS C 82 -17.21 -36.19 33.18
CA LYS C 82 -18.52 -35.55 33.02
C LYS C 82 -18.47 -34.41 32.01
N ASP C 83 -17.31 -33.76 31.86
CA ASP C 83 -17.19 -32.62 30.97
C ASP C 83 -17.10 -33.06 29.51
N GLU C 84 -17.55 -32.18 28.63
CA GLU C 84 -17.64 -32.50 27.21
C GLU C 84 -16.28 -32.46 26.52
N ASP C 85 -15.34 -31.65 27.00
CA ASP C 85 -14.13 -31.35 26.25
C ASP C 85 -13.09 -32.46 26.36
N THR C 86 -13.07 -33.19 27.48
CA THR C 86 -12.09 -34.27 27.65
C THR C 86 -12.45 -35.49 26.81
N LYS C 87 -13.74 -35.79 26.69
CA LYS C 87 -14.20 -36.87 25.81
C LYS C 87 -14.05 -36.50 24.34
N LYS C 88 -14.26 -35.21 24.01
CA LYS C 88 -14.03 -34.70 22.66
C LYS C 88 -12.55 -34.68 22.29
N LEU C 89 -11.66 -34.53 23.26
CA LEU C 89 -10.24 -34.71 22.99
C LEU C 89 -9.89 -36.18 22.81
N ILE C 90 -10.37 -37.05 23.71
CA ILE C 90 -9.85 -38.42 23.76
C ILE C 90 -10.54 -39.33 22.73
N SER C 91 -11.66 -38.90 22.14
CA SER C 91 -12.32 -39.71 21.12
C SER C 91 -11.61 -39.68 19.77
N VAL C 92 -10.84 -38.62 19.50
CA VAL C 92 -10.20 -38.45 18.21
C VAL C 92 -8.69 -38.63 18.25
N VAL C 93 -8.11 -38.82 19.43
CA VAL C 93 -6.70 -39.21 19.52
C VAL C 93 -6.52 -40.65 19.07
N LYS C 94 -7.40 -41.56 19.57
CA LYS C 94 -7.54 -42.98 19.25
C LYS C 94 -6.26 -43.79 19.50
N GLY C 95 -5.46 -43.99 18.45
CA GLY C 95 -4.32 -44.88 18.53
C GLY C 95 -3.12 -44.32 19.29
N ALA C 96 -3.01 -42.99 19.39
CA ALA C 96 -1.90 -42.38 20.10
C ALA C 96 -2.11 -42.37 21.62
N ARG C 97 -3.33 -42.65 22.09
CA ARG C 97 -3.58 -42.79 23.52
C ARG C 97 -3.12 -44.18 23.96
N THR C 98 -2.28 -44.22 25.00
CA THR C 98 -1.69 -45.48 25.44
C THR C 98 -2.68 -46.31 26.25
N SER C 99 -3.20 -45.75 27.33
CA SER C 99 -4.10 -46.48 28.22
C SER C 99 -5.01 -45.49 28.92
N ALA C 100 -6.09 -46.03 29.52
CA ALA C 100 -7.06 -45.21 30.24
C ALA C 100 -6.61 -44.82 31.64
N ASN C 101 -5.52 -45.40 32.14
CA ASN C 101 -4.96 -45.00 33.43
C ASN C 101 -4.00 -43.83 33.33
N ALA C 102 -3.67 -43.39 32.12
CA ALA C 102 -2.77 -42.26 31.93
C ALA C 102 -3.50 -40.95 32.20
N ASP C 103 -2.76 -39.98 32.76
CA ASP C 103 -3.33 -38.70 33.13
C ASP C 103 -2.65 -37.50 32.46
N VAL C 104 -1.50 -37.71 31.82
CA VAL C 104 -0.69 -36.63 31.28
C VAL C 104 -0.74 -36.76 29.76
N PHE C 105 -0.96 -35.65 29.05
CA PHE C 105 -0.95 -35.66 27.60
C PHE C 105 0.04 -34.63 27.06
N TYR C 106 0.52 -34.87 25.85
CA TYR C 106 1.58 -34.10 25.21
C TYR C 106 1.18 -33.73 23.79
N ILE C 107 1.56 -32.52 23.37
CA ILE C 107 1.54 -32.12 21.95
C ILE C 107 2.93 -31.57 21.67
N ALA C 108 3.73 -32.31 20.91
CA ALA C 108 5.14 -31.99 20.73
C ALA C 108 5.38 -31.50 19.31
N LEU C 109 5.90 -30.28 19.20
CA LEU C 109 6.32 -29.70 17.93
C LEU C 109 7.82 -29.92 17.76
N GLU C 110 8.23 -30.12 16.51
CA GLU C 110 9.65 -30.28 16.21
C GLU C 110 10.00 -29.49 14.96
N SER C 111 11.28 -29.15 14.83
CA SER C 111 11.79 -28.40 13.68
C SER C 111 13.26 -28.71 13.51
N LYS C 112 13.66 -29.10 12.29
CA LYS C 112 15.04 -29.43 11.98
C LYS C 112 15.39 -28.94 10.57
N TYR C 113 16.69 -28.91 10.30
CA TYR C 113 17.40 -28.55 9.04
C TYR C 113 16.92 -27.21 8.44
N ASP C 114 17.21 -26.14 9.19
CA ASP C 114 16.93 -24.79 8.70
C ASP C 114 17.93 -24.36 7.63
N ASP C 115 19.17 -24.85 7.70
CA ASP C 115 20.21 -24.45 6.76
C ASP C 115 20.04 -25.09 5.38
N LYS C 116 19.29 -26.18 5.29
CA LYS C 116 19.02 -26.81 4.01
C LYS C 116 17.64 -26.39 3.53
N GLU C 117 17.54 -26.03 2.25
CA GLU C 117 16.37 -25.68 1.44
C GLU C 117 15.64 -24.40 1.85
N LEU C 118 16.20 -23.61 2.79
CA LEU C 118 15.68 -22.33 3.33
C LEU C 118 14.28 -22.46 3.92
N TYR C 119 14.02 -23.58 4.59
CA TYR C 119 12.72 -23.87 5.16
C TYR C 119 12.88 -24.47 6.55
N GLY C 120 12.03 -24.06 7.47
CA GLY C 120 12.16 -24.50 8.85
C GLY C 120 11.63 -25.90 9.08
N ASN C 121 10.42 -26.17 8.55
CA ASN C 121 9.56 -27.37 8.63
C ASN C 121 9.08 -27.68 10.04
N ILE C 122 7.80 -28.01 10.17
CA ILE C 122 7.16 -28.24 11.47
C ILE C 122 6.59 -29.65 11.48
N ILE C 123 7.04 -30.45 12.43
CA ILE C 123 6.58 -31.84 12.60
C ILE C 123 5.87 -31.92 13.95
N LEU C 124 4.60 -32.29 13.92
CA LEU C 124 3.78 -32.40 15.12
C LEU C 124 3.73 -33.84 15.58
N LYS C 125 3.57 -34.05 16.89
CA LYS C 125 3.77 -35.38 17.47
C LYS C 125 3.00 -35.50 18.78
N TRP C 126 2.01 -36.38 18.82
CA TRP C 126 1.24 -36.70 20.02
C TRP C 126 1.93 -37.75 20.89
N GLY C 127 1.38 -37.94 22.08
CA GLY C 127 1.89 -38.95 22.99
C GLY C 127 1.43 -38.68 24.40
N SER C 128 1.59 -39.70 25.25
CA SER C 128 1.21 -39.59 26.64
C SER C 128 2.37 -39.23 27.56
N GLU C 129 3.60 -39.50 27.15
CA GLU C 129 4.78 -39.05 27.88
C GLU C 129 5.84 -38.69 26.86
N LEU C 130 7.04 -38.33 27.35
CA LEU C 130 8.10 -37.88 26.44
C LEU C 130 8.75 -39.05 25.71
N ASP C 131 8.67 -40.26 26.26
CA ASP C 131 9.03 -41.45 25.52
C ASP C 131 7.84 -41.93 24.69
N ASN C 132 8.15 -42.53 23.53
CA ASN C 132 7.23 -43.12 22.55
C ASN C 132 6.21 -42.10 22.03
N LEU C 133 6.75 -41.07 21.38
CA LEU C 133 5.96 -39.99 20.81
C LEU C 133 5.66 -40.30 19.36
N ILE C 134 4.38 -40.50 19.04
CA ILE C 134 3.92 -40.94 17.73
C ILE C 134 3.38 -39.72 16.99
N ASP C 135 3.66 -39.64 15.67
CA ASP C 135 3.26 -38.51 14.85
C ASP C 135 1.75 -38.41 14.69
N ILE C 136 1.28 -37.19 14.43
CA ILE C 136 -0.14 -36.92 14.24
C ILE C 136 -0.49 -37.26 12.79
N PRO C 137 -1.45 -38.16 12.55
CA PRO C 137 -1.82 -38.47 11.16
C PRO C 137 -2.69 -37.38 10.54
N GLY C 138 -2.33 -36.99 9.33
CA GLY C 138 -3.10 -36.03 8.55
C GLY C 138 -2.93 -36.32 7.08
N ARG C 139 -4.04 -36.34 6.33
CA ARG C 139 -3.99 -36.88 4.97
C ARG C 139 -3.49 -35.85 3.97
N GLY C 140 -4.03 -34.63 4.01
CA GLY C 140 -3.63 -33.62 3.05
C GLY C 140 -2.97 -32.41 3.67
N ASN C 141 -3.66 -31.27 3.65
CA ASN C 141 -3.19 -30.05 4.26
C ASN C 141 -3.59 -29.93 5.73
N ILE C 142 -4.40 -30.85 6.24
CA ILE C 142 -5.06 -30.71 7.54
C ILE C 142 -4.53 -31.80 8.47
N ASN C 143 -4.05 -31.39 9.64
CA ASN C 143 -3.64 -32.30 10.71
C ASN C 143 -4.86 -32.79 11.48
N ALA C 144 -4.63 -33.74 12.38
CA ALA C 144 -5.66 -34.12 13.34
C ALA C 144 -5.60 -33.29 14.62
N LEU C 145 -4.60 -32.41 14.74
CA LEU C 145 -4.62 -31.40 15.80
C LEU C 145 -5.62 -30.29 15.46
N ASP C 146 -5.84 -30.03 14.17
CA ASP C 146 -6.73 -28.96 13.73
C ASP C 146 -8.21 -29.29 13.91
N ASN C 147 -8.55 -30.57 14.07
CA ASN C 147 -9.93 -30.99 14.26
C ASN C 147 -10.38 -30.88 15.70
N VAL C 148 -9.48 -30.59 16.63
CA VAL C 148 -9.79 -30.49 18.05
C VAL C 148 -9.89 -29.04 18.49
N PHE C 149 -8.87 -28.25 18.18
CA PHE C 149 -8.68 -26.92 18.75
C PHE C 149 -9.07 -25.84 17.74
N LYS C 150 -9.19 -24.61 18.25
CA LYS C 150 -9.46 -23.44 17.42
C LYS C 150 -8.85 -22.23 18.08
N VAL C 151 -8.14 -21.42 17.30
CA VAL C 151 -7.40 -20.27 17.80
C VAL C 151 -7.94 -19.01 17.12
N ILE C 152 -8.41 -18.05 17.93
CA ILE C 152 -8.84 -16.74 17.45
C ILE C 152 -7.94 -15.69 18.08
N TYR C 153 -7.25 -14.93 17.24
CA TYR C 153 -6.31 -13.89 17.65
C TYR C 153 -6.99 -12.53 17.54
N ILE C 154 -6.92 -11.75 18.61
CA ILE C 154 -7.60 -10.45 18.71
C ILE C 154 -6.54 -9.37 18.80
N ASN C 155 -6.55 -8.45 17.83
CA ASN C 155 -5.69 -7.28 17.85
C ASN C 155 -6.39 -6.11 17.17
N PRO C 156 -6.70 -5.02 17.90
CA PRO C 156 -7.37 -3.88 17.27
C PRO C 156 -6.41 -3.02 16.46
N LYS C 281 -15.85 -26.16 18.72
CA LYS C 281 -14.68 -26.90 19.17
C LYS C 281 -14.06 -26.24 20.39
N ILE C 282 -12.86 -26.70 20.76
CA ILE C 282 -12.12 -26.10 21.87
C ILE C 282 -11.50 -24.80 21.39
N VAL C 283 -11.88 -23.69 22.01
CA VAL C 283 -11.59 -22.36 21.51
C VAL C 283 -10.62 -21.67 22.45
N ILE C 284 -9.46 -21.27 21.92
CA ILE C 284 -8.42 -20.58 22.68
C ILE C 284 -8.28 -19.18 22.12
N TYR C 285 -8.52 -18.17 22.96
CA TYR C 285 -8.38 -16.77 22.58
C TYR C 285 -6.97 -16.31 22.87
N LEU C 286 -6.45 -15.39 22.06
CA LEU C 286 -5.15 -14.77 22.27
C LEU C 286 -5.31 -13.28 22.01
N ILE C 287 -5.30 -12.49 23.08
CA ILE C 287 -5.61 -11.06 23.01
C ILE C 287 -4.32 -10.28 23.29
N GLU C 288 -3.92 -9.44 22.34
CA GLU C 288 -2.76 -8.59 22.50
C GLU C 288 -3.17 -7.13 22.35
N GLU C 289 -2.96 -6.35 23.42
CA GLU C 289 -3.19 -4.90 23.60
C GLU C 289 -4.60 -4.44 23.23
N PRO C 290 -5.65 -4.75 24.00
CA PRO C 290 -7.00 -4.34 23.60
C PRO C 290 -7.41 -2.94 24.04
N GLU C 291 -6.63 -2.25 24.86
CA GLU C 291 -7.00 -0.94 25.34
C GLU C 291 -6.57 0.19 24.40
N ILE C 292 -5.78 -0.13 23.36
CA ILE C 292 -5.50 0.85 22.32
C ILE C 292 -6.73 0.98 21.44
N SER C 293 -7.20 2.24 21.27
CA SER C 293 -8.51 2.64 20.74
C SER C 293 -9.66 1.94 21.47
N LEU C 294 -9.69 2.14 22.79
CA LEU C 294 -10.77 1.66 23.64
C LEU C 294 -10.96 2.66 24.78
N HIS C 295 -12.22 2.95 25.09
CA HIS C 295 -12.54 3.93 26.12
C HIS C 295 -12.32 3.28 27.50
N ARG C 296 -12.10 4.13 28.51
CA ARG C 296 -11.72 3.66 29.85
C ARG C 296 -12.88 3.00 30.59
N SER C 297 -14.13 3.33 30.25
CA SER C 297 -15.26 2.58 30.80
C SER C 297 -15.39 1.23 30.10
N MET C 298 -14.99 1.15 28.83
CA MET C 298 -15.07 -0.10 28.08
C MET C 298 -14.02 -1.11 28.51
N GLN C 299 -12.91 -0.66 29.11
CA GLN C 299 -11.94 -1.59 29.68
C GLN C 299 -12.48 -2.27 30.94
N ILE C 300 -13.21 -1.52 31.77
CA ILE C 300 -13.86 -2.11 32.94
C ILE C 300 -15.07 -2.96 32.53
N ALA C 301 -15.71 -2.61 31.39
CA ALA C 301 -16.75 -3.47 30.83
C ALA C 301 -16.19 -4.76 30.25
N LEU C 302 -15.00 -4.73 29.66
CA LEU C 302 -14.33 -5.93 29.17
C LEU C 302 -13.69 -6.74 30.29
N SER C 303 -13.43 -6.10 31.44
CA SER C 303 -12.73 -6.75 32.55
C SER C 303 -13.59 -7.81 33.24
N LYS C 304 -14.90 -7.57 33.34
CA LYS C 304 -15.76 -8.59 33.92
C LYS C 304 -16.06 -9.72 32.95
N GLN C 305 -16.11 -9.42 31.65
CA GLN C 305 -16.59 -10.35 30.63
C GLN C 305 -15.58 -11.46 30.34
N LEU C 306 -14.29 -11.23 30.62
CA LEU C 306 -13.31 -12.30 30.49
C LEU C 306 -13.41 -13.32 31.61
N PHE C 307 -13.97 -12.95 32.76
CA PHE C 307 -13.92 -13.81 33.93
C PHE C 307 -15.28 -14.26 34.46
N GLU C 308 -16.40 -13.77 33.91
CA GLU C 308 -17.69 -14.34 34.30
C GLU C 308 -18.37 -15.17 33.22
N GLN C 309 -18.08 -14.90 31.94
CA GLN C 309 -18.73 -15.63 30.86
C GLN C 309 -18.10 -17.01 30.67
N SER C 310 -18.91 -17.95 30.20
CA SER C 310 -18.45 -19.30 29.90
C SER C 310 -17.89 -19.43 28.49
N THR C 311 -17.99 -18.38 27.67
CA THR C 311 -17.38 -18.40 26.35
C THR C 311 -15.87 -18.24 26.44
N TYR C 312 -15.41 -17.32 27.29
CA TYR C 312 -13.97 -17.13 27.51
C TYR C 312 -13.52 -18.09 28.61
N LYS C 313 -13.30 -19.34 28.22
CA LYS C 313 -12.74 -20.32 29.14
C LYS C 313 -11.22 -20.39 29.06
N TYR C 314 -10.67 -20.47 27.85
CA TYR C 314 -9.24 -20.49 27.60
C TYR C 314 -8.86 -19.17 26.93
N PHE C 315 -8.10 -18.33 27.62
CA PHE C 315 -7.47 -17.22 26.92
C PHE C 315 -6.04 -17.03 27.42
N PHE C 316 -5.32 -16.14 26.72
CA PHE C 316 -3.97 -15.70 27.05
C PHE C 316 -3.94 -14.18 26.82
N LEU C 317 -4.09 -13.41 27.90
CA LEU C 317 -4.28 -11.96 27.79
C LEU C 317 -2.96 -11.22 27.94
N SER C 318 -2.72 -10.24 27.07
CA SER C 318 -1.58 -9.35 27.17
C SER C 318 -2.08 -7.90 27.17
N THR C 319 -1.68 -7.12 28.17
CA THR C 319 -2.21 -5.78 28.35
C THR C 319 -1.21 -4.90 29.09
N HIS C 320 -1.53 -3.60 29.11
CA HIS C 320 -0.81 -2.60 29.89
C HIS C 320 -1.70 -1.80 30.82
N SER C 321 -3.03 -1.90 30.70
CA SER C 321 -3.91 -0.99 31.40
C SER C 321 -4.37 -1.61 32.73
N PRO C 322 -4.43 -0.83 33.82
CA PRO C 322 -4.94 -1.37 35.09
C PRO C 322 -6.44 -1.56 35.15
N GLU C 323 -7.21 -0.99 34.21
CA GLU C 323 -8.66 -1.07 34.24
C GLU C 323 -9.20 -2.40 33.74
N LEU C 324 -8.39 -3.20 33.07
CA LEU C 324 -8.79 -4.54 32.64
C LEU C 324 -8.57 -5.60 33.71
N LEU C 325 -7.97 -5.24 34.84
CA LEU C 325 -7.65 -6.17 35.90
C LEU C 325 -8.40 -5.85 37.19
N TYR C 326 -9.59 -5.24 37.08
CA TYR C 326 -10.37 -4.92 38.26
C TYR C 326 -11.10 -6.15 38.79
N GLU C 327 -11.92 -6.77 37.95
CA GLU C 327 -12.53 -8.06 38.27
C GLU C 327 -11.58 -9.15 37.83
N MET C 328 -11.15 -9.98 38.77
CA MET C 328 -10.07 -10.94 38.51
C MET C 328 -10.17 -12.08 39.49
N ASP C 329 -10.38 -13.30 38.98
CA ASP C 329 -10.52 -14.47 39.83
C ASP C 329 -10.08 -15.70 39.07
N ASN C 330 -9.37 -16.60 39.77
CA ASN C 330 -8.83 -17.90 39.31
C ASN C 330 -7.92 -17.73 38.09
N THR C 331 -6.81 -17.03 38.32
CA THR C 331 -5.99 -16.52 37.23
C THR C 331 -4.53 -16.84 37.50
N ARG C 332 -3.89 -17.57 36.59
CA ARG C 332 -2.44 -17.69 36.61
C ARG C 332 -1.82 -16.41 36.08
N LEU C 333 -0.75 -15.94 36.72
CA LEU C 333 -0.09 -14.73 36.29
C LEU C 333 1.27 -15.04 35.71
N ILE C 334 1.55 -14.49 34.53
CA ILE C 334 2.87 -14.59 33.90
C ILE C 334 3.41 -13.17 33.87
N ARG C 335 4.49 -12.91 34.60
CA ARG C 335 5.19 -11.64 34.53
C ARG C 335 6.52 -11.88 33.84
N VAL C 336 6.71 -11.31 32.67
CA VAL C 336 8.00 -11.38 32.01
C VAL C 336 8.86 -10.21 32.47
N HIS C 337 10.16 -10.43 32.52
CA HIS C 337 11.10 -9.47 33.07
C HIS C 337 11.71 -8.63 31.96
N SER C 338 12.39 -7.55 32.37
CA SER C 338 13.01 -6.64 31.42
C SER C 338 14.36 -7.13 30.92
N THR C 339 14.92 -8.17 31.54
CA THR C 339 16.20 -8.72 31.15
C THR C 339 16.07 -9.54 29.87
N GLU C 340 17.22 -9.83 29.25
CA GLU C 340 17.26 -10.47 27.94
C GLU C 340 17.13 -11.99 28.01
N LYS C 341 17.19 -12.58 29.20
CA LYS C 341 17.02 -14.03 29.31
C LYS C 341 15.56 -14.45 29.39
N VAL C 342 14.63 -13.48 29.51
CA VAL C 342 13.16 -13.49 29.41
C VAL C 342 12.52 -14.57 30.30
N VAL C 343 13.10 -14.78 31.49
CA VAL C 343 12.54 -15.71 32.46
C VAL C 343 11.32 -15.10 33.11
N CYS C 344 10.37 -15.95 33.50
CA CYS C 344 9.07 -15.50 33.96
C CYS C 344 8.63 -16.30 35.16
N SER C 345 7.80 -15.68 36.00
CA SER C 345 7.29 -16.28 37.21
C SER C 345 5.81 -16.60 37.03
N SER C 346 5.43 -17.81 37.45
CA SER C 346 4.06 -18.29 37.32
C SER C 346 3.42 -18.35 38.69
N HIS C 347 2.50 -17.43 38.96
CA HIS C 347 1.87 -17.31 40.26
C HIS C 347 0.35 -17.39 40.12
N MET C 348 -0.27 -18.29 40.86
CA MET C 348 -1.72 -18.38 40.91
C MET C 348 -2.28 -17.25 41.77
N TYR C 349 -3.37 -16.65 41.29
CA TYR C 349 -4.01 -15.53 41.98
C TYR C 349 -5.44 -15.93 42.34
N ASN C 350 -5.71 -16.08 43.63
CA ASN C 350 -7.03 -16.37 44.13
C ASN C 350 -7.40 -15.36 45.21
N VAL C 351 -8.69 -15.07 45.32
CA VAL C 351 -9.17 -14.14 46.33
C VAL C 351 -9.93 -14.90 47.41
N ASN C 363 -8.77 -0.83 46.23
CA ASN C 363 -8.51 -1.91 45.28
C ASN C 363 -8.33 -1.35 43.87
N LYS C 364 -8.73 -0.10 43.66
CA LYS C 364 -8.55 0.54 42.37
C LYS C 364 -7.09 0.96 42.16
N ALA C 365 -6.45 1.43 43.23
CA ALA C 365 -5.02 1.74 43.18
C ALA C 365 -4.14 0.50 43.32
N LEU C 366 -4.70 -0.62 43.78
CA LEU C 366 -3.93 -1.85 43.86
C LEU C 366 -3.77 -2.51 42.49
N SER C 367 -4.64 -2.20 41.54
CA SER C 367 -4.54 -2.76 40.20
C SER C 367 -3.40 -2.14 39.40
N SER C 368 -3.02 -0.90 39.73
CA SER C 368 -1.82 -0.31 39.15
C SER C 368 -0.54 -0.83 39.80
N ALA C 369 -0.64 -1.41 41.00
CA ALA C 369 0.51 -1.99 41.68
C ALA C 369 0.78 -3.43 41.24
N LEU C 370 -0.06 -4.00 40.39
CA LEU C 370 0.20 -5.33 39.85
C LEU C 370 1.25 -5.30 38.74
N PHE C 371 1.48 -4.12 38.14
CA PHE C 371 2.44 -3.96 37.07
C PHE C 371 3.83 -3.55 37.57
N ALA C 372 4.10 -3.71 38.86
CA ALA C 372 5.39 -3.36 39.43
C ALA C 372 5.86 -4.47 40.36
N GLU C 373 7.17 -4.62 40.44
CA GLU C 373 7.81 -5.55 41.37
C GLU C 373 8.14 -4.91 42.71
N ARG C 374 8.53 -3.64 42.71
CA ARG C 374 8.89 -2.92 43.92
C ARG C 374 7.88 -1.80 44.13
N VAL C 375 7.06 -1.93 45.17
CA VAL C 375 6.04 -0.94 45.49
C VAL C 375 6.30 -0.41 46.90
N LEU C 376 5.95 0.85 47.13
CA LEU C 376 6.13 1.48 48.43
C LEU C 376 4.78 1.70 49.08
N LEU C 377 4.63 1.23 50.32
CA LEU C 377 3.36 1.22 51.02
C LEU C 377 3.37 2.36 52.03
N ILE C 378 2.69 3.45 51.69
CA ILE C 378 2.70 4.67 52.49
C ILE C 378 1.29 4.96 52.99
N GLU C 379 1.22 5.76 54.06
CA GLU C 379 -0.04 6.00 54.76
C GLU C 379 -0.80 7.19 54.19
N GLY C 380 -0.11 8.27 53.83
CA GLY C 380 -0.76 9.54 53.62
C GLY C 380 -0.85 10.02 52.19
N PRO C 381 -1.91 10.75 51.87
CA PRO C 381 -1.94 11.47 50.59
C PRO C 381 -1.03 12.68 50.56
N SER C 382 -0.75 13.30 51.70
CA SER C 382 0.22 14.39 51.76
C SER C 382 1.65 13.88 51.65
N GLU C 383 1.87 12.62 51.99
CA GLU C 383 3.18 12.00 51.91
C GLU C 383 3.57 11.68 50.47
N LYS C 384 2.58 11.34 49.63
CA LYS C 384 2.83 11.09 48.22
C LYS C 384 3.14 12.38 47.48
N ILE C 385 2.58 13.50 47.95
CA ILE C 385 2.94 14.84 47.48
C ILE C 385 4.40 15.18 47.83
N LEU C 386 4.90 14.68 48.97
CA LEU C 386 6.30 14.88 49.34
C LEU C 386 7.23 14.01 48.49
N PHE C 387 6.86 12.76 48.20
CA PHE C 387 7.70 11.92 47.34
C PHE C 387 7.48 12.09 45.83
N GLU C 388 6.49 12.87 45.38
CA GLU C 388 6.43 13.24 43.97
C GLU C 388 7.22 14.49 43.61
N LYS C 389 7.82 15.17 44.58
CA LYS C 389 8.75 16.24 44.27
C LYS C 389 10.20 15.79 44.35
N VAL C 390 10.53 14.99 45.36
CA VAL C 390 11.89 14.49 45.63
C VAL C 390 12.34 13.51 44.54
N LEU C 391 11.42 12.65 44.08
CA LEU C 391 11.74 11.74 42.99
C LEU C 391 11.81 12.45 41.64
N ASP C 392 10.89 13.37 41.37
CA ASP C 392 10.87 14.02 40.05
C ASP C 392 11.92 15.11 39.90
N GLU C 393 12.52 15.59 40.99
CA GLU C 393 13.63 16.54 40.85
C GLU C 393 14.96 15.84 40.60
N VAL C 394 15.05 14.53 40.81
CA VAL C 394 16.32 13.82 40.62
C VAL C 394 16.19 12.82 39.49
N GLU C 395 15.29 11.84 39.63
CA GLU C 395 15.15 10.74 38.69
C GLU C 395 13.71 10.68 38.21
N PRO C 396 13.38 11.37 37.11
CA PRO C 396 11.99 11.34 36.62
C PRO C 396 11.61 10.05 35.90
N GLU C 397 12.57 9.20 35.55
CA GLU C 397 12.30 7.94 34.86
C GLU C 397 12.20 6.76 35.82
N TYR C 398 11.73 6.99 37.06
CA TYR C 398 11.54 5.90 38.00
C TYR C 398 10.30 5.07 37.69
N GLU C 399 9.33 5.64 36.96
CA GLU C 399 8.09 4.93 36.67
C GLU C 399 8.27 3.88 35.59
N LEU C 400 9.15 4.14 34.62
CA LEU C 400 9.45 3.16 33.58
C LEU C 400 10.39 2.06 34.06
N ASN C 401 11.10 2.28 35.17
CA ASN C 401 11.98 1.25 35.71
C ASN C 401 11.19 0.15 36.41
N GLY C 402 10.02 0.47 36.97
CA GLY C 402 9.22 -0.51 37.65
C GLY C 402 8.88 -0.16 39.08
N GLY C 403 8.90 1.12 39.41
CA GLY C 403 8.56 1.60 40.73
C GLY C 403 7.15 2.18 40.79
N PHE C 404 6.56 2.15 41.98
CA PHE C 404 5.20 2.60 42.17
C PHE C 404 4.99 3.04 43.62
N LEU C 405 4.23 4.12 43.79
CA LEU C 405 3.85 4.63 45.11
C LEU C 405 2.38 4.28 45.35
N LEU C 406 2.11 3.55 46.44
CA LEU C 406 0.76 3.08 46.74
C LEU C 406 0.31 3.67 48.07
N GLU C 407 -0.68 4.57 48.01
CA GLU C 407 -1.31 5.07 49.22
C GLU C 407 -2.18 4.00 49.86
N VAL C 408 -2.11 3.87 51.17
CA VAL C 408 -3.00 2.97 51.88
C VAL C 408 -4.20 3.72 52.43
N GLY C 409 -3.97 4.84 53.11
CA GLY C 409 -5.04 5.57 53.78
C GLY C 409 -5.17 5.27 55.24
N GLY C 410 -4.24 4.52 55.82
CA GLY C 410 -4.25 4.19 57.23
C GLY C 410 -3.02 3.38 57.55
N THR C 411 -2.92 2.98 58.81
CA THR C 411 -1.77 2.24 59.29
C THR C 411 -1.95 0.73 59.24
N TYR C 412 -2.97 0.25 58.54
CA TYR C 412 -3.14 -1.18 58.33
C TYR C 412 -2.30 -1.61 57.13
N PHE C 413 -1.58 -2.71 57.28
CA PHE C 413 -0.78 -3.25 56.20
C PHE C 413 -0.98 -4.74 56.02
N ASN C 414 -1.71 -5.40 56.93
CA ASN C 414 -1.92 -6.84 56.84
C ASN C 414 -2.94 -7.25 55.79
N HIS C 415 -3.78 -6.32 55.32
CA HIS C 415 -4.66 -6.60 54.20
C HIS C 415 -3.98 -6.48 52.85
N TYR C 416 -2.76 -5.93 52.81
CA TYR C 416 -2.05 -5.74 51.55
C TYR C 416 -0.95 -6.77 51.35
N VAL C 417 -0.10 -7.01 52.35
CA VAL C 417 1.00 -7.95 52.17
C VAL C 417 0.57 -9.41 52.21
N CYS C 418 -0.61 -9.71 52.78
CA CYS C 418 -1.17 -11.06 52.65
C CYS C 418 -1.67 -11.33 51.25
N THR C 419 -2.09 -10.29 50.52
CA THR C 419 -2.39 -10.42 49.11
C THR C 419 -1.10 -10.50 48.28
N LEU C 420 -0.18 -9.56 48.49
CA LEU C 420 1.06 -9.48 47.71
C LEU C 420 2.10 -10.54 48.05
N ASN C 421 1.91 -11.34 49.10
CA ASN C 421 2.75 -12.53 49.29
C ASN C 421 2.41 -13.59 48.25
N ASP C 422 1.11 -13.73 47.93
CA ASP C 422 0.71 -14.67 46.88
C ASP C 422 0.98 -14.11 45.49
N LEU C 423 1.04 -12.78 45.36
CA LEU C 423 1.38 -12.15 44.10
C LEU C 423 2.86 -12.27 43.79
N GLY C 424 3.71 -12.38 44.80
CA GLY C 424 5.14 -12.36 44.60
C GLY C 424 5.74 -10.99 44.44
N ILE C 425 5.00 -9.94 44.78
CA ILE C 425 5.46 -8.57 44.62
C ILE C 425 6.23 -8.16 45.86
N THR C 426 7.46 -7.66 45.67
CA THR C 426 8.32 -7.24 46.77
C THR C 426 7.82 -5.91 47.33
N HIS C 427 7.27 -5.96 48.54
CA HIS C 427 6.73 -4.79 49.20
C HIS C 427 7.82 -4.05 49.99
N ILE C 428 7.70 -2.73 50.05
CA ILE C 428 8.48 -1.90 50.96
C ILE C 428 7.48 -1.09 51.79
N ILE C 429 7.60 -1.16 53.12
CA ILE C 429 6.64 -0.54 54.03
C ILE C 429 7.33 0.57 54.81
N LYS C 430 6.81 1.78 54.70
CA LYS C 430 7.20 2.91 55.54
C LYS C 430 6.05 3.19 56.51
N THR C 431 6.33 3.10 57.81
CA THR C 431 5.32 3.33 58.84
C THR C 431 5.95 4.13 59.98
N ASP C 432 5.07 4.68 60.83
CA ASP C 432 5.48 5.53 61.93
C ASP C 432 4.89 4.98 63.21
N ASN C 433 5.66 5.05 64.30
CA ASN C 433 5.19 4.53 65.59
C ASN C 433 4.45 5.57 66.43
N ASP C 434 3.42 5.10 67.14
CA ASP C 434 2.58 5.95 67.97
C ASP C 434 2.26 5.21 69.26
N LEU C 435 1.59 5.91 70.19
CA LEU C 435 1.23 5.34 71.48
C LEU C 435 -0.18 5.78 71.84
N LYS C 436 -0.87 4.92 72.60
CA LYS C 436 -2.27 5.12 72.93
C LYS C 436 -2.49 4.87 74.41
N SER C 437 -3.17 5.79 75.08
CA SER C 437 -3.54 5.59 76.49
C SER C 437 -4.63 4.54 76.61
N LYS C 438 -4.52 3.71 77.65
CA LYS C 438 -5.43 2.61 77.88
C LYS C 438 -6.65 3.09 78.65
N LYS C 439 -7.79 2.45 78.41
CA LYS C 439 -9.05 2.85 79.03
C LYS C 439 -9.11 2.46 80.49
N GLY C 440 -9.71 3.33 81.31
CA GLY C 440 -9.91 3.06 82.72
C GLY C 440 -8.75 3.46 83.61
N LYS C 441 -7.62 3.86 83.05
CA LYS C 441 -6.43 4.22 83.81
C LYS C 441 -5.90 5.55 83.31
N LYS C 442 -5.19 6.25 84.19
CA LYS C 442 -4.55 7.52 83.86
C LYS C 442 -3.04 7.35 83.94
N GLY C 443 -2.36 7.73 82.87
CA GLY C 443 -0.91 7.58 82.80
C GLY C 443 -0.44 6.22 82.35
N VAL C 444 -1.33 5.36 81.87
CA VAL C 444 -0.98 4.02 81.40
C VAL C 444 -1.10 4.01 79.89
N TYR C 445 -0.01 3.69 79.20
CA TYR C 445 0.07 3.75 77.76
C TYR C 445 0.56 2.42 77.20
N GLU C 446 0.15 2.14 75.96
CA GLU C 446 0.66 1.00 75.20
C GLU C 446 1.09 1.49 73.83
N LEU C 447 1.88 0.66 73.15
CA LEU C 447 2.53 1.06 71.89
C LEU C 447 1.82 0.38 70.73
N LEU C 448 1.00 1.14 70.00
CA LEU C 448 0.33 0.59 68.82
C LEU C 448 1.26 0.49 67.63
N GLY C 449 2.20 1.43 67.51
CA GLY C 449 3.07 1.49 66.34
C GLY C 449 4.15 0.43 66.28
N LEU C 450 4.48 -0.17 67.42
CA LEU C 450 5.34 -1.34 67.40
C LEU C 450 4.54 -2.63 67.25
N ASN C 451 3.30 -2.66 67.75
CA ASN C 451 2.43 -3.82 67.58
C ASN C 451 1.92 -3.98 66.16
N ARG C 452 1.78 -2.88 65.39
CA ARG C 452 1.43 -2.97 63.98
C ARG C 452 2.59 -3.46 63.12
N CYS C 453 3.83 -3.38 63.61
CA CYS C 453 4.97 -4.04 63.01
C CYS C 453 5.15 -5.47 63.51
N LEU C 454 4.75 -5.75 64.75
CA LEU C 454 4.80 -7.10 65.30
C LEU C 454 3.77 -8.04 64.69
N ASN C 455 2.59 -7.55 64.33
CA ASN C 455 1.56 -8.42 63.75
C ASN C 455 1.84 -8.82 62.32
N LEU C 456 2.72 -8.12 61.60
CA LEU C 456 3.08 -8.53 60.25
C LEU C 456 4.03 -9.71 60.26
N LEU C 457 4.83 -9.86 61.33
CA LEU C 457 5.75 -10.98 61.45
C LEU C 457 5.23 -12.10 62.33
N GLY C 458 4.13 -11.88 63.03
CA GLY C 458 3.53 -12.92 63.84
C GLY C 458 4.13 -13.13 65.22
N ARG C 459 4.98 -12.21 65.68
CA ARG C 459 5.61 -12.35 66.98
C ARG C 459 4.64 -11.90 68.08
N GLU C 460 5.04 -12.16 69.33
CA GLU C 460 4.22 -11.78 70.47
C GLU C 460 4.33 -10.28 70.75
N ASN C 461 3.32 -9.77 71.45
CA ASN C 461 3.21 -8.34 71.70
C ASN C 461 4.13 -7.91 72.84
N LEU C 462 4.26 -6.60 72.99
CA LEU C 462 5.07 -6.01 74.06
C LEU C 462 4.20 -5.70 75.28
N ASP C 463 4.86 -5.37 76.38
CA ASP C 463 4.18 -4.98 77.58
C ASP C 463 3.92 -3.47 77.59
N GLU C 464 2.96 -3.06 78.40
CA GLU C 464 2.61 -1.65 78.52
C GLU C 464 3.64 -0.90 79.36
N ILE C 465 3.69 0.42 79.16
CA ILE C 465 4.61 1.29 79.88
C ILE C 465 3.80 2.27 80.72
N THR C 466 4.48 2.86 81.71
CA THR C 466 3.88 3.85 82.60
C THR C 466 4.65 5.16 82.49
N ILE C 467 3.92 6.24 82.24
CA ILE C 467 4.51 7.58 82.19
C ILE C 467 3.49 8.58 82.73
N ASP C 468 3.95 9.46 83.62
CA ASP C 468 3.13 10.50 84.20
C ASP C 468 3.51 11.84 83.57
N ILE C 469 2.52 12.54 83.04
CA ILE C 469 2.73 13.76 82.27
C ILE C 469 1.98 14.87 82.99
N PRO C 470 2.62 16.02 83.28
CA PRO C 470 1.91 17.14 83.91
C PRO C 470 0.96 17.86 82.94
N GLU C 471 0.29 18.88 83.49
CA GLU C 471 -0.85 19.49 82.81
C GLU C 471 -0.42 20.44 81.69
N ASP C 472 0.38 21.47 82.05
CA ASP C 472 0.92 22.65 81.34
C ASP C 472 0.17 23.12 80.08
N ILE C 473 0.87 23.48 79.01
CA ILE C 473 0.22 23.75 77.73
C ILE C 473 -0.10 22.39 77.10
N LYS C 474 -1.40 22.10 76.96
CA LYS C 474 -1.83 20.79 76.50
C LYS C 474 -1.73 20.63 74.99
N GLY C 475 -1.61 21.72 74.24
CA GLY C 475 -1.57 21.64 72.80
C GLY C 475 -0.18 21.32 72.26
N LYS C 476 0.85 21.94 72.83
CA LYS C 476 2.22 21.79 72.35
C LYS C 476 3.11 21.07 73.34
N LYS C 477 3.17 21.54 74.59
CA LYS C 477 4.13 21.04 75.56
C LYS C 477 3.76 19.69 76.14
N LYS C 478 2.48 19.29 76.05
CA LYS C 478 2.10 17.93 76.42
C LYS C 478 2.59 16.92 75.38
N LYS C 479 2.62 17.32 74.11
CA LYS C 479 3.13 16.45 73.06
C LYS C 479 4.65 16.33 73.09
N GLU C 480 5.35 17.36 73.59
CA GLU C 480 6.81 17.39 73.57
C GLU C 480 7.43 16.42 74.57
N ARG C 481 6.75 16.18 75.69
CA ARG C 481 7.18 15.12 76.60
C ARG C 481 6.92 13.73 76.04
N LEU C 482 5.83 13.58 75.27
CA LEU C 482 5.51 12.31 74.63
C LEU C 482 6.47 11.97 73.49
N ASN C 483 7.02 13.00 72.83
CA ASN C 483 8.08 12.77 71.84
C ASN C 483 9.37 12.28 72.47
N GLU C 484 9.74 12.81 73.64
CA GLU C 484 10.92 12.34 74.36
C GLU C 484 10.70 10.95 74.95
N ARG C 485 9.46 10.64 75.38
CA ARG C 485 9.14 9.30 75.85
C ARG C 485 9.10 8.29 74.69
N LYS C 486 8.69 8.73 73.49
CA LYS C 486 8.75 7.86 72.31
C LYS C 486 10.18 7.62 71.84
N LYS C 487 11.06 8.63 71.95
CA LYS C 487 12.47 8.42 71.67
C LYS C 487 13.16 7.57 72.73
N GLU C 488 12.71 7.66 74.00
CA GLU C 488 13.19 6.78 75.05
C GLU C 488 12.71 5.34 74.86
N ILE C 489 11.52 5.16 74.28
CA ILE C 489 11.06 3.83 73.88
C ILE C 489 11.89 3.29 72.71
N PHE C 490 12.18 4.16 71.74
CA PHE C 490 12.90 3.75 70.53
C PHE C 490 14.39 3.52 70.78
N LYS C 491 14.94 4.08 71.87
CA LYS C 491 16.35 3.83 72.22
C LYS C 491 16.59 2.41 72.72
N GLN C 492 15.78 1.93 73.67
CA GLN C 492 16.01 0.62 74.26
C GLN C 492 15.09 -0.46 73.72
N TYR C 493 14.45 -0.23 72.58
CA TYR C 493 13.81 -1.29 71.81
C TYR C 493 14.44 -1.39 70.43
N LYS C 494 15.72 -1.02 70.32
CA LYS C 494 16.42 -0.97 69.04
C LYS C 494 16.74 -2.37 68.51
N ASN C 495 16.89 -3.35 69.42
CA ASN C 495 17.11 -4.74 69.03
C ASN C 495 15.87 -5.38 68.42
N GLU C 496 14.67 -4.88 68.72
CA GLU C 496 13.46 -5.28 68.00
C GLU C 496 13.43 -4.70 66.59
N VAL C 497 13.92 -3.46 66.42
CA VAL C 497 13.98 -2.79 65.13
C VAL C 497 15.08 -3.37 64.24
N GLY C 498 16.07 -4.04 64.85
CA GLY C 498 17.14 -4.72 64.13
C GLY C 498 16.73 -5.89 63.25
N GLU C 499 15.57 -6.52 63.53
CA GLU C 499 14.98 -7.45 62.59
C GLU C 499 13.80 -6.87 61.84
N PHE C 500 13.30 -5.69 62.24
CA PHE C 500 12.28 -5.00 61.46
C PHE C 500 12.88 -4.42 60.19
N LEU C 501 13.97 -3.67 60.31
CA LEU C 501 14.64 -3.07 59.16
C LEU C 501 15.47 -4.11 58.39
N GLY C 502 15.81 -5.23 59.02
CA GLY C 502 16.32 -6.39 58.29
C GLY C 502 15.28 -7.07 57.43
N GLU C 503 14.00 -6.94 57.80
CA GLU C 503 12.87 -7.25 56.94
C GLU C 503 12.52 -6.00 56.14
N ARG C 504 11.41 -6.02 55.41
CA ARG C 504 11.07 -4.91 54.52
C ARG C 504 10.06 -3.95 55.15
N ILE C 505 10.10 -3.76 56.46
CA ILE C 505 9.30 -2.76 57.16
C ILE C 505 10.23 -1.73 57.78
N TYR C 506 9.90 -0.46 57.61
CA TYR C 506 10.78 0.64 58.00
C TYR C 506 10.03 1.54 58.97
N LEU C 507 10.68 1.93 60.06
CA LEU C 507 10.03 2.68 61.14
C LEU C 507 10.78 3.96 61.42
N SER C 508 10.02 5.06 61.60
CA SER C 508 10.57 6.35 61.97
C SER C 508 10.65 6.47 63.49
N GLU C 509 10.86 7.69 63.99
CA GLU C 509 11.11 7.89 65.41
C GLU C 509 9.94 8.50 66.16
N ILE C 510 9.32 9.59 65.69
CA ILE C 510 8.04 10.03 66.24
C ILE C 510 6.98 10.18 65.13
N ASP C 511 7.35 10.78 64.01
CA ASP C 511 6.49 11.12 62.88
C ASP C 511 7.40 11.49 61.72
N LEU C 512 6.83 11.55 60.52
CA LEU C 512 7.64 11.80 59.33
C LEU C 512 8.05 13.27 59.19
N GLU C 513 7.24 14.19 59.70
CA GLU C 513 7.55 15.61 59.57
C GLU C 513 8.64 16.09 60.53
N ASN C 514 9.01 15.27 61.54
CA ASN C 514 10.04 15.66 62.48
C ASN C 514 11.41 15.08 62.16
N ASP C 515 11.50 13.95 61.45
CA ASP C 515 12.77 13.59 60.86
C ASP C 515 12.88 14.02 59.40
N LEU C 516 11.86 14.70 58.88
CA LEU C 516 12.08 15.62 57.78
C LEU C 516 12.82 16.87 58.26
N TYR C 517 12.58 17.27 59.52
CA TYR C 517 13.28 18.40 60.13
C TYR C 517 14.74 18.07 60.45
N SER C 518 15.09 16.79 60.60
CA SER C 518 16.50 16.43 60.75
C SER C 518 17.26 16.51 59.44
N ALA C 519 16.56 16.42 58.30
CA ALA C 519 17.22 16.47 57.01
C ALA C 519 17.30 17.90 56.47
N ILE C 520 16.16 18.55 56.29
CA ILE C 520 16.10 19.85 55.62
C ILE C 520 15.58 20.95 56.54
N GLY C 521 15.85 20.85 57.84
CA GLY C 521 15.38 21.84 58.80
C GLY C 521 16.10 23.18 58.75
N GLU C 522 17.28 23.23 58.13
CA GLU C 522 17.96 24.50 57.88
C GLU C 522 17.36 25.27 56.72
N SER C 523 16.57 24.61 55.87
CA SER C 523 15.91 25.26 54.74
C SER C 523 14.42 25.49 54.96
N MET C 524 13.86 25.02 56.08
CA MET C 524 12.46 25.27 56.36
C MET C 524 12.21 26.68 56.85
N LYS C 525 13.21 27.32 57.46
CA LYS C 525 13.04 28.65 58.01
C LYS C 525 13.15 29.75 56.96
N ARG C 526 13.61 29.43 55.75
CA ARG C 526 13.61 30.40 54.67
C ARG C 526 12.22 30.60 54.11
N ILE C 527 11.41 29.54 54.06
CA ILE C 527 10.11 29.58 53.41
C ILE C 527 9.00 29.89 54.41
N PHE C 528 9.03 29.22 55.58
CA PHE C 528 8.00 29.46 56.58
C PHE C 528 8.19 30.76 57.33
N GLU C 529 9.46 31.17 57.53
CA GLU C 529 9.92 32.32 58.35
C GLU C 529 9.38 32.25 59.78
N ASN C 530 9.44 31.05 60.36
CA ASN C 530 8.91 30.77 61.69
C ASN C 530 10.04 30.26 62.57
N GLU C 531 9.85 30.39 63.89
CA GLU C 531 10.83 29.89 64.86
C GLU C 531 10.85 28.36 64.89
N ASP C 532 9.68 27.75 64.98
CA ASP C 532 9.56 26.29 64.93
C ASP C 532 8.76 25.91 63.70
N PRO C 533 9.35 25.28 62.68
CA PRO C 533 8.56 24.90 61.49
C PRO C 533 7.70 23.67 61.68
N VAL C 534 8.06 22.75 62.59
CA VAL C 534 7.21 21.59 62.84
C VAL C 534 6.04 21.90 63.77
N HIS C 535 6.07 23.04 64.46
CA HIS C 535 4.88 23.52 65.14
C HIS C 535 3.85 24.01 64.13
N TYR C 536 4.31 24.66 63.06
CA TYR C 536 3.47 25.16 61.98
C TYR C 536 3.02 24.06 61.02
N LEU C 537 3.69 22.91 61.02
CA LEU C 537 3.41 21.85 60.06
C LEU C 537 2.45 20.78 60.60
N GLN C 538 2.44 20.55 61.91
CA GLN C 538 1.57 19.52 62.47
C GLN C 538 0.11 19.93 62.53
N LYS C 539 -0.18 21.24 62.61
CA LYS C 539 -1.56 21.70 62.62
C LYS C 539 -2.17 21.76 61.22
N SER C 540 -1.35 21.73 60.17
CA SER C 540 -1.83 21.68 58.79
C SER C 540 -0.88 20.77 58.01
N LYS C 541 -1.25 19.49 57.93
CA LYS C 541 -0.38 18.45 57.40
C LYS C 541 -0.29 18.50 55.87
N LEU C 542 -1.41 18.78 55.20
CA LEU C 542 -1.45 18.86 53.75
C LEU C 542 -1.40 20.28 53.23
N PHE C 543 -1.84 21.26 54.04
CA PHE C 543 -2.00 22.64 53.58
C PHE C 543 -0.66 23.35 53.46
N ASN C 544 0.31 22.99 54.28
CA ASN C 544 1.63 23.59 54.22
C ASN C 544 2.66 22.72 53.51
N MET C 545 2.28 21.50 53.09
CA MET C 545 3.20 20.65 52.33
C MET C 545 3.36 21.13 50.90
N VAL C 546 2.32 21.76 50.34
CA VAL C 546 2.42 22.36 49.00
C VAL C 546 3.24 23.64 48.99
N GLU C 547 3.48 24.26 50.14
CA GLU C 547 4.46 25.34 50.24
C GLU C 547 5.88 24.81 50.09
N LEU C 548 6.15 23.61 50.61
CA LEU C 548 7.46 22.98 50.40
C LEU C 548 7.60 22.44 48.99
N VAL C 549 6.52 21.94 48.40
CA VAL C 549 6.57 21.41 47.04
C VAL C 549 6.71 22.54 46.02
N ASN C 550 5.95 23.62 46.18
CA ASN C 550 5.94 24.72 45.23
C ASN C 550 7.16 25.61 45.31
N ASN C 551 7.94 25.55 46.39
CA ASN C 551 9.17 26.34 46.56
C ASN C 551 10.28 25.40 47.03
N LEU C 552 10.98 24.79 46.07
CA LEU C 552 12.10 23.91 46.38
C LEU C 552 13.03 23.86 45.18
N SER C 553 14.34 23.92 45.44
CA SER C 553 15.32 23.86 44.37
C SER C 553 15.70 22.42 44.06
N THR C 554 16.39 22.24 42.93
CA THR C 554 16.85 20.91 42.54
C THR C 554 18.06 20.47 43.37
N LYS C 555 18.84 21.42 43.89
CA LYS C 555 19.96 21.08 44.75
C LYS C 555 19.48 20.66 46.13
N ASP C 556 18.36 21.21 46.59
CA ASP C 556 17.79 20.83 47.87
C ASP C 556 17.13 19.47 47.77
N CYS C 557 17.07 18.78 48.94
CA CYS C 557 16.55 17.41 49.15
C CYS C 557 17.25 16.37 48.26
N PHE C 558 18.56 16.55 48.06
CA PHE C 558 19.38 15.52 47.45
C PHE C 558 20.09 14.66 48.48
N ASP C 559 20.21 15.16 49.72
CA ASP C 559 20.76 14.41 50.84
C ASP C 559 19.73 13.52 51.54
N VAL C 560 18.47 13.55 51.07
CA VAL C 560 17.38 12.71 51.57
C VAL C 560 17.65 11.24 51.28
N PHE C 561 18.26 10.96 50.11
CA PHE C 561 18.52 9.59 49.62
C PHE C 561 19.58 8.86 50.43
N GLU C 562 20.49 9.57 51.09
CA GLU C 562 21.60 8.95 51.79
C GLU C 562 21.41 8.94 53.31
N HIS C 563 20.24 9.35 53.79
CA HIS C 563 19.91 9.14 55.20
C HIS C 563 19.58 7.68 55.46
N GLU C 564 19.80 7.26 56.71
CA GLU C 564 19.25 6.00 57.17
C GLU C 564 17.78 6.13 57.56
N LYS C 565 17.33 7.35 57.87
CA LYS C 565 15.94 7.59 58.22
C LYS C 565 15.04 7.58 56.99
N PHE C 566 15.56 8.03 55.85
CA PHE C 566 14.78 8.05 54.61
C PHE C 566 15.38 7.07 53.61
N ALA C 567 15.76 5.90 54.09
CA ALA C 567 16.35 4.87 53.25
C ALA C 567 15.33 3.96 52.60
N CYS C 568 14.03 4.22 52.79
CA CYS C 568 13.00 3.38 52.18
C CYS C 568 12.87 3.66 50.69
N LEU C 569 13.19 4.87 50.26
CA LEU C 569 12.95 5.29 48.89
C LEU C 569 14.03 4.80 47.93
N LYS C 570 15.17 4.33 48.46
CA LYS C 570 16.23 3.75 47.63
C LYS C 570 15.88 2.36 47.12
N GLU C 571 15.09 1.59 47.87
CA GLU C 571 14.65 0.28 47.40
C GLU C 571 13.44 0.36 46.49
N LEU C 572 12.84 1.55 46.30
CA LEU C 572 11.91 1.74 45.19
C LEU C 572 12.64 1.70 43.86
N VAL C 573 13.80 2.36 43.78
CA VAL C 573 14.58 2.35 42.54
C VAL C 573 15.30 1.02 42.38
N GLY C 574 15.90 0.52 43.46
CA GLY C 574 16.61 -0.74 43.43
C GLY C 574 18.12 -0.63 43.40
N SER C 575 18.67 0.56 43.56
CA SER C 575 20.12 0.74 43.57
C SER C 575 20.69 0.47 44.95
N MET D 1 0.92 37.96 22.10
CA MET D 1 -0.48 38.33 22.33
C MET D 1 -1.34 37.09 22.47
N LYS D 2 -2.62 37.29 22.82
CA LYS D 2 -3.56 36.19 22.98
C LYS D 2 -4.50 36.11 21.79
N PHE D 3 -5.00 34.90 21.54
CA PHE D 3 -6.11 34.70 20.62
C PHE D 3 -7.39 35.17 21.29
N SER D 4 -8.35 35.59 20.48
CA SER D 4 -9.61 36.10 21.03
C SER D 4 -10.82 35.32 20.56
N ASN D 5 -10.93 35.05 19.26
CA ASN D 5 -12.15 34.51 18.70
C ASN D 5 -11.81 33.80 17.41
N ILE D 6 -12.71 32.93 16.98
CA ILE D 6 -12.68 32.38 15.63
C ILE D 6 -14.11 32.38 15.12
N THR D 7 -14.27 32.61 13.82
CA THR D 7 -15.60 32.73 13.20
C THR D 7 -15.60 31.82 11.98
N ILE D 8 -15.94 30.56 12.20
CA ILE D 8 -15.94 29.54 11.15
C ILE D 8 -17.38 29.39 10.68
N LYS D 9 -17.67 29.84 9.46
CA LYS D 9 -19.08 29.93 9.07
C LYS D 9 -19.58 28.70 8.32
N ASN D 10 -19.05 28.42 7.14
CA ASN D 10 -19.66 27.40 6.27
C ASN D 10 -18.77 26.18 6.08
N PHE D 11 -18.10 25.75 7.14
CA PHE D 11 -17.27 24.55 7.12
C PHE D 11 -18.15 23.31 7.34
N ARG D 12 -17.54 22.13 7.40
CA ARG D 12 -18.24 20.85 7.24
C ARG D 12 -19.08 20.41 8.44
N ASN D 13 -19.06 21.12 9.56
CA ASN D 13 -20.03 20.90 10.61
C ASN D 13 -20.75 22.16 11.04
N PHE D 14 -20.21 23.33 10.75
CA PHE D 14 -20.60 24.58 11.38
C PHE D 14 -21.55 25.38 10.49
N GLU D 15 -22.38 26.21 11.13
CA GLU D 15 -23.30 27.07 10.43
C GLU D 15 -23.05 28.55 10.69
N LYS D 16 -23.04 28.97 11.97
CA LYS D 16 -22.54 30.29 12.38
C LYS D 16 -22.12 30.14 13.85
N VAL D 17 -20.83 29.95 14.08
CA VAL D 17 -20.32 29.76 15.45
C VAL D 17 -19.21 30.76 15.73
N ASN D 18 -19.12 31.17 16.99
CA ASN D 18 -18.11 32.11 17.48
C ASN D 18 -17.48 31.47 18.71
N ILE D 19 -16.46 30.63 18.52
CA ILE D 19 -15.77 30.00 19.63
C ILE D 19 -14.70 30.97 20.13
N ASN D 20 -14.81 31.38 21.39
CA ASN D 20 -13.77 32.17 22.02
C ASN D 20 -12.53 31.33 22.25
N LEU D 21 -11.37 31.94 22.08
CA LEU D 21 -10.09 31.25 22.15
C LEU D 21 -9.17 31.98 23.11
N ASP D 22 -8.06 31.33 23.42
CA ASP D 22 -7.00 31.86 24.25
C ASP D 22 -5.74 31.08 23.87
N ASN D 23 -4.58 31.56 24.30
CA ASN D 23 -3.42 30.68 24.27
C ASN D 23 -3.56 29.57 25.32
N LYS D 24 -3.02 28.40 24.97
CA LYS D 24 -3.12 27.12 25.70
C LYS D 24 -4.58 26.71 25.92
N ASN D 25 -5.28 26.40 24.83
CA ASN D 25 -6.68 25.97 24.97
C ASN D 25 -6.88 24.52 24.53
N VAL D 26 -7.72 23.81 25.29
CA VAL D 26 -7.83 22.35 25.27
C VAL D 26 -9.25 21.97 24.87
N ILE D 27 -9.37 21.06 23.90
CA ILE D 27 -10.65 20.66 23.30
C ILE D 27 -10.98 19.27 23.82
N PHE D 28 -12.18 19.09 24.37
CA PHE D 28 -12.67 17.76 24.67
C PHE D 28 -14.13 17.65 24.25
N GLY D 29 -14.63 16.42 24.26
CA GLY D 29 -16.00 16.15 23.90
C GLY D 29 -16.23 14.67 23.73
N MET D 30 -17.42 14.34 23.24
CA MET D 30 -17.78 12.95 23.01
C MET D 30 -17.66 12.54 21.55
N ASN D 31 -17.73 13.47 20.62
CA ASN D 31 -17.51 13.19 19.21
C ASN D 31 -16.06 13.44 18.79
N ASP D 32 -15.58 12.63 17.86
CA ASP D 32 -14.23 12.80 17.33
C ASP D 32 -14.22 13.51 15.99
N ILE D 33 -15.37 13.56 15.30
CA ILE D 33 -15.51 14.19 14.00
C ILE D 33 -15.40 15.71 14.14
N GLY D 34 -16.07 16.29 15.14
CA GLY D 34 -15.99 17.73 15.36
C GLY D 34 -14.67 18.18 15.94
N LYS D 35 -14.04 17.34 16.77
CA LYS D 35 -12.72 17.65 17.29
C LYS D 35 -11.62 17.47 16.26
N THR D 36 -11.86 16.66 15.21
CA THR D 36 -10.92 16.61 14.10
C THR D 36 -11.13 17.79 13.14
N ASN D 37 -12.40 18.14 12.89
CA ASN D 37 -12.73 19.21 11.96
C ASN D 37 -12.44 20.59 12.50
N PHE D 38 -12.40 20.77 13.83
CA PHE D 38 -11.98 22.04 14.38
C PHE D 38 -10.47 22.26 14.21
N LEU D 39 -9.68 21.19 14.21
CA LEU D 39 -8.26 21.32 13.90
C LEU D 39 -8.01 21.48 12.41
N TYR D 40 -8.79 20.80 11.56
CA TYR D 40 -8.67 21.02 10.12
C TYR D 40 -9.20 22.39 9.67
N ALA D 41 -10.08 23.02 10.44
CA ALA D 41 -10.44 24.43 10.21
C ALA D 41 -9.28 25.37 10.48
N LEU D 42 -8.40 25.05 11.44
CA LEU D 42 -7.19 25.83 11.63
C LEU D 42 -6.12 25.51 10.59
N ARG D 43 -6.06 24.25 10.13
CA ARG D 43 -5.12 23.86 9.09
C ARG D 43 -5.47 24.44 7.72
N PHE D 44 -6.75 24.71 7.46
CA PHE D 44 -7.11 25.32 6.18
C PHE D 44 -6.84 26.82 6.15
N LEU D 45 -6.63 27.45 7.29
CA LEU D 45 -6.29 28.88 7.32
C LEU D 45 -4.80 29.13 7.51
N LEU D 46 -4.15 28.46 8.45
CA LEU D 46 -2.77 28.81 8.80
C LEU D 46 -1.72 27.82 8.29
N ASP D 47 -2.10 26.75 7.60
CA ASP D 47 -1.13 25.78 7.09
C ASP D 47 -1.25 25.68 5.58
N LYS D 48 -0.12 25.84 4.89
CA LYS D 48 -0.12 25.86 3.43
C LYS D 48 -0.23 24.49 2.80
N GLU D 49 0.12 23.42 3.54
CA GLU D 49 0.04 22.06 3.00
C GLU D 49 -1.38 21.51 2.94
N ILE D 50 -2.32 22.12 3.66
CA ILE D 50 -3.73 21.84 3.49
C ILE D 50 -4.41 22.88 2.61
N ARG D 51 -3.95 24.14 2.65
CA ARG D 51 -4.49 25.22 1.83
C ARG D 51 -4.13 25.10 0.35
N LYS D 52 -3.07 24.36 0.00
CA LYS D 52 -2.69 24.23 -1.40
C LYS D 52 -3.55 23.22 -2.15
N PHE D 53 -4.26 22.35 -1.45
CA PHE D 53 -5.14 21.39 -2.10
C PHE D 53 -6.53 21.92 -2.35
N GLY D 54 -6.90 23.02 -1.70
CA GLY D 54 -8.20 23.60 -1.88
C GLY D 54 -9.29 22.84 -1.12
N PHE D 55 -10.52 23.26 -1.38
CA PHE D 55 -11.69 22.66 -0.76
C PHE D 55 -12.29 21.62 -1.70
N ASN D 56 -12.73 20.51 -1.13
CA ASN D 56 -13.40 19.47 -1.90
C ASN D 56 -14.91 19.72 -1.89
N LYS D 57 -15.68 18.74 -2.37
CA LYS D 57 -17.13 18.85 -2.36
C LYS D 57 -17.69 18.63 -0.96
N SER D 58 -16.98 17.84 -0.14
CA SER D 58 -17.48 17.38 1.15
C SER D 58 -17.51 18.45 2.23
N ASP D 59 -16.57 19.39 2.21
CA ASP D 59 -16.52 20.44 3.23
C ASP D 59 -17.17 21.74 2.76
N TYR D 60 -18.46 21.62 2.42
CA TYR D 60 -19.35 22.78 2.18
C TYR D 60 -20.65 22.48 2.91
N HIS D 61 -20.69 22.85 4.21
CA HIS D 61 -21.70 22.56 5.21
C HIS D 61 -22.03 21.07 5.28
N LYS D 62 -23.13 20.63 4.66
CA LYS D 62 -23.36 19.19 4.57
C LYS D 62 -22.58 18.61 3.39
N HIS D 63 -23.01 18.94 2.17
CA HIS D 63 -22.19 18.78 0.98
C HIS D 63 -22.37 19.90 -0.04
N ASP D 64 -23.30 20.82 0.18
CA ASP D 64 -23.61 21.89 -0.75
C ASP D 64 -24.32 23.00 0.03
N THR D 65 -24.75 24.04 -0.72
CA THR D 65 -25.55 25.23 -0.37
C THR D 65 -24.85 26.21 0.57
N SER D 66 -25.19 27.50 0.41
CA SER D 66 -24.60 28.69 1.04
C SER D 66 -23.08 28.72 0.85
N LYS D 67 -22.69 28.89 -0.42
CA LYS D 67 -21.30 28.72 -0.85
C LYS D 67 -20.48 29.99 -0.59
N LYS D 68 -20.22 30.24 0.70
CA LYS D 68 -19.27 31.27 1.11
C LYS D 68 -18.67 30.81 2.44
N ILE D 69 -17.54 30.11 2.37
CA ILE D 69 -16.84 29.65 3.55
C ILE D 69 -16.00 30.80 4.09
N GLU D 70 -16.23 31.18 5.34
CA GLU D 70 -15.40 32.18 5.99
C GLU D 70 -14.83 31.63 7.28
N ILE D 71 -13.51 31.72 7.41
CA ILE D 71 -12.81 31.46 8.67
C ILE D 71 -12.08 32.76 9.00
N ILE D 72 -12.45 33.39 10.10
CA ILE D 72 -11.89 34.68 10.50
C ILE D 72 -11.21 34.50 11.85
N LEU D 73 -9.92 34.79 11.91
CA LEU D 73 -9.14 34.68 13.14
C LEU D 73 -8.95 36.05 13.76
N THR D 74 -9.08 36.12 15.08
CA THR D 74 -8.94 37.36 15.84
C THR D 74 -7.74 37.25 16.77
N LEU D 75 -6.86 38.25 16.75
CA LEU D 75 -5.62 38.19 17.50
C LEU D 75 -5.28 39.55 18.12
N ASP D 76 -6.25 40.49 18.14
CA ASP D 76 -6.25 41.82 18.77
C ASP D 76 -5.18 42.77 18.23
N LEU D 77 -3.90 42.49 18.55
CA LEU D 77 -2.69 43.23 18.14
C LEU D 77 -2.71 44.70 18.59
N SER D 78 -2.85 44.91 19.89
CA SER D 78 -2.58 46.24 20.47
C SER D 78 -1.90 46.10 21.83
N ASN D 79 -1.05 45.08 21.97
CA ASN D 79 -0.25 44.99 23.19
C ASN D 79 0.89 45.99 23.17
N TYR D 80 1.58 46.12 22.01
CA TYR D 80 2.84 46.83 21.72
C TYR D 80 3.90 46.68 22.81
N GLU D 81 4.58 47.80 23.14
CA GLU D 81 5.64 48.02 24.15
C GLU D 81 6.75 46.95 24.21
N LYS D 82 6.58 45.91 25.03
CA LYS D 82 7.70 45.08 25.45
C LYS D 82 8.02 43.92 24.51
N ASP D 83 7.02 43.12 24.14
CA ASP D 83 7.27 41.82 23.53
C ASP D 83 7.62 41.93 22.05
N GLU D 84 8.42 40.96 21.58
CA GLU D 84 8.86 40.90 20.20
C GLU D 84 7.88 40.17 19.29
N ASP D 85 6.84 39.56 19.87
CA ASP D 85 5.82 38.86 19.09
C ASP D 85 4.96 39.86 18.32
N THR D 86 4.57 40.95 18.99
CA THR D 86 3.70 41.96 18.41
C THR D 86 4.44 42.78 17.35
N LYS D 87 5.76 42.99 17.55
CA LYS D 87 6.59 43.68 16.58
C LYS D 87 6.82 42.85 15.32
N LYS D 88 7.07 41.53 15.49
CA LYS D 88 7.27 40.62 14.38
C LYS D 88 5.99 40.33 13.60
N LEU D 89 4.82 40.60 14.17
CA LEU D 89 3.62 40.58 13.34
C LEU D 89 3.21 41.95 12.80
N ILE D 90 3.56 43.06 13.47
CA ILE D 90 3.10 44.38 12.98
C ILE D 90 4.04 44.87 11.87
N SER D 91 5.26 44.34 11.77
CA SER D 91 6.22 44.84 10.79
C SER D 91 5.95 44.34 9.37
N VAL D 92 5.06 43.37 9.18
CA VAL D 92 4.78 42.78 7.88
C VAL D 92 3.39 43.10 7.37
N VAL D 93 2.50 43.65 8.21
CA VAL D 93 1.11 43.91 7.83
C VAL D 93 0.90 45.37 7.45
N LYS D 94 1.96 46.07 7.06
CA LYS D 94 2.00 47.54 7.01
C LYS D 94 1.20 48.14 5.86
N GLY D 95 0.82 47.36 4.85
CA GLY D 95 -0.10 47.86 3.86
C GLY D 95 -1.56 47.68 4.20
N ALA D 96 -1.86 46.81 5.17
CA ALA D 96 -3.24 46.48 5.52
C ALA D 96 -3.70 47.06 6.84
N ARG D 97 -2.88 47.88 7.50
CA ARG D 97 -3.29 48.53 8.74
C ARG D 97 -3.98 49.85 8.41
N THR D 98 -5.14 50.08 9.04
CA THR D 98 -5.82 51.36 8.87
C THR D 98 -5.13 52.47 9.64
N SER D 99 -4.71 52.18 10.86
CA SER D 99 -3.98 53.14 11.70
C SER D 99 -3.14 52.35 12.68
N ALA D 100 -2.43 53.09 13.54
CA ALA D 100 -1.70 52.51 14.65
C ALA D 100 -2.46 52.63 15.98
N ASN D 101 -3.80 52.63 15.92
CA ASN D 101 -4.63 52.85 17.08
C ASN D 101 -5.76 51.84 17.25
N ALA D 102 -5.97 50.96 16.27
CA ALA D 102 -7.04 49.97 16.35
C ALA D 102 -6.66 48.84 17.31
N ASP D 103 -7.69 48.17 17.84
CA ASP D 103 -7.51 47.19 18.90
C ASP D 103 -7.86 45.76 18.50
N VAL D 104 -8.44 45.54 17.32
CA VAL D 104 -8.83 44.22 16.84
C VAL D 104 -8.16 44.02 15.48
N PHE D 105 -7.56 42.85 15.25
CA PHE D 105 -7.04 42.50 13.93
C PHE D 105 -7.77 41.29 13.37
N TYR D 106 -7.77 41.19 12.04
CA TYR D 106 -8.56 40.21 11.30
C TYR D 106 -7.68 39.46 10.31
N ILE D 107 -7.77 38.13 10.32
CA ILE D 107 -7.19 37.26 9.30
C ILE D 107 -8.35 36.47 8.70
N ALA D 108 -8.82 36.86 7.51
CA ALA D 108 -10.07 36.38 6.97
C ALA D 108 -9.84 35.47 5.77
N LEU D 109 -10.52 34.33 5.75
CA LEU D 109 -10.54 33.40 4.64
C LEU D 109 -11.84 33.54 3.87
N GLU D 110 -11.77 33.36 2.55
CA GLU D 110 -12.96 33.35 1.71
C GLU D 110 -12.83 32.24 0.68
N SER D 111 -13.97 31.67 0.29
CA SER D 111 -14.03 30.62 -0.73
C SER D 111 -15.40 30.64 -1.38
N LYS D 112 -15.44 30.64 -2.71
CA LYS D 112 -16.69 30.75 -3.46
C LYS D 112 -16.65 29.85 -4.69
N TYR D 113 -17.86 29.51 -5.15
CA TYR D 113 -18.22 28.82 -6.41
C TYR D 113 -17.49 27.47 -6.59
N ASP D 114 -17.88 26.51 -5.76
CA ASP D 114 -17.42 25.13 -5.94
C ASP D 114 -18.22 24.40 -7.02
N ASP D 115 -19.35 24.95 -7.48
CA ASP D 115 -20.14 24.31 -8.53
C ASP D 115 -19.51 24.44 -9.91
N LYS D 116 -18.61 25.39 -10.11
CA LYS D 116 -17.87 25.53 -11.35
C LYS D 116 -16.42 25.12 -11.11
N GLU D 117 -15.90 24.27 -12.02
CA GLU D 117 -14.53 23.77 -12.18
C GLU D 117 -14.03 22.86 -11.06
N LEU D 118 -14.89 22.49 -10.09
CA LEU D 118 -14.65 21.52 -8.99
C LEU D 118 -13.48 21.92 -8.09
N TYR D 119 -13.35 23.21 -7.81
CA TYR D 119 -12.27 23.72 -6.97
C TYR D 119 -12.81 24.71 -5.95
N GLY D 120 -12.10 24.81 -4.83
CA GLY D 120 -12.59 25.60 -3.71
C GLY D 120 -12.24 27.07 -3.83
N ASN D 121 -11.03 27.38 -4.32
CA ASN D 121 -10.43 28.71 -4.53
C ASN D 121 -10.38 29.55 -3.24
N ILE D 122 -9.46 29.22 -2.34
CA ILE D 122 -9.30 29.96 -1.09
C ILE D 122 -8.65 31.32 -1.37
N ILE D 123 -9.35 32.40 -0.98
CA ILE D 123 -8.79 33.75 -0.99
C ILE D 123 -8.62 34.20 0.47
N LEU D 124 -7.40 34.62 0.82
CA LEU D 124 -7.10 35.14 2.14
C LEU D 124 -7.09 36.67 2.11
N LYS D 125 -7.66 37.29 3.14
CA LYS D 125 -7.76 38.75 3.24
C LYS D 125 -7.40 39.22 4.64
N TRP D 126 -6.54 40.23 4.73
CA TRP D 126 -6.19 40.92 5.97
C TRP D 126 -7.05 42.15 6.21
N GLY D 127 -6.95 42.70 7.41
CA GLY D 127 -7.68 43.91 7.75
C GLY D 127 -7.75 44.09 9.25
N SER D 128 -8.36 45.21 9.65
CA SER D 128 -8.57 45.51 11.06
C SER D 128 -10.02 45.38 11.49
N GLU D 129 -10.97 45.48 10.58
CA GLU D 129 -12.37 45.24 10.88
C GLU D 129 -13.00 44.57 9.66
N LEU D 130 -14.30 44.29 9.74
CA LEU D 130 -14.98 43.58 8.67
C LEU D 130 -15.24 44.47 7.47
N ASP D 131 -15.29 45.78 7.67
CA ASP D 131 -15.23 46.72 6.56
C ASP D 131 -13.79 46.92 6.13
N ASN D 132 -13.60 47.12 4.82
CA ASN D 132 -12.32 47.42 4.13
C ASN D 132 -11.25 46.34 4.35
N LEU D 133 -11.66 45.09 4.17
CA LEU D 133 -10.70 43.99 4.19
C LEU D 133 -9.88 43.99 2.90
N ILE D 134 -8.57 43.88 3.03
CA ILE D 134 -7.64 44.02 1.92
C ILE D 134 -6.88 42.70 1.80
N ASP D 135 -6.85 42.14 0.58
CA ASP D 135 -6.28 40.82 0.32
C ASP D 135 -4.78 40.78 0.48
N ILE D 136 -4.26 39.61 0.81
CA ILE D 136 -2.86 39.43 1.20
C ILE D 136 -2.04 39.34 -0.09
N PRO D 137 -1.03 40.20 -0.28
CA PRO D 137 -0.19 40.09 -1.48
C PRO D 137 0.83 38.95 -1.37
N GLY D 138 0.94 38.17 -2.44
CA GLY D 138 1.91 37.11 -2.54
C GLY D 138 2.31 36.90 -3.98
N ARG D 139 3.60 36.68 -4.23
CA ARG D 139 4.10 36.68 -5.61
C ARG D 139 3.85 35.36 -6.32
N GLY D 140 4.26 34.26 -5.71
CA GLY D 140 4.14 32.97 -6.37
C GLY D 140 3.24 31.98 -5.67
N ASN D 141 3.83 30.93 -5.10
CA ASN D 141 3.10 29.92 -4.36
C ASN D 141 2.92 30.26 -2.89
N ILE D 142 3.58 31.32 -2.40
CA ILE D 142 3.69 31.61 -0.98
C ILE D 142 3.02 32.96 -0.70
N ASN D 143 2.08 32.97 0.24
CA ASN D 143 1.44 34.19 0.71
C ASN D 143 2.36 34.94 1.67
N ALA D 144 1.93 36.13 2.09
CA ALA D 144 2.61 36.84 3.16
C ALA D 144 2.11 36.42 4.54
N LEU D 145 1.06 35.60 4.61
CA LEU D 145 0.66 34.96 5.86
C LEU D 145 1.59 33.81 6.23
N ASP D 146 2.08 33.08 5.22
CA ASP D 146 2.87 31.87 5.44
C ASP D 146 4.30 32.14 5.88
N ASN D 147 4.79 33.37 5.73
CA ASN D 147 6.12 33.73 6.19
C ASN D 147 6.19 33.93 7.70
N VAL D 148 5.06 34.12 8.36
CA VAL D 148 4.99 34.56 9.73
C VAL D 148 4.58 33.43 10.68
N PHE D 149 3.49 32.73 10.34
CA PHE D 149 2.97 31.68 11.21
C PHE D 149 3.51 30.32 10.79
N LYS D 150 3.68 29.42 11.76
CA LYS D 150 4.14 28.07 11.52
C LYS D 150 3.24 27.09 12.26
N VAL D 151 2.83 26.02 11.59
CA VAL D 151 1.87 25.05 12.12
C VAL D 151 2.53 23.68 12.12
N ILE D 152 2.57 23.05 13.30
CA ILE D 152 3.06 21.68 13.45
C ILE D 152 1.92 20.83 14.01
N TYR D 153 1.56 19.79 13.26
CA TYR D 153 0.46 18.89 13.59
C TYR D 153 1.02 17.56 14.10
N ILE D 154 0.43 17.04 15.18
CA ILE D 154 0.90 15.82 15.83
C ILE D 154 -0.25 14.83 15.87
N ASN D 155 -0.06 13.66 15.24
CA ASN D 155 -0.99 12.56 15.35
C ASN D 155 -0.23 11.24 15.30
N PRO D 156 -0.27 10.41 16.35
CA PRO D 156 0.43 9.13 16.32
C PRO D 156 -0.48 7.98 15.88
N LYS D 281 9.18 33.46 13.44
CA LYS D 281 8.19 32.41 13.22
C LYS D 281 7.31 32.21 14.45
N ILE D 282 6.04 32.52 14.32
CA ILE D 282 5.05 32.30 15.37
C ILE D 282 4.56 30.87 15.24
N VAL D 283 4.73 30.09 16.29
CA VAL D 283 4.57 28.63 16.25
C VAL D 283 3.25 28.25 16.92
N ILE D 284 2.39 27.55 16.19
CA ILE D 284 1.11 27.07 16.70
C ILE D 284 1.11 25.56 16.59
N TYR D 285 0.96 24.87 17.71
CA TYR D 285 0.88 23.42 17.74
C TYR D 285 -0.57 22.99 17.62
N LEU D 286 -0.79 21.78 17.11
CA LEU D 286 -2.11 21.17 17.03
C LEU D 286 -1.96 19.69 17.31
N ILE D 287 -2.44 19.24 18.47
CA ILE D 287 -2.20 17.89 18.95
C ILE D 287 -3.53 17.14 18.97
N GLU D 288 -3.61 16.04 18.23
CA GLU D 288 -4.80 15.20 18.19
C GLU D 288 -4.45 13.80 18.68
N GLU D 289 -5.10 13.38 19.77
CA GLU D 289 -5.04 12.09 20.47
C GLU D 289 -3.63 11.61 20.81
N PRO D 290 -2.92 12.22 21.77
CA PRO D 290 -1.53 11.81 22.01
C PRO D 290 -1.36 10.62 22.95
N GLU D 291 -2.43 10.15 23.60
CA GLU D 291 -2.32 9.06 24.55
C GLU D 291 -2.42 7.69 23.90
N ILE D 292 -2.77 7.62 22.62
CA ILE D 292 -2.72 6.36 21.89
C ILE D 292 -1.26 6.05 21.58
N SER D 293 -0.82 4.84 21.95
CA SER D 293 0.57 4.38 22.04
C SER D 293 1.43 5.32 22.88
N LEU D 294 0.95 5.60 24.08
CA LEU D 294 1.68 6.36 25.08
C LEU D 294 1.39 5.75 26.45
N HIS D 295 2.42 5.67 27.29
CA HIS D 295 2.27 5.10 28.62
C HIS D 295 1.54 6.07 29.53
N ARG D 296 0.87 5.52 30.55
CA ARG D 296 0.03 6.30 31.45
C ARG D 296 0.83 7.13 32.45
N SER D 297 2.10 6.82 32.66
CA SER D 297 2.97 7.70 33.43
C SER D 297 3.61 8.78 32.56
N MET D 298 3.65 8.57 31.25
CA MET D 298 4.20 9.56 30.32
C MET D 298 3.24 10.71 30.06
N GLN D 299 1.94 10.48 30.29
CA GLN D 299 0.93 11.52 30.06
C GLN D 299 0.99 12.62 31.11
N ILE D 300 1.43 12.29 32.33
CA ILE D 300 1.61 13.31 33.37
C ILE D 300 2.82 14.18 33.07
N ALA D 301 3.88 13.60 32.50
CA ALA D 301 5.04 14.37 32.06
C ALA D 301 4.73 15.23 30.85
N LEU D 302 3.89 14.73 29.94
CA LEU D 302 3.41 15.56 28.83
C LEU D 302 2.45 16.65 29.30
N SER D 303 1.70 16.40 30.38
CA SER D 303 0.86 17.43 30.98
C SER D 303 1.68 18.49 31.69
N LYS D 304 2.85 18.13 32.23
CA LYS D 304 3.77 19.14 32.72
C LYS D 304 4.37 19.95 31.56
N GLN D 305 4.80 19.26 30.49
CA GLN D 305 5.50 19.92 29.39
C GLN D 305 4.58 20.77 28.51
N LEU D 306 3.27 20.49 28.52
CA LEU D 306 2.33 21.30 27.76
C LEU D 306 2.06 22.63 28.44
N PHE D 307 2.00 22.65 29.78
CA PHE D 307 1.49 23.80 30.50
C PHE D 307 2.55 24.55 31.29
N GLU D 308 3.30 23.88 32.19
CA GLU D 308 4.23 24.63 33.02
C GLU D 308 5.61 24.78 32.39
N GLN D 309 5.85 24.17 31.23
CA GLN D 309 7.05 24.44 30.46
C GLN D 309 6.78 25.60 29.50
N SER D 310 7.75 26.50 29.37
CA SER D 310 7.59 27.72 28.61
C SER D 310 7.95 27.56 27.13
N THR D 311 8.17 26.34 26.65
CA THR D 311 8.42 26.11 25.23
C THR D 311 7.14 26.28 24.42
N TYR D 312 6.04 25.71 24.91
CA TYR D 312 4.78 25.73 24.18
C TYR D 312 3.96 26.93 24.62
N LYS D 313 3.62 27.80 23.66
CA LYS D 313 2.72 28.93 23.91
C LYS D 313 1.35 28.73 23.31
N TYR D 314 1.30 28.45 22.01
CA TYR D 314 0.06 28.33 21.25
C TYR D 314 -0.13 26.87 20.88
N PHE D 315 -1.07 26.19 21.55
CA PHE D 315 -1.49 24.88 21.08
C PHE D 315 -3.02 24.80 21.09
N PHE D 316 -3.52 23.74 20.45
CA PHE D 316 -4.95 23.39 20.47
C PHE D 316 -5.01 21.89 20.73
N LEU D 317 -5.17 21.49 21.99
CA LEU D 317 -5.05 20.09 22.40
C LEU D 317 -6.40 19.39 22.32
N SER D 318 -6.43 18.22 21.69
CA SER D 318 -7.58 17.33 21.72
C SER D 318 -7.17 16.02 22.38
N THR D 319 -7.95 15.59 23.37
CA THR D 319 -7.58 14.42 24.17
C THR D 319 -8.81 13.73 24.72
N HIS D 320 -8.58 12.53 25.25
CA HIS D 320 -9.62 11.71 25.88
C HIS D 320 -9.20 11.17 27.24
N SER D 321 -7.97 11.42 27.68
CA SER D 321 -7.45 10.81 28.88
C SER D 321 -7.32 11.82 30.01
N PRO D 322 -7.66 11.44 31.26
CA PRO D 322 -7.57 12.40 32.37
C PRO D 322 -6.17 12.68 32.87
N GLU D 323 -5.16 11.91 32.49
CA GLU D 323 -3.81 12.11 33.00
C GLU D 323 -3.07 13.24 32.30
N LEU D 324 -3.58 13.73 31.16
CA LEU D 324 -3.03 14.89 30.48
C LEU D 324 -3.58 16.20 31.02
N LEU D 325 -4.50 16.15 31.98
CA LEU D 325 -5.16 17.34 32.50
C LEU D 325 -4.89 17.53 33.99
N TYR D 326 -3.73 17.07 34.48
CA TYR D 326 -3.45 17.17 35.91
C TYR D 326 -2.94 18.55 36.32
N GLU D 327 -2.04 19.13 35.54
CA GLU D 327 -1.41 20.41 35.87
C GLU D 327 -1.84 21.43 34.82
N MET D 328 -2.88 22.18 35.11
CA MET D 328 -3.42 23.17 34.18
C MET D 328 -3.48 24.55 34.81
N ASP D 329 -3.11 25.57 34.04
CA ASP D 329 -3.18 26.96 34.48
C ASP D 329 -3.31 27.86 33.25
N ASN D 330 -4.18 28.88 33.38
CA ASN D 330 -4.47 29.93 32.38
C ASN D 330 -4.97 29.35 31.06
N THR D 331 -5.97 28.49 31.14
CA THR D 331 -6.38 27.60 30.06
C THR D 331 -7.85 27.80 29.76
N ARG D 332 -8.19 28.10 28.51
CA ARG D 332 -9.57 28.12 28.07
C ARG D 332 -9.98 26.69 27.75
N LEU D 333 -11.17 26.29 28.17
CA LEU D 333 -11.62 24.93 27.92
C LEU D 333 -12.81 24.94 26.97
N ILE D 334 -12.61 24.37 25.78
CA ILE D 334 -13.65 24.24 24.78
C ILE D 334 -14.24 22.85 24.89
N ARG D 335 -15.53 22.77 25.22
CA ARG D 335 -16.24 21.51 25.25
C ARG D 335 -17.10 21.42 24.00
N VAL D 336 -16.94 20.35 23.24
CA VAL D 336 -17.74 20.11 22.04
C VAL D 336 -18.86 19.17 22.44
N HIS D 337 -20.10 19.59 22.18
CA HIS D 337 -21.27 18.82 22.59
C HIS D 337 -21.49 17.64 21.65
N SER D 338 -22.23 16.65 22.15
CA SER D 338 -22.49 15.43 21.39
C SER D 338 -23.58 15.60 20.33
N THR D 339 -24.35 16.68 20.41
CA THR D 339 -25.43 16.94 19.47
C THR D 339 -24.89 17.40 18.12
N GLU D 340 -25.78 17.40 17.12
CA GLU D 340 -25.39 17.65 15.74
C GLU D 340 -25.22 19.13 15.41
N LYS D 341 -25.64 20.04 16.29
CA LYS D 341 -25.47 21.46 16.03
C LYS D 341 -24.10 22.00 16.43
N VAL D 342 -23.27 21.17 17.07
CA VAL D 342 -21.82 21.23 17.36
C VAL D 342 -21.42 22.54 18.07
N VAL D 343 -22.31 23.05 18.92
CA VAL D 343 -22.08 24.30 19.64
C VAL D 343 -21.09 24.06 20.78
N CYS D 344 -20.25 25.06 21.03
CA CYS D 344 -19.12 24.94 21.94
C CYS D 344 -19.18 26.02 23.01
N SER D 345 -18.85 25.63 24.23
CA SER D 345 -18.79 26.55 25.36
C SER D 345 -17.34 26.70 25.77
N SER D 346 -16.86 27.93 25.80
CA SER D 346 -15.46 28.24 26.10
C SER D 346 -15.39 28.90 27.47
N HIS D 347 -14.72 28.22 28.42
CA HIS D 347 -14.58 28.70 29.79
C HIS D 347 -13.12 28.72 30.18
N MET D 348 -12.68 29.82 30.79
CA MET D 348 -11.33 29.90 31.33
C MET D 348 -11.21 29.05 32.59
N TYR D 349 -10.08 28.35 32.72
CA TYR D 349 -9.78 27.58 33.91
C TYR D 349 -8.64 28.28 34.63
N ASN D 350 -8.97 29.09 35.63
CA ASN D 350 -8.00 29.78 36.46
C ASN D 350 -8.08 29.26 37.88
N VAL D 351 -6.92 29.04 38.48
CA VAL D 351 -6.85 28.54 39.85
C VAL D 351 -6.21 29.59 40.76
N VAL D 358 -4.65 23.31 47.87
CA VAL D 358 -4.00 22.29 47.06
C VAL D 358 -4.66 22.22 45.69
N LYS D 359 -3.96 22.71 44.67
CA LYS D 359 -4.48 22.69 43.31
C LYS D 359 -4.39 21.29 42.70
N LYS D 360 -3.38 20.51 43.09
CA LYS D 360 -3.08 19.24 42.45
C LYS D 360 -4.09 18.15 42.82
N LYS D 361 -4.47 18.08 44.10
CA LYS D 361 -5.51 17.14 44.51
C LYS D 361 -6.91 17.62 44.11
N LEU D 362 -7.09 18.92 43.92
CA LEU D 362 -8.35 19.43 43.38
C LEU D 362 -8.49 19.12 41.90
N ASN D 363 -7.37 19.05 41.17
CA ASN D 363 -7.41 18.78 39.75
C ASN D 363 -7.33 17.29 39.41
N LYS D 364 -6.68 16.48 40.26
CA LYS D 364 -6.52 15.06 39.99
C LYS D 364 -7.81 14.29 40.22
N ALA D 365 -8.59 14.68 41.23
CA ALA D 365 -9.88 14.06 41.47
C ALA D 365 -10.92 14.53 40.46
N LEU D 366 -10.77 15.73 39.92
CA LEU D 366 -11.72 16.29 38.98
C LEU D 366 -11.32 16.11 37.52
N SER D 367 -10.16 15.47 37.26
CA SER D 367 -9.68 15.25 35.89
C SER D 367 -10.56 14.28 35.12
N SER D 368 -11.15 13.29 35.79
CA SER D 368 -12.13 12.44 35.14
C SER D 368 -13.52 13.05 35.12
N ALA D 369 -13.76 14.11 35.92
CA ALA D 369 -15.06 14.76 35.95
C ALA D 369 -15.13 15.95 34.99
N LEU D 370 -13.98 16.38 34.46
CA LEU D 370 -13.98 17.38 33.39
C LEU D 370 -14.52 16.84 32.06
N PHE D 371 -14.47 15.52 31.86
CA PHE D 371 -14.99 14.91 30.64
C PHE D 371 -16.48 14.59 30.72
N ALA D 372 -17.15 14.92 31.82
CA ALA D 372 -18.56 14.62 32.02
C ALA D 372 -19.34 15.90 32.25
N GLU D 373 -20.51 16.02 31.60
CA GLU D 373 -21.36 17.17 31.82
C GLU D 373 -22.15 17.06 33.13
N ARG D 374 -22.55 15.84 33.49
CA ARG D 374 -23.35 15.59 34.67
C ARG D 374 -22.55 14.75 35.66
N VAL D 375 -22.20 15.35 36.80
CA VAL D 375 -21.35 14.72 37.80
C VAL D 375 -22.12 14.65 39.11
N LEU D 376 -22.30 13.44 39.63
CA LEU D 376 -22.92 13.24 40.94
C LEU D 376 -21.84 13.28 42.01
N LEU D 377 -22.09 14.04 43.08
CA LEU D 377 -21.13 14.21 44.16
C LEU D 377 -21.62 13.40 45.36
N ILE D 378 -21.01 12.24 45.57
CA ILE D 378 -21.30 11.39 46.71
C ILE D 378 -20.15 11.47 47.70
N GLU D 379 -20.46 11.20 48.96
CA GLU D 379 -19.54 11.51 50.05
C GLU D 379 -18.67 10.34 50.51
N GLY D 380 -19.00 9.10 50.12
CA GLY D 380 -18.27 7.97 50.65
C GLY D 380 -18.03 6.85 49.64
N PRO D 381 -17.09 5.94 49.95
CA PRO D 381 -16.79 4.84 49.01
C PRO D 381 -17.82 3.72 48.99
N SER D 382 -18.52 3.50 50.11
CA SER D 382 -19.51 2.43 50.17
C SER D 382 -20.80 2.79 49.43
N GLU D 383 -21.06 4.07 49.21
CA GLU D 383 -22.20 4.49 48.40
C GLU D 383 -21.96 4.26 46.92
N LYS D 384 -20.69 4.31 46.49
CA LYS D 384 -20.34 4.05 45.10
C LYS D 384 -20.47 2.57 44.74
N ILE D 385 -20.36 1.68 45.73
CA ILE D 385 -20.52 0.24 45.53
C ILE D 385 -21.98 -0.10 45.19
N LEU D 386 -22.94 0.55 45.85
CA LEU D 386 -24.33 0.37 45.48
C LEU D 386 -24.69 1.15 44.21
N PHE D 387 -24.13 2.35 44.04
CA PHE D 387 -24.48 3.17 42.89
C PHE D 387 -23.83 2.72 41.59
N GLU D 388 -22.80 1.88 41.64
CA GLU D 388 -22.34 1.21 40.44
C GLU D 388 -23.26 0.07 40.03
N LYS D 389 -23.73 -0.73 40.99
CA LYS D 389 -24.56 -1.90 40.69
C LYS D 389 -25.98 -1.53 40.29
N VAL D 390 -26.55 -0.50 40.92
CA VAL D 390 -27.89 -0.02 40.58
C VAL D 390 -27.90 0.64 39.21
N LEU D 391 -26.81 1.32 38.85
CA LEU D 391 -26.70 1.87 37.50
C LEU D 391 -26.40 0.80 36.45
N ASP D 392 -25.61 -0.23 36.80
CA ASP D 392 -25.31 -1.29 35.83
C ASP D 392 -26.46 -2.27 35.64
N GLU D 393 -27.40 -2.36 36.60
CA GLU D 393 -28.56 -3.22 36.38
C GLU D 393 -29.66 -2.53 35.57
N VAL D 394 -29.55 -1.22 35.33
CA VAL D 394 -30.55 -0.51 34.54
C VAL D 394 -30.02 -0.31 33.12
N GLU D 395 -28.89 0.39 32.98
CA GLU D 395 -28.33 0.62 31.64
C GLU D 395 -26.81 0.71 31.65
N PRO D 396 -26.12 0.04 30.72
CA PRO D 396 -24.67 0.28 30.57
C PRO D 396 -24.30 1.64 29.99
N GLU D 397 -25.24 2.35 29.35
CA GLU D 397 -24.94 3.55 28.58
C GLU D 397 -24.99 4.83 29.40
N TYR D 398 -24.87 4.75 30.73
CA TYR D 398 -24.73 5.98 31.52
C TYR D 398 -23.31 6.54 31.39
N GLU D 399 -22.33 5.68 31.16
CA GLU D 399 -20.99 6.16 30.81
C GLU D 399 -20.95 6.70 29.38
N LEU D 400 -21.78 6.15 28.50
CA LEU D 400 -21.84 6.64 27.12
C LEU D 400 -22.60 7.96 27.03
N ASN D 401 -23.55 8.19 27.93
CA ASN D 401 -24.29 9.45 27.92
C ASN D 401 -23.46 10.60 28.48
N GLY D 402 -22.59 10.32 29.44
CA GLY D 402 -21.78 11.37 30.04
C GLY D 402 -21.97 11.51 31.53
N GLY D 403 -22.32 10.41 32.20
CA GLY D 403 -22.44 10.44 33.65
C GLY D 403 -21.17 10.01 34.35
N PHE D 404 -21.01 10.44 35.59
CA PHE D 404 -19.82 10.16 36.37
C PHE D 404 -20.16 10.19 37.85
N LEU D 405 -19.58 9.26 38.60
CA LEU D 405 -19.70 9.19 40.06
C LEU D 405 -18.41 9.71 40.68
N LEU D 406 -18.52 10.71 41.54
CA LEU D 406 -17.35 11.36 42.14
C LEU D 406 -17.42 11.22 43.66
N GLU D 407 -16.50 10.45 44.23
CA GLU D 407 -16.35 10.37 45.68
C GLU D 407 -15.68 11.63 46.18
N VAL D 408 -16.39 12.40 47.01
CA VAL D 408 -15.77 13.53 47.69
C VAL D 408 -14.83 13.05 48.78
N GLY D 409 -15.25 12.05 49.54
CA GLY D 409 -14.47 11.57 50.67
C GLY D 409 -14.82 12.24 51.98
N GLY D 410 -15.93 12.97 52.03
CA GLY D 410 -16.34 13.68 53.22
C GLY D 410 -17.45 14.64 52.88
N THR D 411 -17.86 15.41 53.88
CA THR D 411 -18.93 16.39 53.68
C THR D 411 -18.38 17.79 53.38
N TYR D 412 -17.48 17.89 52.39
CA TYR D 412 -16.93 19.17 51.96
C TYR D 412 -17.29 19.35 50.49
N PHE D 413 -18.46 19.89 50.24
CA PHE D 413 -18.99 20.03 48.89
C PHE D 413 -18.73 21.40 48.29
N ASN D 414 -18.34 22.38 49.10
CA ASN D 414 -18.15 23.75 48.61
C ASN D 414 -16.83 23.93 47.88
N HIS D 415 -15.85 23.06 48.11
CA HIS D 415 -14.56 23.18 47.45
C HIS D 415 -14.57 22.64 46.03
N TYR D 416 -15.58 21.87 45.65
CA TYR D 416 -15.71 21.39 44.29
C TYR D 416 -16.61 22.29 43.45
N VAL D 417 -17.72 22.77 44.02
CA VAL D 417 -18.69 23.55 43.25
C VAL D 417 -18.24 24.97 42.96
N CYS D 418 -17.21 25.49 43.66
CA CYS D 418 -16.60 26.75 43.26
C CYS D 418 -15.77 26.59 41.98
N THR D 419 -15.27 25.40 41.71
CA THR D 419 -14.62 25.15 40.42
C THR D 419 -15.64 24.78 39.35
N LEU D 420 -16.65 23.97 39.70
CA LEU D 420 -17.69 23.60 38.74
C LEU D 420 -18.69 24.72 38.41
N ASN D 421 -18.72 25.81 39.19
CA ASN D 421 -19.46 26.99 38.77
C ASN D 421 -18.73 27.72 37.66
N ASP D 422 -17.39 27.75 37.72
CA ASP D 422 -16.60 28.38 36.68
C ASP D 422 -16.53 27.52 35.42
N LEU D 423 -16.52 26.20 35.60
CA LEU D 423 -16.60 25.29 34.44
C LEU D 423 -17.99 25.23 33.84
N GLY D 424 -19.03 25.42 34.66
CA GLY D 424 -20.38 25.21 34.17
C GLY D 424 -20.82 23.77 34.16
N ILE D 425 -20.09 22.88 34.81
CA ILE D 425 -20.47 21.47 34.92
C ILE D 425 -21.62 21.37 35.92
N THR D 426 -22.70 20.70 35.52
CA THR D 426 -23.91 20.57 36.33
C THR D 426 -23.66 19.60 37.48
N HIS D 427 -23.47 20.13 38.67
CA HIS D 427 -23.22 19.31 39.84
C HIS D 427 -24.53 18.75 40.40
N ILE D 428 -24.50 17.49 40.82
CA ILE D 428 -25.59 16.87 41.56
C ILE D 428 -25.02 16.45 42.91
N ILE D 429 -25.68 16.85 43.99
CA ILE D 429 -25.14 16.70 45.35
C ILE D 429 -26.14 15.92 46.19
N LYS D 430 -25.68 14.83 46.80
CA LYS D 430 -26.46 14.08 47.78
C LYS D 430 -25.81 14.23 49.15
N THR D 431 -26.59 14.72 50.11
CA THR D 431 -26.12 14.96 51.48
C THR D 431 -27.02 14.25 52.49
N ASP D 432 -26.45 14.00 53.66
CA ASP D 432 -27.18 13.43 54.79
C ASP D 432 -27.00 14.37 55.98
N ASN D 433 -28.10 14.70 56.65
CA ASN D 433 -28.02 15.60 57.79
C ASN D 433 -27.71 14.85 59.10
N ASP D 434 -26.98 15.53 59.98
CA ASP D 434 -26.50 14.93 61.23
C ASP D 434 -26.73 15.92 62.36
N LEU D 435 -26.21 15.58 63.55
CA LEU D 435 -26.37 16.38 64.75
C LEU D 435 -25.02 16.55 65.43
N LYS D 436 -24.88 17.66 66.16
CA LYS D 436 -23.64 17.96 66.87
C LYS D 436 -23.96 18.78 68.11
N SER D 437 -23.38 18.39 69.24
CA SER D 437 -23.45 19.22 70.44
C SER D 437 -22.56 20.45 70.28
N LYS D 438 -22.98 21.55 70.88
CA LYS D 438 -22.20 22.78 70.81
C LYS D 438 -21.01 22.71 71.77
N LYS D 439 -20.01 23.54 71.50
CA LYS D 439 -18.76 23.52 72.26
C LYS D 439 -18.92 24.19 73.62
N GLY D 440 -19.22 25.49 73.62
CA GLY D 440 -19.38 26.22 74.85
C GLY D 440 -20.77 26.20 75.44
N LYS D 441 -21.73 25.61 74.73
CA LYS D 441 -23.11 25.51 75.19
C LYS D 441 -23.47 24.03 75.35
N LYS D 442 -24.04 23.68 76.49
CA LYS D 442 -24.42 22.32 76.81
C LYS D 442 -25.93 22.23 76.94
N GLY D 443 -26.53 21.29 76.21
CA GLY D 443 -27.96 21.08 76.22
C GLY D 443 -28.66 21.46 74.93
N VAL D 444 -28.02 22.26 74.08
CA VAL D 444 -28.58 22.67 72.80
C VAL D 444 -27.67 22.10 71.71
N TYR D 445 -28.29 21.63 70.62
CA TYR D 445 -27.57 20.94 69.55
C TYR D 445 -27.50 21.82 68.31
N GLU D 446 -26.36 21.75 67.62
CA GLU D 446 -26.11 22.51 66.40
C GLU D 446 -26.24 21.58 65.20
N LEU D 447 -27.05 21.99 64.22
CA LEU D 447 -27.30 21.19 63.03
C LEU D 447 -26.09 21.22 62.10
N LEU D 448 -25.78 20.07 61.49
CA LEU D 448 -24.62 19.97 60.60
C LEU D 448 -25.02 19.99 59.13
N GLY D 449 -25.93 19.08 58.74
CA GLY D 449 -26.24 18.90 57.34
C GLY D 449 -27.07 19.99 56.71
N LEU D 450 -28.04 20.52 57.47
CA LEU D 450 -28.84 21.65 56.99
C LEU D 450 -28.01 22.93 56.94
N ASN D 451 -27.09 23.10 57.90
CA ASN D 451 -26.18 24.24 57.91
C ASN D 451 -25.13 24.16 56.81
N ARG D 452 -24.67 22.95 56.45
CA ARG D 452 -23.74 22.83 55.33
C ARG D 452 -24.45 22.82 53.99
N CYS D 453 -25.77 22.59 53.97
CA CYS D 453 -26.55 22.86 52.76
C CYS D 453 -26.89 24.33 52.62
N LEU D 454 -26.89 25.08 53.73
CA LEU D 454 -27.12 26.53 53.68
C LEU D 454 -25.94 27.28 53.06
N ASN D 455 -24.71 26.82 53.26
CA ASN D 455 -23.54 27.53 52.77
C ASN D 455 -23.30 27.34 51.27
N LEU D 456 -23.94 26.35 50.65
CA LEU D 456 -23.79 26.15 49.22
C LEU D 456 -24.60 27.16 48.43
N LEU D 457 -25.70 27.66 49.01
CA LEU D 457 -26.48 28.73 48.41
C LEU D 457 -26.14 30.10 48.99
N GLY D 458 -25.36 30.15 50.07
CA GLY D 458 -24.95 31.42 50.64
C GLY D 458 -26.01 32.14 51.43
N ARG D 459 -26.93 31.41 52.06
CA ARG D 459 -28.02 32.02 52.80
C ARG D 459 -27.61 32.27 54.26
N GLU D 460 -28.51 32.91 55.00
CA GLU D 460 -28.33 33.10 56.43
C GLU D 460 -28.57 31.79 57.17
N ASN D 461 -27.68 31.48 58.11
CA ASN D 461 -27.76 30.23 58.86
C ASN D 461 -28.90 30.27 59.87
N LEU D 462 -29.57 29.13 60.02
CA LEU D 462 -30.71 29.03 60.93
C LEU D 462 -30.24 28.87 62.37
N ASP D 463 -31.19 28.96 63.29
CA ASP D 463 -30.90 28.97 64.71
C ASP D 463 -30.65 27.55 65.23
N GLU D 464 -30.29 27.46 66.51
CA GLU D 464 -29.98 26.20 67.15
C GLU D 464 -31.20 25.65 67.87
N ILE D 465 -31.31 24.33 67.91
CA ILE D 465 -32.47 23.62 68.42
C ILE D 465 -32.07 22.88 69.68
N THR D 466 -32.82 23.12 70.77
CA THR D 466 -32.54 22.49 72.06
C THR D 466 -32.96 21.02 72.03
N ILE D 467 -31.97 20.12 72.06
CA ILE D 467 -32.20 18.68 72.04
C ILE D 467 -31.72 18.13 73.38
N ASP D 468 -32.63 17.50 74.12
CA ASP D 468 -32.34 16.99 75.46
C ASP D 468 -32.19 15.47 75.41
N ILE D 469 -31.10 14.98 75.99
CA ILE D 469 -30.83 13.55 76.11
C ILE D 469 -30.63 13.26 77.60
N PRO D 470 -31.45 12.41 78.21
CA PRO D 470 -31.17 11.98 79.59
C PRO D 470 -29.97 11.03 79.65
N GLU D 471 -29.24 11.11 80.76
CA GLU D 471 -27.97 10.40 80.88
C GLU D 471 -28.14 8.93 81.24
N ASP D 472 -29.31 8.53 81.73
CA ASP D 472 -29.48 7.14 82.16
C ASP D 472 -29.72 6.18 80.99
N ILE D 473 -30.11 6.69 79.83
CA ILE D 473 -30.37 5.86 78.66
C ILE D 473 -29.26 6.11 77.65
N LYS D 474 -28.44 5.08 77.41
CA LYS D 474 -27.36 5.16 76.44
C LYS D 474 -27.44 3.99 75.47
N GLY D 475 -26.43 3.84 74.62
CA GLY D 475 -26.35 2.70 73.72
C GLY D 475 -27.10 2.97 72.44
N LYS D 476 -27.94 2.00 72.03
CA LYS D 476 -28.67 2.13 70.77
C LYS D 476 -29.85 3.08 70.90
N LYS D 477 -30.49 3.11 72.07
CA LYS D 477 -31.73 3.85 72.28
C LYS D 477 -31.54 5.36 72.32
N LYS D 478 -30.34 5.84 72.65
CA LYS D 478 -30.01 7.25 72.46
C LYS D 478 -29.97 7.61 70.99
N LYS D 479 -29.36 6.73 70.18
CA LYS D 479 -29.37 6.90 68.72
C LYS D 479 -30.75 6.65 68.12
N GLU D 480 -31.54 5.76 68.73
CA GLU D 480 -32.91 5.53 68.27
C GLU D 480 -33.83 6.72 68.58
N ARG D 481 -33.60 7.42 69.70
CA ARG D 481 -34.35 8.65 69.95
C ARG D 481 -33.83 9.81 69.09
N LEU D 482 -32.52 9.84 68.81
CA LEU D 482 -31.96 10.88 67.95
C LEU D 482 -32.33 10.69 66.48
N ASN D 483 -32.65 9.46 66.06
CA ASN D 483 -33.20 9.24 64.73
C ASN D 483 -34.60 9.83 64.58
N GLU D 484 -35.43 9.72 65.62
CA GLU D 484 -36.74 10.38 65.61
C GLU D 484 -36.61 11.90 65.78
N ARG D 485 -35.57 12.36 66.48
CA ARG D 485 -35.25 13.79 66.52
C ARG D 485 -34.77 14.30 65.16
N LYS D 486 -34.16 13.44 64.35
CA LYS D 486 -33.80 13.81 62.98
C LYS D 486 -35.02 13.99 62.08
N LYS D 487 -36.13 13.27 62.34
CA LYS D 487 -37.36 13.61 61.64
C LYS D 487 -38.03 14.84 62.24
N GLU D 488 -37.91 15.04 63.56
CA GLU D 488 -38.54 16.19 64.21
C GLU D 488 -37.81 17.51 63.93
N ILE D 489 -36.54 17.48 63.49
CA ILE D 489 -35.91 18.67 62.93
C ILE D 489 -36.10 18.77 61.43
N PHE D 490 -36.73 17.78 60.80
CA PHE D 490 -36.97 17.80 59.36
C PHE D 490 -38.40 18.21 59.02
N LYS D 491 -39.35 18.01 59.95
CA LYS D 491 -40.76 18.26 59.69
C LYS D 491 -41.11 19.74 59.60
N GLN D 492 -40.58 20.56 60.52
CA GLN D 492 -40.87 22.00 60.47
C GLN D 492 -39.84 22.78 59.67
N TYR D 493 -38.85 22.11 59.07
CA TYR D 493 -37.90 22.74 58.17
C TYR D 493 -38.03 22.21 56.75
N LYS D 494 -39.24 21.77 56.38
CA LYS D 494 -39.49 21.27 55.02
C LYS D 494 -39.53 22.41 54.00
N ASN D 495 -39.89 23.62 54.45
CA ASN D 495 -39.86 24.81 53.59
C ASN D 495 -38.43 25.24 53.26
N GLU D 496 -37.46 24.89 54.11
CA GLU D 496 -36.05 25.08 53.77
C GLU D 496 -35.61 24.09 52.69
N VAL D 497 -36.15 22.86 52.70
CA VAL D 497 -35.84 21.85 51.69
C VAL D 497 -36.57 22.15 50.37
N GLY D 498 -37.65 22.96 50.43
CA GLY D 498 -38.43 23.39 49.28
C GLY D 498 -37.70 24.23 48.24
N GLU D 499 -36.60 24.90 48.60
CA GLU D 499 -35.69 25.46 47.62
C GLU D 499 -34.34 24.74 47.58
N PHE D 500 -34.10 23.78 48.47
CA PHE D 500 -32.90 22.96 48.38
C PHE D 500 -33.03 21.96 47.24
N LEU D 501 -34.11 21.18 47.25
CA LEU D 501 -34.35 20.18 46.20
C LEU D 501 -34.79 20.81 44.90
N GLY D 502 -35.32 22.03 44.93
CA GLY D 502 -35.51 22.81 43.72
C GLY D 502 -34.21 23.30 43.10
N GLU D 503 -33.16 23.44 43.93
CA GLU D 503 -31.80 23.62 43.46
C GLU D 503 -31.16 22.23 43.33
N ARG D 504 -29.85 22.17 43.15
CA ARG D 504 -29.19 20.90 42.85
C ARG D 504 -28.59 20.22 44.07
N ILE D 505 -29.19 20.37 45.26
CA ILE D 505 -28.73 19.68 46.45
C ILE D 505 -29.88 18.83 47.02
N TYR D 506 -29.58 17.57 47.32
CA TYR D 506 -30.59 16.63 47.79
C TYR D 506 -30.21 16.13 49.18
N LEU D 507 -31.18 16.12 50.09
CA LEU D 507 -30.96 15.79 51.48
C LEU D 507 -31.83 14.60 51.89
N SER D 508 -31.22 13.66 52.61
CA SER D 508 -31.92 12.52 53.18
C SER D 508 -32.44 12.89 54.57
N GLU D 509 -32.95 11.90 55.30
CA GLU D 509 -33.54 12.19 56.61
C GLU D 509 -32.70 11.70 57.78
N ILE D 510 -32.04 10.53 57.67
CA ILE D 510 -31.08 10.10 58.70
C ILE D 510 -29.75 9.84 58.01
N ASP D 511 -29.74 8.86 57.10
CA ASP D 511 -28.56 8.46 56.34
C ASP D 511 -29.05 7.75 55.08
N LEU D 512 -28.12 7.20 54.30
CA LEU D 512 -28.53 6.42 53.15
C LEU D 512 -29.00 5.02 53.55
N GLU D 513 -28.55 4.52 54.70
CA GLU D 513 -28.91 3.17 55.15
C GLU D 513 -30.33 3.06 55.69
N ASN D 514 -31.03 4.18 55.92
CA ASN D 514 -32.43 4.11 56.33
C ASN D 514 -33.42 4.33 55.20
N ASP D 515 -33.13 5.20 54.22
CA ASP D 515 -34.01 5.24 53.05
C ASP D 515 -33.67 4.17 52.01
N LEU D 516 -32.54 3.47 52.18
CA LEU D 516 -32.39 2.16 51.55
C LEU D 516 -33.36 1.16 52.17
N TYR D 517 -33.53 1.21 53.49
CA TYR D 517 -34.41 0.29 54.21
C TYR D 517 -35.89 0.62 53.99
N SER D 518 -36.21 1.88 53.70
CA SER D 518 -37.61 2.24 53.45
C SER D 518 -38.13 1.81 52.08
N ALA D 519 -37.25 1.38 51.16
CA ALA D 519 -37.67 0.93 49.84
C ALA D 519 -37.52 -0.56 49.64
N ILE D 520 -36.33 -1.11 49.87
CA ILE D 520 -36.07 -2.53 49.60
C ILE D 520 -35.83 -3.32 50.90
N GLY D 521 -36.41 -2.86 52.01
CA GLY D 521 -36.19 -3.49 53.30
C GLY D 521 -36.92 -4.81 53.50
N GLU D 522 -37.89 -5.13 52.64
CA GLU D 522 -38.48 -6.45 52.64
C GLU D 522 -37.59 -7.49 51.94
N SER D 523 -36.62 -7.04 51.15
CA SER D 523 -35.66 -7.93 50.51
C SER D 523 -34.32 -8.00 51.23
N MET D 524 -34.06 -7.08 52.17
CA MET D 524 -32.82 -7.11 52.94
C MET D 524 -32.86 -8.11 54.08
N LYS D 525 -34.04 -8.58 54.46
CA LYS D 525 -34.16 -9.53 55.57
C LYS D 525 -33.75 -10.94 55.18
N ARG D 526 -34.01 -11.34 53.94
CA ARG D 526 -33.65 -12.68 53.49
C ARG D 526 -32.16 -12.82 53.20
N ILE D 527 -31.46 -11.72 52.93
CA ILE D 527 -30.02 -11.78 52.68
C ILE D 527 -29.26 -11.87 53.99
N PHE D 528 -29.54 -10.96 54.92
CA PHE D 528 -28.79 -10.88 56.17
C PHE D 528 -29.20 -11.95 57.19
N GLU D 529 -30.41 -12.51 57.04
CA GLU D 529 -31.07 -13.47 57.97
C GLU D 529 -31.13 -12.92 59.39
N ASN D 530 -31.48 -11.64 59.52
CA ASN D 530 -31.51 -10.95 60.80
C ASN D 530 -32.86 -10.24 60.88
N GLU D 531 -33.27 -9.96 62.12
CA GLU D 531 -34.55 -9.29 62.36
C GLU D 531 -34.49 -7.82 61.97
N ASP D 532 -33.42 -7.13 62.35
CA ASP D 532 -33.25 -5.72 62.00
C ASP D 532 -32.00 -5.57 61.12
N PRO D 533 -32.16 -5.31 59.82
CA PRO D 533 -30.97 -5.14 58.96
C PRO D 533 -30.26 -3.81 59.13
N VAL D 534 -30.92 -2.81 59.72
CA VAL D 534 -30.27 -1.53 60.00
C VAL D 534 -29.26 -1.67 61.14
N HIS D 535 -29.56 -2.55 62.10
CA HIS D 535 -28.65 -2.86 63.20
C HIS D 535 -27.43 -3.64 62.70
N TYR D 536 -27.61 -4.51 61.71
CA TYR D 536 -26.51 -5.27 61.15
C TYR D 536 -25.63 -4.46 60.21
N LEU D 537 -26.13 -3.34 59.68
CA LEU D 537 -25.41 -2.55 58.68
C LEU D 537 -24.71 -1.33 59.26
N GLN D 538 -25.22 -0.77 60.36
CA GLN D 538 -24.58 0.39 60.97
C GLN D 538 -23.33 0.05 61.77
N LYS D 539 -23.13 -1.22 62.11
CA LYS D 539 -21.91 -1.62 62.80
C LYS D 539 -20.74 -1.70 61.82
N SER D 540 -20.84 -2.58 60.84
CA SER D 540 -19.87 -2.68 59.75
C SER D 540 -20.54 -2.07 58.52
N LYS D 541 -20.12 -0.87 58.14
CA LYS D 541 -20.80 -0.14 57.09
C LYS D 541 -20.38 -0.65 55.71
N LEU D 542 -19.10 -0.54 55.37
CA LEU D 542 -18.62 -0.93 54.04
C LEU D 542 -18.50 -2.44 53.88
N PHE D 543 -18.46 -3.20 54.98
CA PHE D 543 -18.28 -4.65 54.91
C PHE D 543 -19.55 -5.35 54.46
N ASN D 544 -20.71 -4.86 54.88
CA ASN D 544 -21.98 -5.50 54.55
C ASN D 544 -22.65 -4.91 53.33
N MET D 545 -22.08 -3.86 52.72
CA MET D 545 -22.56 -3.41 51.41
C MET D 545 -22.05 -4.31 50.29
N VAL D 546 -20.97 -5.04 50.55
CA VAL D 546 -20.50 -6.10 49.66
C VAL D 546 -21.48 -7.28 49.69
N GLU D 547 -22.14 -7.50 50.84
CA GLU D 547 -23.11 -8.58 51.00
C GLU D 547 -24.41 -8.31 50.22
N LEU D 548 -24.71 -7.05 49.91
CA LEU D 548 -25.83 -6.77 49.01
C LEU D 548 -25.48 -6.93 47.54
N VAL D 549 -24.20 -7.08 47.19
CA VAL D 549 -23.82 -7.11 45.79
C VAL D 549 -24.03 -8.51 45.19
N ASN D 550 -23.55 -9.56 45.88
CA ASN D 550 -23.47 -10.89 45.30
C ASN D 550 -24.81 -11.63 45.23
N ASN D 551 -25.86 -11.13 45.85
CA ASN D 551 -27.19 -11.73 45.68
C ASN D 551 -28.27 -10.66 45.44
N LEU D 552 -28.42 -10.27 44.19
CA LEU D 552 -29.54 -9.44 43.75
C LEU D 552 -30.00 -9.91 42.38
N SER D 553 -31.27 -9.64 42.08
CA SER D 553 -31.84 -9.97 40.79
C SER D 553 -32.01 -8.72 39.94
N THR D 554 -32.26 -8.95 38.64
CA THR D 554 -32.54 -7.85 37.73
C THR D 554 -33.93 -7.27 37.96
N LYS D 555 -34.89 -8.13 38.36
CA LYS D 555 -36.22 -7.65 38.74
C LYS D 555 -36.19 -6.92 40.08
N ASP D 556 -35.26 -7.30 40.96
CA ASP D 556 -35.08 -6.61 42.22
C ASP D 556 -34.42 -5.25 42.01
N CYS D 557 -34.69 -4.35 42.96
CA CYS D 557 -34.14 -2.98 43.09
C CYS D 557 -34.48 -2.08 41.90
N PHE D 558 -35.63 -2.30 41.25
CA PHE D 558 -36.20 -1.32 40.35
C PHE D 558 -37.18 -0.38 41.04
N ASP D 559 -37.70 -0.76 42.21
CA ASP D 559 -38.55 0.13 42.97
C ASP D 559 -37.75 1.24 43.65
N VAL D 560 -36.48 0.98 43.96
CA VAL D 560 -35.61 2.00 44.52
C VAL D 560 -35.03 2.89 43.41
N PHE D 561 -35.08 2.41 42.16
CA PHE D 561 -34.68 3.21 41.00
C PHE D 561 -35.68 4.30 40.70
N GLU D 562 -36.98 3.97 40.76
CA GLU D 562 -38.04 4.91 40.49
C GLU D 562 -38.58 5.60 41.75
N HIS D 563 -37.91 5.42 42.88
CA HIS D 563 -38.32 6.06 44.12
C HIS D 563 -37.97 7.55 44.11
N GLU D 564 -38.73 8.33 44.87
CA GLU D 564 -38.52 9.77 44.90
C GLU D 564 -37.36 10.19 45.79
N LYS D 565 -36.86 9.29 46.65
CA LYS D 565 -35.74 9.61 47.53
C LYS D 565 -34.39 9.36 46.86
N PHE D 566 -34.38 8.88 45.62
CA PHE D 566 -33.14 8.66 44.87
C PHE D 566 -33.25 9.31 43.49
N ALA D 567 -33.67 10.58 43.47
CA ALA D 567 -33.81 11.33 42.23
C ALA D 567 -32.49 11.88 41.68
N CYS D 568 -31.39 11.77 42.45
CA CYS D 568 -30.07 12.13 41.97
C CYS D 568 -29.60 11.19 40.87
N LEU D 569 -29.90 9.90 41.01
CA LEU D 569 -29.54 8.94 39.98
C LEU D 569 -30.48 9.00 38.78
N LYS D 570 -31.70 9.55 38.97
CA LYS D 570 -32.53 9.93 37.82
C LYS D 570 -31.95 11.15 37.11
N GLU D 571 -31.43 12.12 37.86
CA GLU D 571 -30.90 13.35 37.29
C GLU D 571 -29.54 13.14 36.63
N LEU D 572 -28.82 12.08 37.01
CA LEU D 572 -27.58 11.73 36.33
C LEU D 572 -27.83 11.25 34.90
N VAL D 573 -28.78 10.33 34.72
CA VAL D 573 -28.95 9.69 33.43
C VAL D 573 -29.76 10.54 32.46
N GLY D 574 -30.53 11.51 32.95
CA GLY D 574 -31.30 12.37 32.09
C GLY D 574 -32.54 11.75 31.49
N SER D 575 -33.02 10.64 32.05
CA SER D 575 -34.20 9.96 31.51
C SER D 575 -35.07 9.40 32.64
CA CA I . 23.94 -7.89 -55.91
CA CA J . -2.35 -11.14 -60.64
CA CA K . 2.42 9.42 60.53
CA CA L . -24.05 9.54 55.57
#